data_2B3G
# 
_entry.id   2B3G 
# 
_audit_conform.dict_name       mmcif_pdbx.dic 
_audit_conform.dict_version    5.376 
_audit_conform.dict_location   http://mmcif.pdb.org/dictionaries/ascii/mmcif_pdbx.dic 
# 
loop_
_database_2.database_id 
_database_2.database_code 
_database_2.pdbx_database_accession 
_database_2.pdbx_DOI 
PDB   2B3G         pdb_00002b3g 10.2210/pdb2b3g/pdb 
RCSB  RCSB034627   ?            ?                   
WWPDB D_1000034627 ?            ?                   
# 
_pdbx_database_related.db_name        PDB 
_pdbx_database_related.db_id          2B29 
_pdbx_database_related.details        'RPA70N without p53N' 
_pdbx_database_related.content_type   unspecified 
# 
_pdbx_database_status.status_code                     REL 
_pdbx_database_status.entry_id                        2B3G 
_pdbx_database_status.recvd_initial_deposition_date   2005-09-20 
_pdbx_database_status.deposit_site                    RCSB 
_pdbx_database_status.process_site                    RCSB 
_pdbx_database_status.status_code_sf                  REL 
_pdbx_database_status.status_code_mr                  ? 
_pdbx_database_status.SG_entry                        ? 
_pdbx_database_status.pdb_format_compatible           Y 
_pdbx_database_status.status_code_cs                  ? 
_pdbx_database_status.status_code_nmr_data            ? 
_pdbx_database_status.methods_development_category    ? 
# 
loop_
_audit_author.name 
_audit_author.pdbx_ordinal 
'Bochkareva, E.'    1  
'Kaustov, L.'       2  
'Ayed, A.'          3  
'Yi, G.S.'          4  
'Lu, Y.'            5  
'Pineda-Lucena, A.' 6  
'Liao, J.C.'        7  
'Okorokov, A.L.'    8  
'Milner, J.'        9  
'Arrowsmith, C.H.'  10 
'Bochkarev, A.'     11 
# 
_citation.id                        primary 
_citation.title                     
'Single-stranded DNA mimicry in the p53 transactivation domain interaction with replication protein A.' 
_citation.journal_abbrev            Proc.Natl.Acad.Sci.Usa 
_citation.journal_volume            102 
_citation.page_first                15412 
_citation.page_last                 15417 
_citation.year                      2005 
_citation.journal_id_ASTM           PNASA6 
_citation.country                   US 
_citation.journal_id_ISSN           0027-8424 
_citation.journal_id_CSD            0040 
_citation.book_publisher            ? 
_citation.pdbx_database_id_PubMed   16234232 
_citation.pdbx_database_id_DOI      10.1073/pnas.0504614102 
# 
loop_
_citation_author.citation_id 
_citation_author.name 
_citation_author.ordinal 
_citation_author.identifier_ORCID 
primary 'Bochkareva, E.'    1  ? 
primary 'Kaustov, L.'       2  ? 
primary 'Ayed, A.'          3  ? 
primary 'Yi, G.S.'          4  ? 
primary 'Lu, Y.'            5  ? 
primary 'Pineda-Lucena, A.' 6  ? 
primary 'Liao, J.C.'        7  ? 
primary 'Okorokov, A.L.'    8  ? 
primary 'Milner, J.'        9  ? 
primary 'Arrowsmith, C.H.'  10 ? 
primary 'Bochkarev, A.'     11 ? 
# 
_cell.entry_id           2B3G 
_cell.length_a           49.460 
_cell.length_b           50.380 
_cell.length_c           52.320 
_cell.angle_alpha        90.00 
_cell.angle_beta         90.00 
_cell.angle_gamma        90.00 
_cell.Z_PDB              4 
_cell.pdbx_unique_axis   ? 
# 
_symmetry.entry_id                         2B3G 
_symmetry.space_group_name_H-M             'P 21 21 21' 
_symmetry.pdbx_full_space_group_name_H-M   ? 
_symmetry.cell_setting                     ? 
_symmetry.Int_Tables_number                19 
_symmetry.space_group_name_Hall            ? 
# 
loop_
_entity.id 
_entity.type 
_entity.src_method 
_entity.pdbx_description 
_entity.formula_weight 
_entity.pdbx_number_of_molecules 
_entity.pdbx_ec 
_entity.pdbx_mutation 
_entity.pdbx_fragment 
_entity.details 
1 polymer man 'Replication protein A 70 kDa DNA-binding subunit' 13469.647 1   ? ? 'N-terminal domain (Residues 1-120)' ? 
2 polymer man 'Cellular tumor antigen p53'                       3132.386  1   ? ? 'residues 33-60'                     ? 
3 water   nat water                                              18.015    129 ? ? ?                                    ? 
# 
loop_
_entity_name_com.entity_id 
_entity_name_com.name 
1 'RP-A, RF-A, Replication factor-A protein 1, Single-stranded DNA-binding protein' 
2 'Tumor suppressor p53, Phosphoprotein p53, Antigen NY-CO-13'                      
# 
loop_
_entity_poly.entity_id 
_entity_poly.type 
_entity_poly.nstd_linkage 
_entity_poly.nstd_monomer 
_entity_poly.pdbx_seq_one_letter_code 
_entity_poly.pdbx_seq_one_letter_code_can 
_entity_poly.pdbx_strand_id 
_entity_poly.pdbx_target_identifier 
1 'polypeptide(L)' no no 
;GSHMVGQLSEGAIAAIMQKGDTNIKPILQVINIRPITTGNSPPRYRLLMSDGLNTLSSFMLATQLNPLVEEEQLSSNCVC
QIHRFIVNTLKDGRRVVILMELEVLKSAEAVGVKIGNPVPYNE
;
;GSHMVGQLSEGAIAAIMQKGDTNIKPILQVINIRPITTGNSPPRYRLLMSDGLNTLSSFMLATQLNPLVEEEQLSSNCVC
QIHRFIVNTLKDGRRVVILMELEVLKSAEAVGVKIGNPVPYNE
;
A ? 
2 'polypeptide(L)' no no SPLPSQAMDDLMLSPDDIEQWFTEDPGP SPLPSQAMDDLMLSPDDIEQWFTEDPGP B ? 
# 
loop_
_entity_poly_seq.entity_id 
_entity_poly_seq.num 
_entity_poly_seq.mon_id 
_entity_poly_seq.hetero 
1 1   GLY n 
1 2   SER n 
1 3   HIS n 
1 4   MET n 
1 5   VAL n 
1 6   GLY n 
1 7   GLN n 
1 8   LEU n 
1 9   SER n 
1 10  GLU n 
1 11  GLY n 
1 12  ALA n 
1 13  ILE n 
1 14  ALA n 
1 15  ALA n 
1 16  ILE n 
1 17  MET n 
1 18  GLN n 
1 19  LYS n 
1 20  GLY n 
1 21  ASP n 
1 22  THR n 
1 23  ASN n 
1 24  ILE n 
1 25  LYS n 
1 26  PRO n 
1 27  ILE n 
1 28  LEU n 
1 29  GLN n 
1 30  VAL n 
1 31  ILE n 
1 32  ASN n 
1 33  ILE n 
1 34  ARG n 
1 35  PRO n 
1 36  ILE n 
1 37  THR n 
1 38  THR n 
1 39  GLY n 
1 40  ASN n 
1 41  SER n 
1 42  PRO n 
1 43  PRO n 
1 44  ARG n 
1 45  TYR n 
1 46  ARG n 
1 47  LEU n 
1 48  LEU n 
1 49  MET n 
1 50  SER n 
1 51  ASP n 
1 52  GLY n 
1 53  LEU n 
1 54  ASN n 
1 55  THR n 
1 56  LEU n 
1 57  SER n 
1 58  SER n 
1 59  PHE n 
1 60  MET n 
1 61  LEU n 
1 62  ALA n 
1 63  THR n 
1 64  GLN n 
1 65  LEU n 
1 66  ASN n 
1 67  PRO n 
1 68  LEU n 
1 69  VAL n 
1 70  GLU n 
1 71  GLU n 
1 72  GLU n 
1 73  GLN n 
1 74  LEU n 
1 75  SER n 
1 76  SER n 
1 77  ASN n 
1 78  CYS n 
1 79  VAL n 
1 80  CYS n 
1 81  GLN n 
1 82  ILE n 
1 83  HIS n 
1 84  ARG n 
1 85  PHE n 
1 86  ILE n 
1 87  VAL n 
1 88  ASN n 
1 89  THR n 
1 90  LEU n 
1 91  LYS n 
1 92  ASP n 
1 93  GLY n 
1 94  ARG n 
1 95  ARG n 
1 96  VAL n 
1 97  VAL n 
1 98  ILE n 
1 99  LEU n 
1 100 MET n 
1 101 GLU n 
1 102 LEU n 
1 103 GLU n 
1 104 VAL n 
1 105 LEU n 
1 106 LYS n 
1 107 SER n 
1 108 ALA n 
1 109 GLU n 
1 110 ALA n 
1 111 VAL n 
1 112 GLY n 
1 113 VAL n 
1 114 LYS n 
1 115 ILE n 
1 116 GLY n 
1 117 ASN n 
1 118 PRO n 
1 119 VAL n 
1 120 PRO n 
1 121 TYR n 
1 122 ASN n 
1 123 GLU n 
2 1   SER n 
2 2   PRO n 
2 3   LEU n 
2 4   PRO n 
2 5   SER n 
2 6   GLN n 
2 7   ALA n 
2 8   MET n 
2 9   ASP n 
2 10  ASP n 
2 11  LEU n 
2 12  MET n 
2 13  LEU n 
2 14  SER n 
2 15  PRO n 
2 16  ASP n 
2 17  ASP n 
2 18  ILE n 
2 19  GLU n 
2 20  GLN n 
2 21  TRP n 
2 22  PHE n 
2 23  THR n 
2 24  GLU n 
2 25  ASP n 
2 26  PRO n 
2 27  GLY n 
2 28  PRO n 
# 
loop_
_entity_src_gen.entity_id 
_entity_src_gen.pdbx_src_id 
_entity_src_gen.pdbx_alt_source_flag 
_entity_src_gen.pdbx_seq_type 
_entity_src_gen.pdbx_beg_seq_num 
_entity_src_gen.pdbx_end_seq_num 
_entity_src_gen.gene_src_common_name 
_entity_src_gen.gene_src_genus 
_entity_src_gen.pdbx_gene_src_gene 
_entity_src_gen.gene_src_species 
_entity_src_gen.gene_src_strain 
_entity_src_gen.gene_src_tissue 
_entity_src_gen.gene_src_tissue_fraction 
_entity_src_gen.gene_src_details 
_entity_src_gen.pdbx_gene_src_fragment 
_entity_src_gen.pdbx_gene_src_scientific_name 
_entity_src_gen.pdbx_gene_src_ncbi_taxonomy_id 
_entity_src_gen.pdbx_gene_src_variant 
_entity_src_gen.pdbx_gene_src_cell_line 
_entity_src_gen.pdbx_gene_src_atcc 
_entity_src_gen.pdbx_gene_src_organ 
_entity_src_gen.pdbx_gene_src_organelle 
_entity_src_gen.pdbx_gene_src_cell 
_entity_src_gen.pdbx_gene_src_cellular_location 
_entity_src_gen.host_org_common_name 
_entity_src_gen.pdbx_host_org_scientific_name 
_entity_src_gen.pdbx_host_org_ncbi_taxonomy_id 
_entity_src_gen.host_org_genus 
_entity_src_gen.pdbx_host_org_gene 
_entity_src_gen.pdbx_host_org_organ 
_entity_src_gen.host_org_species 
_entity_src_gen.pdbx_host_org_tissue 
_entity_src_gen.pdbx_host_org_tissue_fraction 
_entity_src_gen.pdbx_host_org_strain 
_entity_src_gen.pdbx_host_org_variant 
_entity_src_gen.pdbx_host_org_cell_line 
_entity_src_gen.pdbx_host_org_atcc 
_entity_src_gen.pdbx_host_org_culture_collection 
_entity_src_gen.pdbx_host_org_cell 
_entity_src_gen.pdbx_host_org_organelle 
_entity_src_gen.pdbx_host_org_cellular_location 
_entity_src_gen.pdbx_host_org_vector_type 
_entity_src_gen.pdbx_host_org_vector 
_entity_src_gen.host_org_details 
_entity_src_gen.expression_system_id 
_entity_src_gen.plasmid_name 
_entity_src_gen.plasmid_details 
_entity_src_gen.pdbx_description 
1 1 sample ? ? ? human Homo 'RPA1, REPA1, RPA70' ? ? ? ? ? ? 'Homo sapiens' 9606 ? ? ? ? ? ? ? ? 'Escherichia coli BL21(DE3)' 
469008 Escherichia ? ? 'Escherichia coli' ? ? 'BL21(DE3)' ? ? ? ? ? ? ? plasmid ? ? ? PET15B-RPA70N-p53N ? ? 
2 1 sample ? ? ? human Homo 'TP53, P53'          ? ? ? ? ? ? 'Homo sapiens' 9606 ? ? ? ? ? ? ? ? 'Escherichia coli BL21(DE3)' 
469008 Escherichia ? ? 'Escherichia coli' ? ? 'BL21(DE3)' ? ? ? ? ? ? ? plasmid ? ? ? PET15B-RPA70N-p53N ? ? 
# 
loop_
_struct_ref.id 
_struct_ref.db_name 
_struct_ref.db_code 
_struct_ref.pdbx_db_accession 
_struct_ref.entity_id 
_struct_ref.pdbx_seq_one_letter_code 
_struct_ref.pdbx_align_begin 
_struct_ref.pdbx_db_isoform 
1 UNP RFA1_HUMAN P27694 1 
;MVGQLSEGAIAAIMQKGDTNIKPILQVINIRPITTGNSPPRYRLLMSDGLNTLSSFMLATQLNPLVEEEQLSSNCVCQIH
RFIVNTLKDGRRVVILMELEVLKSAEAVGVKIGNPVPYNE
;
1  ? 
2 UNP P53_HUMAN  P04637 2 SPLPSQAMDDLMLSPDDIEQWFTEDPGP 33 ? 
# 
loop_
_struct_ref_seq.align_id 
_struct_ref_seq.ref_id 
_struct_ref_seq.pdbx_PDB_id_code 
_struct_ref_seq.pdbx_strand_id 
_struct_ref_seq.seq_align_beg 
_struct_ref_seq.pdbx_seq_align_beg_ins_code 
_struct_ref_seq.seq_align_end 
_struct_ref_seq.pdbx_seq_align_end_ins_code 
_struct_ref_seq.pdbx_db_accession 
_struct_ref_seq.db_align_beg 
_struct_ref_seq.pdbx_db_align_beg_ins_code 
_struct_ref_seq.db_align_end 
_struct_ref_seq.pdbx_db_align_end_ins_code 
_struct_ref_seq.pdbx_auth_seq_align_beg 
_struct_ref_seq.pdbx_auth_seq_align_end 
1 1 2B3G A 4 ? 123 ? P27694 1  ? 120 ? 1  120 
2 2 2B3G B 1 ? 28  ? P04637 33 ? 60  ? 33 60  
# 
loop_
_struct_ref_seq_dif.align_id 
_struct_ref_seq_dif.pdbx_pdb_id_code 
_struct_ref_seq_dif.mon_id 
_struct_ref_seq_dif.pdbx_pdb_strand_id 
_struct_ref_seq_dif.seq_num 
_struct_ref_seq_dif.pdbx_pdb_ins_code 
_struct_ref_seq_dif.pdbx_seq_db_name 
_struct_ref_seq_dif.pdbx_seq_db_accession_code 
_struct_ref_seq_dif.db_mon_id 
_struct_ref_seq_dif.pdbx_seq_db_seq_num 
_struct_ref_seq_dif.details 
_struct_ref_seq_dif.pdbx_auth_seq_num 
_struct_ref_seq_dif.pdbx_ordinal 
1 2B3G GLY A 1 ? UNP P27694 ? ? 'cloning artifact' -2 1 
1 2B3G SER A 2 ? UNP P27694 ? ? 'cloning artifact' -1 2 
1 2B3G HIS A 3 ? UNP P27694 ? ? 'cloning artifact' 0  3 
# 
loop_
_chem_comp.id 
_chem_comp.type 
_chem_comp.mon_nstd_flag 
_chem_comp.name 
_chem_comp.pdbx_synonyms 
_chem_comp.formula 
_chem_comp.formula_weight 
ALA 'L-peptide linking' y ALANINE         ? 'C3 H7 N O2'     89.093  
ARG 'L-peptide linking' y ARGININE        ? 'C6 H15 N4 O2 1' 175.209 
ASN 'L-peptide linking' y ASPARAGINE      ? 'C4 H8 N2 O3'    132.118 
ASP 'L-peptide linking' y 'ASPARTIC ACID' ? 'C4 H7 N O4'     133.103 
CYS 'L-peptide linking' y CYSTEINE        ? 'C3 H7 N O2 S'   121.158 
GLN 'L-peptide linking' y GLUTAMINE       ? 'C5 H10 N2 O3'   146.144 
GLU 'L-peptide linking' y 'GLUTAMIC ACID' ? 'C5 H9 N O4'     147.129 
GLY 'peptide linking'   y GLYCINE         ? 'C2 H5 N O2'     75.067  
HIS 'L-peptide linking' y HISTIDINE       ? 'C6 H10 N3 O2 1' 156.162 
HOH non-polymer         . WATER           ? 'H2 O'           18.015  
ILE 'L-peptide linking' y ISOLEUCINE      ? 'C6 H13 N O2'    131.173 
LEU 'L-peptide linking' y LEUCINE         ? 'C6 H13 N O2'    131.173 
LYS 'L-peptide linking' y LYSINE          ? 'C6 H15 N2 O2 1' 147.195 
MET 'L-peptide linking' y METHIONINE      ? 'C5 H11 N O2 S'  149.211 
PHE 'L-peptide linking' y PHENYLALANINE   ? 'C9 H11 N O2'    165.189 
PRO 'L-peptide linking' y PROLINE         ? 'C5 H9 N O2'     115.130 
SER 'L-peptide linking' y SERINE          ? 'C3 H7 N O3'     105.093 
THR 'L-peptide linking' y THREONINE       ? 'C4 H9 N O3'     119.119 
TRP 'L-peptide linking' y TRYPTOPHAN      ? 'C11 H12 N2 O2'  204.225 
TYR 'L-peptide linking' y TYROSINE        ? 'C9 H11 N O3'    181.189 
VAL 'L-peptide linking' y VALINE          ? 'C5 H11 N O2'    117.146 
# 
_exptl.entry_id          2B3G 
_exptl.method            'X-RAY DIFFRACTION' 
_exptl.crystals_number   1 
# 
_exptl_crystal.id                    1 
_exptl_crystal.density_meas          ? 
_exptl_crystal.density_Matthews      1.96 
_exptl_crystal.density_percent_sol   37.30 
_exptl_crystal.description           ? 
_exptl_crystal.F_000                 ? 
_exptl_crystal.preparation           ? 
# 
_exptl_crystal_grow.crystal_id      1 
_exptl_crystal_grow.method          ? 
_exptl_crystal_grow.temp            298 
_exptl_crystal_grow.temp_details    ? 
_exptl_crystal_grow.pH              7.90 
_exptl_crystal_grow.pdbx_details    'Na3 Citrate, Hepes, pH 7.9, VAPOR DIFFUSION, SITTING DROP, temperature 298K, pH 7.90' 
_exptl_crystal_grow.pdbx_pH_range   . 
# 
_diffrn.id                     1 
_diffrn.ambient_temp           ? 
_diffrn.ambient_temp_details   ? 
_diffrn.crystal_id             1 
# 
_diffrn_detector.diffrn_id              1 
_diffrn_detector.detector               'IMAGE PLATE' 
_diffrn_detector.type                   'RIGAKU RAXIS IV' 
_diffrn_detector.pdbx_collection_date   2004-03-10 
_diffrn_detector.details                'RIGAKU/MSC CONFOCAL MULTILYER OPTICS' 
# 
_diffrn_radiation.diffrn_id                        1 
_diffrn_radiation.wavelength_id                    1 
_diffrn_radiation.pdbx_monochromatic_or_laue_m_l   M 
_diffrn_radiation.monochromator                    'RIGAKU/MSC CONFOCAL MULTILYER OPTICS' 
_diffrn_radiation.pdbx_diffrn_protocol             'SINGLE WAVELENGTH' 
_diffrn_radiation.pdbx_scattering_type             x-ray 
# 
_diffrn_radiation_wavelength.id           1 
_diffrn_radiation_wavelength.wavelength   1.5418 
_diffrn_radiation_wavelength.wt           1.0 
# 
_diffrn_source.diffrn_id                   1 
_diffrn_source.source                      'ROTATING ANODE' 
_diffrn_source.type                        'RIGAKU RU300' 
_diffrn_source.pdbx_synchrotron_site       ? 
_diffrn_source.pdbx_synchrotron_beamline   ? 
_diffrn_source.pdbx_wavelength             1.5418 
_diffrn_source.pdbx_wavelength_list        ? 
# 
_reflns.entry_id                     2B3G 
_reflns.observed_criterion_sigma_I   2.000 
_reflns.observed_criterion_sigma_F   ? 
_reflns.d_resolution_low             20.000 
_reflns.d_resolution_high            1.600 
_reflns.number_obs                   17517 
_reflns.number_all                   ? 
_reflns.percent_possible_obs         98.2 
_reflns.pdbx_Rmerge_I_obs            ? 
_reflns.pdbx_Rsym_value              0.046 
_reflns.pdbx_netI_over_sigmaI        32.5000 
_reflns.B_iso_Wilson_estimate        ? 
_reflns.pdbx_redundancy              4.500 
_reflns.R_free_details               ? 
_reflns.limit_h_max                  ? 
_reflns.limit_h_min                  ? 
_reflns.limit_k_max                  ? 
_reflns.limit_k_min                  ? 
_reflns.limit_l_max                  ? 
_reflns.limit_l_min                  ? 
_reflns.observed_criterion_F_max     ? 
_reflns.observed_criterion_F_min     ? 
_reflns.pdbx_chi_squared             ? 
_reflns.pdbx_scaling_rejects         ? 
_reflns.pdbx_diffrn_id               1 
_reflns.pdbx_ordinal                 1 
# 
_reflns_shell.d_res_high             1.60 
_reflns_shell.d_res_low              1.66 
_reflns_shell.percent_possible_all   83.4 
_reflns_shell.Rmerge_I_obs           ? 
_reflns_shell.pdbx_Rsym_value        ? 
_reflns_shell.meanI_over_sigI_obs    ? 
_reflns_shell.pdbx_redundancy        ? 
_reflns_shell.percent_possible_obs   ? 
_reflns_shell.number_unique_all      ? 
_reflns_shell.number_measured_all    ? 
_reflns_shell.number_measured_obs    ? 
_reflns_shell.number_unique_obs      ? 
_reflns_shell.pdbx_chi_squared       ? 
_reflns_shell.pdbx_diffrn_id         ? 
_reflns_shell.pdbx_ordinal           1 
# 
_refine.entry_id                                 2B3G 
_refine.ls_number_reflns_obs                     16581 
_refine.ls_number_reflns_all                     16581 
_refine.pdbx_ls_sigma_I                          ? 
_refine.pdbx_ls_sigma_F                          0.000 
_refine.pdbx_data_cutoff_high_absF               ? 
_refine.pdbx_data_cutoff_low_absF                ? 
_refine.pdbx_data_cutoff_high_rms_absF           ? 
_refine.ls_d_res_low                             20.00 
_refine.ls_d_res_high                            1.60 
_refine.ls_percent_reflns_obs                    98.2 
_refine.ls_R_factor_obs                          0.205 
_refine.ls_R_factor_all                          ? 
_refine.ls_R_factor_R_work                       0.204 
_refine.ls_R_factor_R_free                       0.239 
_refine.ls_R_factor_R_free_error                 ? 
_refine.ls_R_factor_R_free_error_details         ? 
_refine.ls_percent_reflns_R_free                 5.100 
_refine.ls_number_reflns_R_free                  893 
_refine.ls_number_parameters                     ? 
_refine.ls_number_restraints                     ? 
_refine.occupancy_min                            ? 
_refine.occupancy_max                            ? 
_refine.correlation_coeff_Fo_to_Fc               0.964 
_refine.correlation_coeff_Fo_to_Fc_free          0.954 
_refine.B_iso_mean                               30.26 
_refine.aniso_B[1][1]                            -0.26000 
_refine.aniso_B[2][2]                            -0.91000 
_refine.aniso_B[3][3]                            1.17000 
_refine.aniso_B[1][2]                            0.00000 
_refine.aniso_B[1][3]                            0.00000 
_refine.aniso_B[2][3]                            0.00000 
_refine.solvent_model_details                    'BABINET MODEL WITH MASK' 
_refine.solvent_model_param_ksol                 ? 
_refine.solvent_model_param_bsol                 ? 
_refine.pdbx_solvent_vdw_probe_radii             1.40 
_refine.pdbx_solvent_ion_probe_radii             0.80 
_refine.pdbx_solvent_shrinkage_radii             0.80 
_refine.pdbx_ls_cross_valid_method               THROUGHOUT 
_refine.details                                  'HYDROGENS HAVE BEEN ADDED IN THE RIDING POSITIONS' 
_refine.pdbx_starting_model                      2B29 
_refine.pdbx_method_to_determine_struct          'MOLECULAR REPLACEMENT' 
_refine.pdbx_isotropic_thermal_model             ? 
_refine.pdbx_stereochemistry_target_values       'MAXIMUM LIKELIHOOD' 
_refine.pdbx_stereochem_target_val_spec_case     ? 
_refine.pdbx_R_Free_selection_details            RANDOM 
_refine.pdbx_overall_ESU_R                       0.108 
_refine.pdbx_overall_ESU_R_Free                  0.106 
_refine.overall_SU_ML                            0.080 
_refine.overall_SU_B                             2.278 
_refine.ls_redundancy_reflns_obs                 ? 
_refine.B_iso_min                                ? 
_refine.B_iso_max                                ? 
_refine.overall_SU_R_Cruickshank_DPI             ? 
_refine.overall_SU_R_free                        ? 
_refine.ls_wR_factor_R_free                      ? 
_refine.ls_wR_factor_R_work                      ? 
_refine.overall_FOM_free_R_set                   ? 
_refine.overall_FOM_work_R_set                   ? 
_refine.pdbx_refine_id                           'X-RAY DIFFRACTION' 
_refine.pdbx_diffrn_id                           1 
_refine.pdbx_TLS_residual_ADP_flag               ? 
_refine.pdbx_overall_phase_error                 ? 
_refine.pdbx_overall_SU_R_free_Cruickshank_DPI   ? 
_refine.pdbx_overall_SU_R_Blow_DPI               ? 
_refine.pdbx_overall_SU_R_free_Blow_DPI          ? 
# 
_refine_hist.pdbx_refine_id                   'X-RAY DIFFRACTION' 
_refine_hist.cycle_id                         LAST 
_refine_hist.pdbx_number_atoms_protein        1092 
_refine_hist.pdbx_number_atoms_nucleic_acid   0 
_refine_hist.pdbx_number_atoms_ligand         0 
_refine_hist.number_atoms_solvent             129 
_refine_hist.number_atoms_total               1221 
_refine_hist.d_res_high                       1.60 
_refine_hist.d_res_low                        20.00 
# 
loop_
_refine_ls_restr.type 
_refine_ls_restr.dev_ideal 
_refine_ls_restr.dev_ideal_target 
_refine_ls_restr.weight 
_refine_ls_restr.number 
_refine_ls_restr.pdbx_refine_id 
_refine_ls_restr.pdbx_restraint_function 
r_bond_refined_d             0.018 0.022 ? 1093 'X-RAY DIFFRACTION' ? 
r_bond_other_d               0.002 0.020 ? 1027 'X-RAY DIFFRACTION' ? 
r_angle_refined_deg          1.755 1.998 ? 1481 'X-RAY DIFFRACTION' ? 
r_angle_other_deg            0.917 3.000 ? 2406 'X-RAY DIFFRACTION' ? 
r_dihedral_angle_1_deg       5.872 5.000 ? 136  'X-RAY DIFFRACTION' ? 
r_dihedral_angle_2_deg       ?     ?     ? ?    'X-RAY DIFFRACTION' ? 
r_dihedral_angle_3_deg       ?     ?     ? ?    'X-RAY DIFFRACTION' ? 
r_dihedral_angle_4_deg       ?     ?     ? ?    'X-RAY DIFFRACTION' ? 
r_chiral_restr               0.107 0.200 ? 176  'X-RAY DIFFRACTION' ? 
r_gen_planes_refined         0.007 0.020 ? 1181 'X-RAY DIFFRACTION' ? 
r_gen_planes_other           0.002 0.020 ? 180  'X-RAY DIFFRACTION' ? 
r_nbd_refined                0.250 0.200 ? 233  'X-RAY DIFFRACTION' ? 
r_nbd_other                  0.257 0.200 ? 1231 'X-RAY DIFFRACTION' ? 
r_nbtor_refined              ?     ?     ? ?    'X-RAY DIFFRACTION' ? 
r_nbtor_other                0.087 0.200 ? 720  'X-RAY DIFFRACTION' ? 
r_xyhbond_nbd_refined        0.202 0.200 ? 96   'X-RAY DIFFRACTION' ? 
r_xyhbond_nbd_other          ?     ?     ? ?    'X-RAY DIFFRACTION' ? 
r_metal_ion_refined          ?     ?     ? ?    'X-RAY DIFFRACTION' ? 
r_metal_ion_other            ?     ?     ? ?    'X-RAY DIFFRACTION' ? 
r_symmetry_vdw_refined       0.113 0.200 ? 13   'X-RAY DIFFRACTION' ? 
r_symmetry_vdw_other         0.320 0.200 ? 59   'X-RAY DIFFRACTION' ? 
r_symmetry_hbond_refined     0.246 0.200 ? 15   'X-RAY DIFFRACTION' ? 
r_symmetry_hbond_other       ?     ?     ? ?    'X-RAY DIFFRACTION' ? 
r_symmetry_metal_ion_refined ?     ?     ? ?    'X-RAY DIFFRACTION' ? 
r_symmetry_metal_ion_other   ?     ?     ? ?    'X-RAY DIFFRACTION' ? 
r_mcbond_it                  1.243 1.500 ? 695  'X-RAY DIFFRACTION' ? 
r_mcbond_other               ?     ?     ? ?    'X-RAY DIFFRACTION' ? 
r_mcangle_it                 2.248 2.000 ? 1132 'X-RAY DIFFRACTION' ? 
r_scbond_it                  3.170 3.000 ? 398  'X-RAY DIFFRACTION' ? 
r_scangle_it                 5.508 4.500 ? 349  'X-RAY DIFFRACTION' ? 
r_rigid_bond_restr           ?     ?     ? ?    'X-RAY DIFFRACTION' ? 
r_sphericity_free            ?     ?     ? ?    'X-RAY DIFFRACTION' ? 
r_sphericity_bonded          ?     ?     ? ?    'X-RAY DIFFRACTION' ? 
# 
_refine_ls_shell.pdbx_total_number_of_bins_used   20 
_refine_ls_shell.d_res_high                       1.60 
_refine_ls_shell.d_res_low                        1.64 
_refine_ls_shell.number_reflns_R_work             970 
_refine_ls_shell.R_factor_R_work                  0.466 
_refine_ls_shell.percent_reflns_obs               79.95 
_refine_ls_shell.R_factor_R_free                  0.477 
_refine_ls_shell.R_factor_R_free_error            ? 
_refine_ls_shell.percent_reflns_R_free            ? 
_refine_ls_shell.number_reflns_R_free             51 
_refine_ls_shell.redundancy_reflns_obs            ? 
_refine_ls_shell.number_reflns_all                ? 
_refine_ls_shell.number_reflns_obs                ? 
_refine_ls_shell.pdbx_refine_id                   'X-RAY DIFFRACTION' 
_refine_ls_shell.R_factor_all                     ? 
# 
_struct.entry_id                  2B3G 
_struct.title                     'p53N (fragment 33-60) bound to RPA70N' 
_struct.pdbx_model_details        ? 
_struct.pdbx_CASP_flag            ? 
_struct.pdbx_model_type_details   ? 
# 
_struct_keywords.entry_id        2B3G 
_struct_keywords.pdbx_keywords   REPLICATION 
_struct_keywords.text            'OB-fold, ssDNA mimicry, Replication' 
# 
loop_
_struct_asym.id 
_struct_asym.pdbx_blank_PDB_chainid_flag 
_struct_asym.pdbx_modified 
_struct_asym.entity_id 
_struct_asym.details 
A N N 1 ? 
B N N 2 ? 
C N N 3 ? 
D N N 3 ? 
# 
_struct_biol.id                    1 
_struct_biol.pdbx_parent_biol_id   ? 
_struct_biol.details               ? 
# 
loop_
_struct_conf.conf_type_id 
_struct_conf.id 
_struct_conf.pdbx_PDB_helix_id 
_struct_conf.beg_label_comp_id 
_struct_conf.beg_label_asym_id 
_struct_conf.beg_label_seq_id 
_struct_conf.pdbx_beg_PDB_ins_code 
_struct_conf.end_label_comp_id 
_struct_conf.end_label_asym_id 
_struct_conf.end_label_seq_id 
_struct_conf.pdbx_end_PDB_ins_code 
_struct_conf.beg_auth_comp_id 
_struct_conf.beg_auth_asym_id 
_struct_conf.beg_auth_seq_id 
_struct_conf.end_auth_comp_id 
_struct_conf.end_auth_asym_id 
_struct_conf.end_auth_seq_id 
_struct_conf.pdbx_PDB_helix_class 
_struct_conf.details 
_struct_conf.pdbx_PDB_helix_length 
HELX_P HELX_P1 1 MET A 4   ? LEU A 8   ? MET A 1   LEU A 5   5 ? 5  
HELX_P HELX_P2 2 GLY A 11  ? GLY A 20  ? GLY A 8   GLY A 17  1 ? 10 
HELX_P HELX_P3 3 LEU A 65  ? GLU A 71  ? LEU A 62  GLU A 68  1 ? 7  
HELX_P HELX_P4 4 SER A 107 ? GLY A 112 ? SER A 104 GLY A 109 1 ? 6  
HELX_P HELX_P5 5 LEU B 3   ? ALA B 7   ? LEU B 35  ALA B 39  5 ? 5  
HELX_P HELX_P6 6 MET B 8   ? LEU B 13  ? MET B 40  LEU B 45  5 ? 6  
HELX_P HELX_P7 7 SER B 14  ? GLU B 24  ? SER B 46  GLU B 56  1 ? 11 
# 
_struct_conf_type.id          HELX_P 
_struct_conf_type.criteria    ? 
_struct_conf_type.reference   ? 
# 
_struct_mon_prot_cis.pdbx_id                1 
_struct_mon_prot_cis.label_comp_id          SER 
_struct_mon_prot_cis.label_seq_id           1 
_struct_mon_prot_cis.label_asym_id          B 
_struct_mon_prot_cis.label_alt_id           . 
_struct_mon_prot_cis.pdbx_PDB_ins_code      ? 
_struct_mon_prot_cis.auth_comp_id           SER 
_struct_mon_prot_cis.auth_seq_id            33 
_struct_mon_prot_cis.auth_asym_id           B 
_struct_mon_prot_cis.pdbx_label_comp_id_2   PRO 
_struct_mon_prot_cis.pdbx_label_seq_id_2    2 
_struct_mon_prot_cis.pdbx_label_asym_id_2   B 
_struct_mon_prot_cis.pdbx_PDB_ins_code_2    ? 
_struct_mon_prot_cis.pdbx_auth_comp_id_2    PRO 
_struct_mon_prot_cis.pdbx_auth_seq_id_2     34 
_struct_mon_prot_cis.pdbx_auth_asym_id_2    B 
_struct_mon_prot_cis.pdbx_PDB_model_num     1 
_struct_mon_prot_cis.pdbx_omega_angle       -2.70 
# 
_struct_sheet.id               A 
_struct_sheet.type             ? 
_struct_sheet.number_strands   7 
_struct_sheet.details          ? 
# 
loop_
_struct_sheet_order.sheet_id 
_struct_sheet_order.range_id_1 
_struct_sheet_order.range_id_2 
_struct_sheet_order.offset 
_struct_sheet_order.sense 
A 1 2 ? parallel      
A 2 3 ? parallel      
A 3 4 ? anti-parallel 
A 4 5 ? anti-parallel 
A 5 6 ? anti-parallel 
A 6 7 ? anti-parallel 
# 
loop_
_struct_sheet_range.sheet_id 
_struct_sheet_range.id 
_struct_sheet_range.beg_label_comp_id 
_struct_sheet_range.beg_label_asym_id 
_struct_sheet_range.beg_label_seq_id 
_struct_sheet_range.pdbx_beg_PDB_ins_code 
_struct_sheet_range.end_label_comp_id 
_struct_sheet_range.end_label_asym_id 
_struct_sheet_range.end_label_seq_id 
_struct_sheet_range.pdbx_end_PDB_ins_code 
_struct_sheet_range.beg_auth_comp_id 
_struct_sheet_range.beg_auth_asym_id 
_struct_sheet_range.beg_auth_seq_id 
_struct_sheet_range.end_auth_comp_id 
_struct_sheet_range.end_auth_asym_id 
_struct_sheet_range.end_auth_seq_id 
A 1 VAL A 119 ? PRO A 120 ? VAL A 116 PRO A 117 
A 2 ASN A 54  ? LEU A 61  ? ASN A 51  LEU A 58  
A 3 ARG A 95  ? LYS A 106 ? ARG A 92  LYS A 103 
A 4 VAL A 79  ? THR A 89  ? VAL A 76  THR A 86  
A 5 ILE A 27  ? ILE A 36  ? ILE A 24  ILE A 33  
A 6 ARG A 44  ? SER A 50  ? ARG A 41  SER A 47  
A 7 ASN A 54  ? LEU A 61  ? ASN A 51  LEU A 58  
# 
loop_
_pdbx_struct_sheet_hbond.sheet_id 
_pdbx_struct_sheet_hbond.range_id_1 
_pdbx_struct_sheet_hbond.range_id_2 
_pdbx_struct_sheet_hbond.range_1_label_atom_id 
_pdbx_struct_sheet_hbond.range_1_label_comp_id 
_pdbx_struct_sheet_hbond.range_1_label_asym_id 
_pdbx_struct_sheet_hbond.range_1_label_seq_id 
_pdbx_struct_sheet_hbond.range_1_PDB_ins_code 
_pdbx_struct_sheet_hbond.range_1_auth_atom_id 
_pdbx_struct_sheet_hbond.range_1_auth_comp_id 
_pdbx_struct_sheet_hbond.range_1_auth_asym_id 
_pdbx_struct_sheet_hbond.range_1_auth_seq_id 
_pdbx_struct_sheet_hbond.range_2_label_atom_id 
_pdbx_struct_sheet_hbond.range_2_label_comp_id 
_pdbx_struct_sheet_hbond.range_2_label_asym_id 
_pdbx_struct_sheet_hbond.range_2_label_seq_id 
_pdbx_struct_sheet_hbond.range_2_PDB_ins_code 
_pdbx_struct_sheet_hbond.range_2_auth_atom_id 
_pdbx_struct_sheet_hbond.range_2_auth_comp_id 
_pdbx_struct_sheet_hbond.range_2_auth_asym_id 
_pdbx_struct_sheet_hbond.range_2_auth_seq_id 
A 1 2 O VAL A 119 ? O VAL A 116 N THR A 55 ? N THR A 52 
A 2 3 N MET A 60  ? N MET A 57  O LEU A 99 ? O LEU A 96 
A 3 4 O VAL A 96  ? O VAL A 93  N ASN A 88 ? N ASN A 85 
A 4 5 O CYS A 80  ? O CYS A 77  N LEU A 28 ? N LEU A 25 
A 5 6 N ILE A 36  ? N ILE A 33  O ARG A 44 ? O ARG A 41 
A 6 7 N LEU A 47  ? N LEU A 44  O PHE A 59 ? O PHE A 56 
# 
_atom_sites.entry_id                    2B3G 
_atom_sites.fract_transf_matrix[1][1]   -0.01214148 
_atom_sites.fract_transf_matrix[1][2]   -0.01597301 
_atom_sites.fract_transf_matrix[1][3]   0.00249302 
_atom_sites.fract_transf_matrix[2][1]   0.01538816 
_atom_sites.fract_transf_matrix[2][2]   -0.01216828 
_atom_sites.fract_transf_matrix[2][3]   -0.00302001 
_atom_sites.fract_transf_matrix[3][1]   0.00374225 
_atom_sites.fract_transf_matrix[3][2]   0.00008076 
_atom_sites.fract_transf_matrix[3][3]   0.01874289 
_atom_sites.fract_transf_vector[1]      0.105341 
_atom_sites.fract_transf_vector[2]      0.417195 
_atom_sites.fract_transf_vector[3]      0.086695 
# 
loop_
_atom_type.symbol 
C 
N 
O 
S 
# 
loop_
_atom_site.group_PDB 
_atom_site.id 
_atom_site.type_symbol 
_atom_site.label_atom_id 
_atom_site.label_alt_id 
_atom_site.label_comp_id 
_atom_site.label_asym_id 
_atom_site.label_entity_id 
_atom_site.label_seq_id 
_atom_site.pdbx_PDB_ins_code 
_atom_site.Cartn_x 
_atom_site.Cartn_y 
_atom_site.Cartn_z 
_atom_site.occupancy 
_atom_site.B_iso_or_equiv 
_atom_site.pdbx_formal_charge 
_atom_site.auth_seq_id 
_atom_site.auth_comp_id 
_atom_site.auth_asym_id 
_atom_site.auth_atom_id 
_atom_site.pdbx_PDB_model_num 
ATOM   1    N N   . MET A 1 4   ? 9.649   -14.536 6.945   1.00 49.39 ? 1   MET A N   1 
ATOM   2    C CA  . MET A 1 4   ? 9.238   -13.749 5.758   1.00 49.74 ? 1   MET A CA  1 
ATOM   3    C C   . MET A 1 4   ? 8.653   -12.411 6.221   1.00 47.52 ? 1   MET A C   1 
ATOM   4    O O   . MET A 1 4   ? 8.951   -11.373 5.626   1.00 47.65 ? 1   MET A O   1 
ATOM   5    C CB  . MET A 1 4   ? 8.268   -14.549 4.869   1.00 50.00 ? 1   MET A CB  1 
ATOM   6    C CG  . MET A 1 4   ? 8.289   -14.113 3.387   1.00 51.84 ? 1   MET A CG  1 
ATOM   7    S SD  . MET A 1 4   ? 7.525   -15.211 2.128   1.00 55.44 ? 1   MET A SD  1 
ATOM   8    C CE  . MET A 1 4   ? 5.910   -15.615 2.808   1.00 53.19 ? 1   MET A CE  1 
ATOM   9    N N   . VAL A 1 5   ? 7.857   -12.423 7.296   1.00 45.44 ? 2   VAL A N   1 
ATOM   10   C CA  . VAL A 1 5   ? 7.342   -11.171 7.876   1.00 43.42 ? 2   VAL A CA  1 
ATOM   11   C C   . VAL A 1 5   ? 8.489   -10.318 8.438   1.00 40.60 ? 2   VAL A C   1 
ATOM   12   O O   . VAL A 1 5   ? 8.416   -9.068  8.459   1.00 40.86 ? 2   VAL A O   1 
ATOM   13   C CB  . VAL A 1 5   ? 6.310   -11.400 9.006   1.00 44.17 ? 2   VAL A CB  1 
ATOM   14   C CG1 . VAL A 1 5   ? 5.668   -10.094 9.358   1.00 44.16 ? 2   VAL A CG1 1 
ATOM   15   C CG2 . VAL A 1 5   ? 5.228   -12.381 8.565   1.00 45.50 ? 2   VAL A CG2 1 
ATOM   16   N N   . GLY A 1 6   ? 9.534   -11.005 8.908   1.00 36.34 ? 3   GLY A N   1 
ATOM   17   C CA  . GLY A 1 6   ? 10.735  -10.343 9.366   1.00 30.90 ? 3   GLY A CA  1 
ATOM   18   C C   . GLY A 1 6   ? 11.355  -9.573  8.217   1.00 28.35 ? 3   GLY A C   1 
ATOM   19   O O   . GLY A 1 6   ? 12.307  -8.846  8.462   1.00 24.97 ? 3   GLY A O   1 
ATOM   20   N N   . GLN A 1 7   ? 10.807  -9.718  6.986   1.00 25.68 ? 4   GLN A N   1 
ATOM   21   C CA  . GLN A 1 7   ? 11.316  -8.927  5.849   1.00 27.23 ? 4   GLN A CA  1 
ATOM   22   C C   . GLN A 1 7   ? 10.603  -7.583  5.698   1.00 23.08 ? 4   GLN A C   1 
ATOM   23   O O   . GLN A 1 7   ? 11.111  -6.712  4.962   1.00 25.12 ? 4   GLN A O   1 
ATOM   24   C CB  . GLN A 1 7   ? 11.286  -9.663  4.500   1.00 27.65 ? 4   GLN A CB  1 
ATOM   25   C CG  . GLN A 1 7   ? 12.208  -10.913 4.436   1.00 30.86 ? 4   GLN A CG  1 
ATOM   26   C CD  . GLN A 1 7   ? 12.312  -11.454 3.028   1.00 33.99 ? 4   GLN A CD  1 
ATOM   27   O OE1 . GLN A 1 7   ? 11.678  -10.919 2.087   1.00 40.01 ? 4   GLN A OE1 1 
ATOM   28   N NE2 . GLN A 1 7   ? 13.100  -12.548 2.858   1.00 42.59 ? 4   GLN A NE2 1 
ATOM   29   N N   . LEU A 1 8   ? 9.471   -7.406  6.390   1.00 21.77 ? 5   LEU A N   1 
ATOM   30   C CA  . LEU A 1 8   ? 8.668   -6.161  6.286   1.00 19.96 ? 5   LEU A CA  1 
ATOM   31   C C   . LEU A 1 8   ? 8.761   -5.288  7.537   1.00 19.38 ? 5   LEU A C   1 
ATOM   32   O O   . LEU A 1 8   ? 8.984   -5.794  8.652   1.00 18.85 ? 5   LEU A O   1 
ATOM   33   C CB  . LEU A 1 8   ? 7.188   -6.451  6.032   1.00 20.57 ? 5   LEU A CB  1 
ATOM   34   C CG  . LEU A 1 8   ? 6.984   -7.317  4.782   1.00 19.41 ? 5   LEU A CG  1 
ATOM   35   C CD1 . LEU A 1 8   ? 5.467   -7.527  4.530   1.00 20.45 ? 5   LEU A CD1 1 
ATOM   36   C CD2 . LEU A 1 8   ? 7.740   -6.856  3.553   1.00 20.51 ? 5   LEU A CD2 1 
ATOM   37   N N   . SER A 1 9   ? 8.551   -3.971  7.352   1.00 17.42 ? 6   SER A N   1 
ATOM   38   C CA  . SER A 1 9   ? 8.687   -3.010  8.434   1.00 18.04 ? 6   SER A CA  1 
ATOM   39   C C   . SER A 1 9   ? 7.439   -2.956  9.337   1.00 18.46 ? 6   SER A C   1 
ATOM   40   O O   . SER A 1 9   ? 6.665   -1.956  9.335   1.00 17.59 ? 6   SER A O   1 
ATOM   41   C CB  . SER A 1 9   ? 9.039   -1.594  7.838   1.00 19.45 ? 6   SER A CB  1 
ATOM   42   O OG  . SER A 1 9   ? 10.339  -1.584  7.293   1.00 18.98 ? 6   SER A OG  1 
ATOM   43   N N   . GLU A 1 10  ? 7.202   -4.042  10.100  1.00 18.78 ? 7   GLU A N   1 
ATOM   44   C CA  . GLU A 1 10  ? 6.051   -4.146  11.018  1.00 22.07 ? 7   GLU A CA  1 
ATOM   45   C C   . GLU A 1 10  ? 5.921   -2.894  11.888  1.00 21.46 ? 7   GLU A C   1 
ATOM   46   O O   . GLU A 1 10  ? 6.883   -2.496  12.553  1.00 21.54 ? 7   GLU A O   1 
ATOM   47   C CB  . GLU A 1 10  ? 6.158   -5.382  11.915  1.00 24.86 ? 7   GLU A CB  1 
ATOM   48   C CG  . GLU A 1 10  ? 5.993   -6.686  11.187  1.00 28.47 ? 7   GLU A CG  1 
ATOM   49   C CD  . GLU A 1 10  ? 5.983   -7.877  12.154  1.00 30.62 ? 7   GLU A CD  1 
ATOM   50   O OE1 . GLU A 1 10  ? 6.123   -7.667  13.378  1.00 38.53 ? 7   GLU A OE1 1 
ATOM   51   O OE2 . GLU A 1 10  ? 5.838   -9.027  11.680  1.00 40.22 ? 7   GLU A OE2 1 
ATOM   52   N N   . GLY A 1 11  ? 4.758   -2.231  11.819  1.00 21.80 ? 8   GLY A N   1 
ATOM   53   C CA  . GLY A 1 11  ? 4.484   -1.035  12.614  1.00 21.02 ? 8   GLY A CA  1 
ATOM   54   C C   . GLY A 1 11  ? 4.702   0.286   11.887  1.00 20.47 ? 8   GLY A C   1 
ATOM   55   O O   . GLY A 1 11  ? 4.381   1.357   12.432  1.00 21.45 ? 8   GLY A O   1 
ATOM   56   N N   . ALA A 1 12  ? 5.280   0.231   10.675  1.00 17.39 ? 9   ALA A N   1 
ATOM   57   C CA  . ALA A 1 12  ? 5.484   1.462   9.908   1.00 18.53 ? 9   ALA A CA  1 
ATOM   58   C C   . ALA A 1 12  ? 4.157   2.157   9.593   1.00 18.68 ? 9   ALA A C   1 
ATOM   59   O O   . ALA A 1 12  ? 4.042   3.396   9.612   1.00 20.31 ? 9   ALA A O   1 
ATOM   60   C CB  . ALA A 1 12  ? 6.249   1.204   8.630   1.00 17.48 ? 9   ALA A CB  1 
ATOM   61   N N   . ILE A 1 13  ? 3.187   1.348   9.217   1.00 19.51 ? 10  ILE A N   1 
ATOM   62   C CA  . ILE A 1 13  ? 1.865   1.936   8.834   1.00 18.98 ? 10  ILE A CA  1 
ATOM   63   C C   . ILE A 1 13  ? 1.252   2.634   10.025  1.00 20.39 ? 10  ILE A C   1 
ATOM   64   O O   . ILE A 1 13  ? 0.860   3.811   9.916   1.00 22.13 ? 10  ILE A O   1 
ATOM   65   C CB  . ILE A 1 13  ? 0.962   0.885   8.215   1.00 19.31 ? 10  ILE A CB  1 
ATOM   66   C CG1 . ILE A 1 13  ? 1.454   0.652   6.778   1.00 18.06 ? 10  ILE A CG1 1 
ATOM   67   C CG2 . ILE A 1 13  ? -0.536  1.339   8.318   1.00 20.38 ? 10  ILE A CG2 1 
ATOM   68   C CD1 . ILE A 1 13  ? 0.759   -0.518  6.101   1.00 18.81 ? 10  ILE A CD1 1 
ATOM   69   N N   . ALA A 1 14  ? 1.173   1.932   11.153  1.00 20.23 ? 11  ALA A N   1 
ATOM   70   C CA  . ALA A 1 14  ? 0.705   2.558   12.390  1.00 23.29 ? 11  ALA A CA  1 
ATOM   71   C C   . ALA A 1 14  ? 1.505   3.815   12.760  1.00 24.37 ? 11  ALA A C   1 
ATOM   72   O O   . ALA A 1 14  ? 0.917   4.835   13.157  1.00 26.17 ? 11  ALA A O   1 
ATOM   73   C CB  . ALA A 1 14  ? 0.648   1.505   13.549  1.00 24.09 ? 11  ALA A CB  1 
ATOM   74   N N   . ALA A 1 15  ? 2.824   3.785   12.576  1.00 22.71 ? 12  ALA A N   1 
ATOM   75   C CA  . ALA A 1 15  ? 3.654   4.941   12.896  1.00 22.95 ? 12  ALA A CA  1 
ATOM   76   C C   . ALA A 1 15  ? 3.270   6.128   12.009  1.00 23.51 ? 12  ALA A C   1 
ATOM   77   O O   . ALA A 1 15  ? 3.172   7.250   12.492  1.00 25.07 ? 12  ALA A O   1 
ATOM   78   C CB  . ALA A 1 15  ? 5.141   4.616   12.741  1.00 23.88 ? 12  ALA A CB  1 
ATOM   79   N N   . ILE A 1 16  ? 3.136   5.889   10.715  1.00 21.08 ? 13  ILE A N   1 
ATOM   80   C CA  . ILE A 1 16  ? 2.817   6.966   9.772   1.00 22.91 ? 13  ILE A CA  1 
ATOM   81   C C   . ILE A 1 16  ? 1.426   7.527   10.113  1.00 23.19 ? 13  ILE A C   1 
ATOM   82   O O   . ILE A 1 16  ? 1.196   8.747   10.068  1.00 25.10 ? 13  ILE A O   1 
ATOM   83   C CB  . ILE A 1 16  ? 2.928   6.486   8.306   1.00 22.93 ? 13  ILE A CB  1 
ATOM   84   C CG1 . ILE A 1 16  ? 4.385   6.065   7.963   1.00 20.87 ? 13  ILE A CG1 1 
ATOM   85   C CG2 . ILE A 1 16  ? 2.397   7.582   7.340   1.00 21.81 ? 13  ILE A CG2 1 
ATOM   86   C CD1 . ILE A 1 16  ? 4.487   5.252   6.654   1.00 23.02 ? 13  ILE A CD1 1 
ATOM   87   N N   . MET A 1 17  ? 0.504   6.639   10.443  1.00 24.06 ? 14  MET A N   1 
ATOM   88   C CA  . MET A 1 17  ? -0.886  7.065   10.698  1.00 24.94 ? 14  MET A CA  1 
ATOM   89   C C   . MET A 1 17  ? -0.987  7.856   11.996  1.00 26.54 ? 14  MET A C   1 
ATOM   90   O O   . MET A 1 17  ? -1.801  8.798   12.093  1.00 26.37 ? 14  MET A O   1 
ATOM   91   C CB  . MET A 1 17  ? -1.833  5.884   10.734  1.00 25.22 ? 14  MET A CB  1 
ATOM   92   C CG  . MET A 1 17  ? -1.973  5.211   9.393   1.00 24.15 ? 14  MET A CG  1 
ATOM   93   S SD  . MET A 1 17  ? -2.611  6.317   8.119   1.00 24.87 ? 14  MET A SD  1 
ATOM   94   C CE  . MET A 1 17  ? -1.190  6.559   7.055   1.00 29.68 ? 14  MET A CE  1 
ATOM   95   N N   . GLN A 1 18  ? -0.202  7.471   13.000  1.00 27.32 ? 15  GLN A N   1 
ATOM   96   C CA  . GLN A 1 18  ? -0.207  8.196   14.269  1.00 28.99 ? 15  GLN A CA  1 
ATOM   97   C C   . GLN A 1 18  ? 0.656   9.445   14.241  1.00 30.36 ? 15  GLN A C   1 
ATOM   98   O O   . GLN A 1 18  ? 0.193   10.531  14.522  1.00 30.13 ? 15  GLN A O   1 
ATOM   99   C CB  . GLN A 1 18  ? 0.179   7.274   15.412  1.00 29.94 ? 15  GLN A CB  1 
ATOM   100  C CG  . GLN A 1 18  ? -1.030  6.516   15.848  1.00 36.51 ? 15  GLN A CG  1 
ATOM   101  C CD  . GLN A 1 18  ? -0.773  5.063   15.872  1.00 40.09 ? 15  GLN A CD  1 
ATOM   102  O OE1 . GLN A 1 18  ? -1.399  4.305   15.128  1.00 43.67 ? 15  GLN A OE1 1 
ATOM   103  N NE2 . GLN A 1 18  ? 0.179   4.649   16.700  1.00 39.65 ? 15  GLN A NE2 1 
ATOM   104  N N   . LYS A 1 19  ? 1.904   9.318   13.833  1.00 31.24 ? 16  LYS A N   1 
ATOM   105  C CA  . LYS A 1 19  ? 2.816   10.467  13.872  1.00 33.32 ? 16  LYS A CA  1 
ATOM   106  C C   . LYS A 1 19  ? 2.805   11.317  12.619  1.00 34.30 ? 16  LYS A C   1 
ATOM   107  O O   . LYS A 1 19  ? 3.053   12.535  12.686  1.00 35.50 ? 16  LYS A O   1 
ATOM   108  C CB  . LYS A 1 19  ? 4.231   9.992   14.183  1.00 34.34 ? 16  LYS A CB  1 
ATOM   109  C CG  . LYS A 1 19  ? 4.330   9.269   15.519  1.00 34.52 ? 16  LYS A CG  1 
ATOM   110  C CD  . LYS A 1 19  ? 4.025   10.235  16.682  1.00 37.59 ? 16  LYS A CD  1 
ATOM   111  C CE  . LYS A 1 19  ? 3.762   9.529   18.031  1.00 40.08 ? 16  LYS A CE  1 
ATOM   112  N NZ  . LYS A 1 19  ? 2.864   8.322   17.942  1.00 46.77 ? 16  LYS A NZ  1 
ATOM   113  N N   . GLY A 1 20  ? 2.529   10.710  11.470  1.00 33.19 ? 17  GLY A N   1 
ATOM   114  C CA  . GLY A 1 20  ? 2.583   11.427  10.200  1.00 33.73 ? 17  GLY A CA  1 
ATOM   115  C C   . GLY A 1 20  ? 3.987   11.859  9.763   1.00 34.85 ? 17  GLY A C   1 
ATOM   116  O O   . GLY A 1 20  ? 4.129   12.646  8.807   1.00 35.11 ? 17  GLY A O   1 
ATOM   117  N N   . ASP A 1 21  ? 5.015   11.370  10.450  1.00 34.86 ? 18  ASP A N   1 
ATOM   118  C CA  . ASP A 1 21  ? 6.416   11.688  10.092  1.00 36.32 ? 18  ASP A CA  1 
ATOM   119  C C   . ASP A 1 21  ? 6.941   10.887  8.901   1.00 35.10 ? 18  ASP A C   1 
ATOM   120  O O   . ASP A 1 21  ? 6.505   9.753   8.639   1.00 34.51 ? 18  ASP A O   1 
ATOM   121  C CB  . ASP A 1 21  ? 7.349   11.464  11.263  1.00 37.06 ? 18  ASP A CB  1 
ATOM   122  C CG  . ASP A 1 21  ? 7.009   12.361  12.458  1.00 41.41 ? 18  ASP A CG  1 
ATOM   123  O OD1 . ASP A 1 21  ? 6.401   13.463  12.268  1.00 42.92 ? 18  ASP A OD1 1 
ATOM   124  O OD2 . ASP A 1 21  ? 7.354   11.948  13.582  1.00 45.41 ? 18  ASP A OD2 1 
ATOM   125  N N   . THR A 1 22  ? 7.889   11.496  8.206   1.00 32.81 ? 19  THR A N   1 
ATOM   126  C CA  . THR A 1 22  ? 8.312   11.029  6.907   1.00 31.53 ? 19  THR A CA  1 
ATOM   127  C C   . THR A 1 22  ? 9.796   10.655  6.940   1.00 30.73 ? 19  THR A C   1 
ATOM   128  O O   . THR A 1 22  ? 10.386  10.412  5.895   1.00 30.19 ? 19  THR A O   1 
ATOM   129  C CB  . THR A 1 22  ? 8.028   12.066  5.780   1.00 31.90 ? 19  THR A CB  1 
ATOM   130  O OG1 . THR A 1 22  ? 8.711   13.306  6.061   1.00 33.13 ? 19  THR A OG1 1 
ATOM   131  C CG2 . THR A 1 22  ? 6.526   12.327  5.667   1.00 32.98 ? 19  THR A CG2 1 
ATOM   132  N N   . ASN A 1 23  ? 10.343  10.559  8.149   1.00 29.77 ? 20  ASN A N   1 
ATOM   133  C CA  . ASN A 1 23  ? 11.789  10.294  8.370   1.00 30.55 ? 20  ASN A CA  1 
ATOM   134  C C   . ASN A 1 23  ? 12.077  8.791   8.537   1.00 29.53 ? 20  ASN A C   1 
ATOM   135  O O   . ASN A 1 23  ? 12.988  8.372   9.272   1.00 30.75 ? 20  ASN A O   1 
ATOM   136  C CB  . ASN A 1 23  ? 12.242  10.974  9.652   1.00 31.55 ? 20  ASN A CB  1 
ATOM   137  C CG  . ASN A 1 23  ? 11.495  10.450  10.864  1.00 34.30 ? 20  ASN A CG  1 
ATOM   138  O OD1 . ASN A 1 23  ? 10.338  9.993   10.759  1.00 38.19 ? 20  ASN A OD1 1 
ATOM   139  N ND2 . ASN A 1 23  ? 12.154  10.489  12.032  1.00 39.50 ? 20  ASN A ND2 1 
ATOM   140  N N   . ILE A 1 24  ? 11.266  7.975   7.885   1.00 27.05 ? 21  ILE A N   1 
ATOM   141  C CA  . ILE A 1 24  ? 11.496  6.523   7.882   1.00 24.20 ? 21  ILE A CA  1 
ATOM   142  C C   . ILE A 1 24  ? 11.552  6.044   6.429   1.00 22.76 ? 21  ILE A C   1 
ATOM   143  O O   . ILE A 1 24  ? 11.094  6.741   5.540   1.00 23.17 ? 21  ILE A O   1 
ATOM   144  C CB  . ILE A 1 24  ? 10.451  5.780   8.679   1.00 24.32 ? 21  ILE A CB  1 
ATOM   145  C CG1 . ILE A 1 24  ? 9.020   6.134   8.215   1.00 23.15 ? 21  ILE A CG1 1 
ATOM   146  C CG2 . ILE A 1 24  ? 10.631  6.059   10.154  1.00 25.32 ? 21  ILE A CG2 1 
ATOM   147  C CD1 . ILE A 1 24  ? 7.942   5.211   8.875   1.00 24.57 ? 21  ILE A CD1 1 
ATOM   148  N N   . LYS A 1 25  ? 12.130  4.864   6.195   1.00 20.43 ? 22  LYS A N   1 
ATOM   149  C CA  . LYS A 1 25  ? 12.296  4.339   4.843   1.00 20.03 ? 22  LYS A CA  1 
ATOM   150  C C   . LYS A 1 25  ? 11.801  2.868   4.893   1.00 20.28 ? 22  LYS A C   1 
ATOM   151  O O   . LYS A 1 25  ? 12.538  1.928   4.667   1.00 19.94 ? 22  LYS A O   1 
ATOM   152  C CB  . LYS A 1 25  ? 13.745  4.477   4.373   1.00 21.51 ? 22  LYS A CB  1 
ATOM   153  C CG  . LYS A 1 25  ? 14.131  5.975   4.204   1.00 21.84 ? 22  LYS A CG  1 
ATOM   154  C CD  . LYS A 1 25  ? 15.574  6.175   3.794   1.00 22.99 ? 22  LYS A CD  1 
ATOM   155  C CE  . LYS A 1 25  ? 15.930  7.647   3.945   1.00 28.93 ? 22  LYS A CE  1 
ATOM   156  N NZ  . LYS A 1 25  ? 14.934  8.526   3.277   1.00 28.46 ? 22  LYS A NZ  1 
ATOM   157  N N   . PRO A 1 26  ? 10.495  2.719   5.136   1.00 19.01 ? 23  PRO A N   1 
ATOM   158  C CA  . PRO A 1 26  ? 9.948   1.371   5.438   1.00 19.76 ? 23  PRO A CA  1 
ATOM   159  C C   . PRO A 1 26  ? 9.977   0.423   4.253   1.00 19.02 ? 23  PRO A C   1 
ATOM   160  O O   . PRO A 1 26  ? 9.848   0.829   3.097   1.00 19.40 ? 23  PRO A O   1 
ATOM   161  C CB  . PRO A 1 26  ? 8.498   1.671   5.848   1.00 19.71 ? 23  PRO A CB  1 
ATOM   162  C CG  . PRO A 1 26  ? 8.146   2.876   5.097   1.00 19.78 ? 23  PRO A CG  1 
ATOM   163  C CD  . PRO A 1 26  ? 9.435   3.738   5.090   1.00 20.34 ? 23  PRO A CD  1 
ATOM   164  N N   . ILE A 1 27  ? 10.146  -0.873  4.565   1.00 17.53 ? 24  ILE A N   1 
ATOM   165  C CA  . ILE A 1 27  ? 10.043  -1.912  3.548   1.00 17.83 ? 24  ILE A CA  1 
ATOM   166  C C   . ILE A 1 27  ? 8.635   -2.504  3.685   1.00 17.53 ? 24  ILE A C   1 
ATOM   167  O O   . ILE A 1 27  ? 8.246   -2.941  4.806   1.00 18.15 ? 24  ILE A O   1 
ATOM   168  C CB  . ILE A 1 27  ? 11.125  -2.973  3.801   1.00 18.20 ? 24  ILE A CB  1 
ATOM   169  C CG1 . ILE A 1 27  ? 12.506  -2.324  3.604   1.00 18.30 ? 24  ILE A CG1 1 
ATOM   170  C CG2 . ILE A 1 27  ? 10.959  -4.108  2.823   1.00 18.95 ? 24  ILE A CG2 1 
ATOM   171  C CD1 . ILE A 1 27  ? 13.697  -3.221  3.941   1.00 20.81 ? 24  ILE A CD1 1 
ATOM   172  N N   . LEU A 1 28  ? 7.903   -2.525  2.568   1.00 18.42 ? 25  LEU A N   1 
ATOM   173  C CA  . LEU A 1 28  ? 6.446   -2.881  2.556   1.00 17.49 ? 25  LEU A CA  1 
ATOM   174  C C   . LEU A 1 28  ? 6.233   -3.802  1.385   1.00 18.21 ? 25  LEU A C   1 
ATOM   175  O O   . LEU A 1 28  ? 7.058   -3.850  0.453   1.00 18.39 ? 25  LEU A O   1 
ATOM   176  C CB  . LEU A 1 28  ? 5.585   -1.610  2.283   1.00 19.60 ? 25  LEU A CB  1 
ATOM   177  C CG  . LEU A 1 28  ? 5.802   -0.400  3.205   1.00 18.11 ? 25  LEU A CG  1 
ATOM   178  C CD1 . LEU A 1 28  ? 4.930   0.836   2.729   1.00 19.53 ? 25  LEU A CD1 1 
ATOM   179  C CD2 . LEU A 1 28  ? 5.447   -0.801  4.563   1.00 18.03 ? 25  LEU A CD2 1 
ATOM   180  N N   . GLN A 1 29  ? 5.122   -4.522  1.447   1.00 18.97 ? 26  GLN A N   1 
ATOM   181  C CA  . GLN A 1 29  ? 4.693   -5.374  0.331   1.00 18.19 ? 26  GLN A CA  1 
ATOM   182  C C   . GLN A 1 29  ? 3.479   -4.746  -0.353  1.00 17.83 ? 26  GLN A C   1 
ATOM   183  O O   . GLN A 1 29  ? 2.547   -4.335  0.329   1.00 18.91 ? 26  GLN A O   1 
ATOM   184  C CB  . GLN A 1 29  ? 4.287   -6.790  0.811   1.00 19.32 ? 26  GLN A CB  1 
ATOM   185  C CG  . GLN A 1 29  ? 4.065   -7.736  -0.392  1.00 21.05 ? 26  GLN A CG  1 
ATOM   186  C CD  . GLN A 1 29  ? 3.666   -9.155  0.029   1.00 21.96 ? 26  GLN A CD  1 
ATOM   187  O OE1 . GLN A 1 29  ? 2.977   -9.363  1.068   1.00 23.06 ? 26  GLN A OE1 1 
ATOM   188  N NE2 . GLN A 1 29  ? 4.115   -10.142 -0.780  1.00 23.49 ? 26  GLN A NE2 1 
ATOM   189  N N   . VAL A 1 30  ? 3.535   -4.726  -1.681  1.00 19.68 ? 27  VAL A N   1 
ATOM   190  C CA  . VAL A 1 30  ? 2.371   -4.313  -2.468  1.00 19.91 ? 27  VAL A CA  1 
ATOM   191  C C   . VAL A 1 30  ? 1.380   -5.447  -2.399  1.00 22.01 ? 27  VAL A C   1 
ATOM   192  O O   . VAL A 1 30  ? 1.718   -6.596  -2.777  1.00 22.66 ? 27  VAL A O   1 
ATOM   193  C CB  . VAL A 1 30  ? 2.724   -4.009  -3.976  1.00 19.92 ? 27  VAL A CB  1 
ATOM   194  C CG1 . VAL A 1 30  ? 1.437   -3.595  -4.747  1.00 20.86 ? 27  VAL A CG1 1 
ATOM   195  C CG2 . VAL A 1 30  ? 3.743   -2.915  -4.091  1.00 22.31 ? 27  VAL A CG2 1 
ATOM   196  N N   . ILE A 1 31  ? 0.167   -5.133  -1.975  1.00 22.15 ? 28  ILE A N   1 
ATOM   197  C CA  . ILE A 1 31  ? -0.923  -6.133  -2.028  1.00 22.72 ? 28  ILE A CA  1 
ATOM   198  C C   . ILE A 1 31  ? -1.782  -5.976  -3.297  1.00 24.19 ? 28  ILE A C   1 
ATOM   199  O O   . ILE A 1 31  ? -2.158  -6.974  -3.944  1.00 25.09 ? 28  ILE A O   1 
ATOM   200  C CB  . ILE A 1 31  ? -1.796  -6.106  -0.772  1.00 22.90 ? 28  ILE A CB  1 
ATOM   201  C CG1 . ILE A 1 31  ? -0.961  -6.289  0.532   1.00 20.19 ? 28  ILE A CG1 1 
ATOM   202  C CG2 . ILE A 1 31  ? -2.874  -7.201  -0.845  1.00 23.28 ? 28  ILE A CG2 1 
ATOM   203  C CD1 . ILE A 1 31  ? -0.115  -7.546  0.577   1.00 22.07 ? 28  ILE A CD1 1 
ATOM   204  N N   . ASN A 1 32  ? -2.104  -4.738  -3.651  1.00 22.62 ? 29  ASN A N   1 
ATOM   205  C CA  . ASN A 1 32  ? -2.963  -4.488  -4.807  1.00 23.46 ? 29  ASN A CA  1 
ATOM   206  C C   . ASN A 1 32  ? -2.666  -3.090  -5.319  1.00 24.03 ? 29  ASN A C   1 
ATOM   207  O O   . ASN A 1 32  ? -2.276  -2.233  -4.519  1.00 23.69 ? 29  ASN A O   1 
ATOM   208  C CB  . ASN A 1 32  ? -4.445  -4.649  -4.454  1.00 24.39 ? 29  ASN A CB  1 
ATOM   209  C CG  . ASN A 1 32  ? -5.316  -4.758  -5.712  1.00 25.76 ? 29  ASN A CG  1 
ATOM   210  O OD1 . ASN A 1 32  ? -4.780  -4.918  -6.817  1.00 29.14 ? 29  ASN A OD1 1 
ATOM   211  N ND2 . ASN A 1 32  ? -6.624  -4.721  -5.543  1.00 28.81 ? 29  ASN A ND2 1 
ATOM   212  N N   . ILE A 1 33  ? -2.815  -2.882  -6.625  1.00 23.99 ? 30  ILE A N   1 
ATOM   213  C CA  . ILE A 1 33  ? -2.600  -1.565  -7.259  1.00 25.53 ? 30  ILE A CA  1 
ATOM   214  C C   . ILE A 1 33  ? -3.754  -1.330  -8.210  1.00 27.00 ? 30  ILE A C   1 
ATOM   215  O O   . ILE A 1 33  ? -4.115  -2.237  -8.954  1.00 28.77 ? 30  ILE A O   1 
ATOM   216  C CB  . ILE A 1 33  ? -1.368  -1.536  -8.169  1.00 26.52 ? 30  ILE A CB  1 
ATOM   217  C CG1 . ILE A 1 33  ? -0.110  -1.950  -7.394  1.00 26.77 ? 30  ILE A CG1 1 
ATOM   218  C CG2 . ILE A 1 33  ? -1.185  -0.151  -8.737  1.00 25.98 ? 30  ILE A CG2 1 
ATOM   219  C CD1 . ILE A 1 33  ? 1.081   -2.104  -8.279  1.00 29.70 ? 30  ILE A CD1 1 
ATOM   220  N N   . ARG A 1 34  ? -4.338  -0.136  -8.176  1.00 26.35 ? 31  ARG A N   1 
ATOM   221  C CA  . ARG A 1 34  ? -5.431  0.170   -9.083  1.00 27.76 ? 31  ARG A CA  1 
ATOM   222  C C   . ARG A 1 34  ? -5.184  1.563   -9.641  1.00 28.41 ? 31  ARG A C   1 
ATOM   223  O O   . ARG A 1 34  ? -4.889  2.471   -8.883  1.00 25.32 ? 31  ARG A O   1 
ATOM   224  C CB  . ARG A 1 34  ? -6.759  0.156   -8.334  1.00 28.39 ? 31  ARG A CB  1 
ATOM   225  C CG  . ARG A 1 34  ? -7.931  0.606   -9.206  1.00 36.12 ? 31  ARG A CG  1 
ATOM   226  C CD  . ARG A 1 34  ? -9.218  0.736   -8.393  1.00 42.73 ? 31  ARG A CD  1 
ATOM   227  N NE  . ARG A 1 34  ? -10.398 0.674   -9.262  1.00 47.17 ? 31  ARG A NE  1 
ATOM   228  C CZ  . ARG A 1 34  ? -11.024 -0.452  -9.597  1.00 49.94 ? 31  ARG A CZ  1 
ATOM   229  N NH1 . ARG A 1 34  ? -10.583 -1.642  -9.159  1.00 48.12 ? 31  ARG A NH1 1 
ATOM   230  N NH2 . ARG A 1 34  ? -12.094 -0.391  -10.384 1.00 52.83 ? 31  ARG A NH2 1 
ATOM   231  N N   . PRO A 1 35  ? -5.348  1.739   -10.974 1.00 28.99 ? 32  PRO A N   1 
ATOM   232  C CA  . PRO A 1 35  ? -5.220  3.068   -11.549 1.00 30.67 ? 32  PRO A CA  1 
ATOM   233  C C   . PRO A 1 35  ? -6.478  3.879   -11.307 1.00 33.71 ? 32  PRO A C   1 
ATOM   234  O O   . PRO A 1 35  ? -7.585  3.331   -11.297 1.00 34.86 ? 32  PRO A O   1 
ATOM   235  C CB  . PRO A 1 35  ? -5.089  2.798   -13.060 1.00 30.23 ? 32  PRO A CB  1 
ATOM   236  C CG  . PRO A 1 35  ? -5.741  1.502   -13.287 1.00 30.58 ? 32  PRO A CG  1 
ATOM   237  C CD  . PRO A 1 35  ? -5.665  0.705   -11.988 1.00 30.10 ? 32  PRO A CD  1 
ATOM   238  N N   . ILE A 1 36  ? -6.299  5.175   -11.079 1.00 35.54 ? 33  ILE A N   1 
ATOM   239  C CA  . ILE A 1 36  ? -7.413  6.128   -11.061 1.00 38.49 ? 33  ILE A CA  1 
ATOM   240  C C   . ILE A 1 36  ? -7.137  7.030   -12.261 1.00 39.41 ? 33  ILE A C   1 
ATOM   241  O O   . ILE A 1 36  ? -6.068  7.649   -12.343 1.00 39.51 ? 33  ILE A O   1 
ATOM   242  C CB  . ILE A 1 36  ? -7.467  6.977   -9.736  1.00 38.41 ? 33  ILE A CB  1 
ATOM   243  C CG1 . ILE A 1 36  ? -7.461  6.075   -8.483  1.00 38.69 ? 33  ILE A CG1 1 
ATOM   244  C CG2 . ILE A 1 36  ? -8.663  7.922   -9.763  1.00 39.55 ? 33  ILE A CG2 1 
ATOM   245  C CD1 . ILE A 1 36  ? -7.049  6.787   -7.265  1.00 41.72 ? 33  ILE A CD1 1 
ATOM   246  N N   . THR A 1 37  ? -8.066  7.080   -13.208 1.00 41.97 ? 34  THR A N   1 
ATOM   247  C CA  . THR A 1 37  ? -7.893  7.968   -14.378 1.00 43.95 ? 34  THR A CA  1 
ATOM   248  C C   . THR A 1 37  ? -8.208  9.413   -13.996 1.00 44.90 ? 34  THR A C   1 
ATOM   249  O O   . THR A 1 37  ? -8.905  9.670   -12.989 1.00 46.21 ? 34  THR A O   1 
ATOM   250  C CB  . THR A 1 37  ? -8.825  7.584   -15.525 1.00 44.21 ? 34  THR A CB  1 
ATOM   251  O OG1 . THR A 1 37  ? -10.179 7.830   -15.117 1.00 45.72 ? 34  THR A OG1 1 
ATOM   252  C CG2 . THR A 1 37  ? -8.646  6.099   -15.894 1.00 44.73 ? 34  THR A CG2 1 
ATOM   253  N N   . SER A 1 41  ? -4.168  13.431  -18.414 1.00 47.62 ? 38  SER A N   1 
ATOM   254  C CA  . SER A 1 41  ? -2.915  13.439  -17.644 1.00 47.61 ? 38  SER A CA  1 
ATOM   255  C C   . SER A 1 41  ? -2.560  12.011  -17.173 1.00 46.69 ? 38  SER A C   1 
ATOM   256  O O   . SER A 1 41  ? -3.394  11.098  -17.320 1.00 46.67 ? 38  SER A O   1 
ATOM   257  C CB  . SER A 1 41  ? -2.995  14.441  -16.481 1.00 48.02 ? 38  SER A CB  1 
ATOM   258  O OG  . SER A 1 41  ? -3.948  14.060  -15.489 1.00 50.47 ? 38  SER A OG  1 
ATOM   259  N N   . PRO A 1 42  ? -1.323  11.794  -16.649 1.00 45.48 ? 39  PRO A N   1 
ATOM   260  C CA  . PRO A 1 42  ? -0.982  10.393  -16.303 1.00 43.90 ? 39  PRO A CA  1 
ATOM   261  C C   . PRO A 1 42  ? -2.027  9.739   -15.369 1.00 42.03 ? 39  PRO A C   1 
ATOM   262  O O   . PRO A 1 42  ? -2.670  10.444  -14.581 1.00 41.68 ? 39  PRO A O   1 
ATOM   263  C CB  . PRO A 1 42  ? 0.400   10.508  -15.632 1.00 43.82 ? 39  PRO A CB  1 
ATOM   264  C CG  . PRO A 1 42  ? 0.992   11.793  -16.185 1.00 45.44 ? 39  PRO A CG  1 
ATOM   265  C CD  . PRO A 1 42  ? -0.200  12.724  -16.384 1.00 46.06 ? 39  PRO A CD  1 
ATOM   266  N N   . PRO A 1 43  ? -2.213  8.402   -15.469 1.00 40.66 ? 40  PRO A N   1 
ATOM   267  C CA  . PRO A 1 43  ? -3.073  7.724   -14.501 1.00 38.69 ? 40  PRO A CA  1 
ATOM   268  C C   . PRO A 1 43  ? -2.462  7.910   -13.111 1.00 36.10 ? 40  PRO A C   1 
ATOM   269  O O   . PRO A 1 43  ? -1.240  8.098   -13.018 1.00 36.42 ? 40  PRO A O   1 
ATOM   270  C CB  . PRO A 1 43  ? -2.991  6.258   -14.917 1.00 39.47 ? 40  PRO A CB  1 
ATOM   271  C CG  . PRO A 1 43  ? -1.739  6.153   -15.745 1.00 41.00 ? 40  PRO A CG  1 
ATOM   272  C CD  . PRO A 1 43  ? -1.610  7.462   -16.428 1.00 41.22 ? 40  PRO A CD  1 
ATOM   273  N N   . ARG A 1 44  ? -3.297  7.901   -12.070 1.00 33.21 ? 41  ARG A N   1 
ATOM   274  C CA  . ARG A 1 44  ? -2.809  7.938   -10.686 1.00 31.33 ? 41  ARG A CA  1 
ATOM   275  C C   . ARG A 1 44  ? -3.019  6.555   -10.139 1.00 29.79 ? 41  ARG A C   1 
ATOM   276  O O   . ARG A 1 44  ? -4.137  6.063   -10.174 1.00 30.83 ? 41  ARG A O   1 
ATOM   277  C CB  . ARG A 1 44  ? -3.663  8.837   -9.822  1.00 32.03 ? 41  ARG A CB  1 
ATOM   278  C CG  . ARG A 1 44  ? -3.171  10.176  -9.767  1.00 34.77 ? 41  ARG A CG  1 
ATOM   279  C CD  . ARG A 1 44  ? -1.970  10.256  -8.860  1.00 36.66 ? 41  ARG A CD  1 
ATOM   280  N NE  . ARG A 1 44  ? -1.637  11.646  -8.898  1.00 35.03 ? 41  ARG A NE  1 
ATOM   281  C CZ  . ARG A 1 44  ? -0.611  12.220  -8.314  1.00 31.88 ? 41  ARG A CZ  1 
ATOM   282  N NH1 . ARG A 1 44  ? 0.275   11.521  -7.583  1.00 27.38 ? 41  ARG A NH1 1 
ATOM   283  N NH2 . ARG A 1 44  ? -0.521  13.525  -8.459  1.00 28.99 ? 41  ARG A NH2 1 
ATOM   284  N N   . TYR A 1 45  ? -1.976  5.943   -9.609  1.00 26.28 ? 42  TYR A N   1 
ATOM   285  C CA  . TYR A 1 45  ? -2.140  4.619   -9.038  1.00 25.54 ? 42  TYR A CA  1 
ATOM   286  C C   . TYR A 1 45  ? -2.353  4.711   -7.531  1.00 23.75 ? 42  TYR A C   1 
ATOM   287  O O   . TYR A 1 45  ? -1.582  5.386   -6.831  1.00 22.35 ? 42  TYR A O   1 
ATOM   288  C CB  . TYR A 1 45  ? -0.881  3.816   -9.309  1.00 26.49 ? 42  TYR A CB  1 
ATOM   289  C CG  . TYR A 1 45  ? -0.755  3.505   -10.778 1.00 27.42 ? 42  TYR A CG  1 
ATOM   290  C CD1 . TYR A 1 45  ? -1.564  2.530   -11.351 1.00 29.42 ? 42  TYR A CD1 1 
ATOM   291  C CD2 . TYR A 1 45  ? 0.130   4.223   -11.594 1.00 29.27 ? 42  TYR A CD2 1 
ATOM   292  C CE1 . TYR A 1 45  ? -1.477  2.221   -12.713 1.00 31.47 ? 42  TYR A CE1 1 
ATOM   293  C CE2 . TYR A 1 45  ? 0.219   3.926   -12.965 1.00 30.58 ? 42  TYR A CE2 1 
ATOM   294  C CZ  . TYR A 1 45  ? -0.586  2.934   -13.498 1.00 30.73 ? 42  TYR A CZ  1 
ATOM   295  O OH  . TYR A 1 45  ? -0.494  2.615   -14.865 1.00 34.32 ? 42  TYR A OH  1 
ATOM   296  N N   . ARG A 1 46  ? -3.378  4.005   -7.078  1.00 21.37 ? 43  ARG A N   1 
ATOM   297  C CA  . ARG A 1 46  ? -3.644  3.827   -5.646  1.00 21.78 ? 43  ARG A CA  1 
ATOM   298  C C   . ARG A 1 46  ? -3.153  2.430   -5.230  1.00 21.36 ? 43  ARG A C   1 
ATOM   299  O O   . ARG A 1 46  ? -3.280  1.464   -5.997  1.00 20.69 ? 43  ARG A O   1 
ATOM   300  C CB  . ARG A 1 46  ? -5.142  3.922   -5.429  1.00 21.11 ? 43  ARG A CB  1 
ATOM   301  C CG  . ARG A 1 46  ? -5.578  3.651   -3.980  1.00 20.46 ? 43  ARG A CG  1 
ATOM   302  C CD  . ARG A 1 46  ? -7.047  4.068   -3.781  1.00 22.72 ? 43  ARG A CD  1 
ATOM   303  N NE  . ARG A 1 46  ? -7.494  3.709   -2.429  1.00 20.38 ? 43  ARG A NE  1 
ATOM   304  C CZ  . ARG A 1 46  ? -8.744  3.783   -1.959  1.00 20.93 ? 43  ARG A CZ  1 
ATOM   305  N NH1 . ARG A 1 46  ? -9.777  4.262   -2.736  1.00 20.99 ? 43  ARG A NH1 1 
ATOM   306  N NH2 . ARG A 1 46  ? -8.974  3.413   -0.683  1.00 19.58 ? 43  ARG A NH2 1 
ATOM   307  N N   . LEU A 1 47  ? -2.621  2.302   -4.007  1.00 19.90 ? 44  LEU A N   1 
ATOM   308  C CA  . LEU A 1 47  ? -2.017  1.020   -3.587  1.00 20.77 ? 44  LEU A CA  1 
ATOM   309  C C   . LEU A 1 47  ? -2.560  0.602   -2.237  1.00 18.81 ? 44  LEU A C   1 
ATOM   310  O O   . LEU A 1 47  ? -2.792  1.428   -1.350  1.00 19.29 ? 44  LEU A O   1 
ATOM   311  C CB  . LEU A 1 47  ? -0.487  1.031   -3.492  1.00 19.06 ? 44  LEU A CB  1 
ATOM   312  C CG  . LEU A 1 47  ? 0.251   1.273   -4.821  1.00 23.23 ? 44  LEU A CG  1 
ATOM   313  C CD1 . LEU A 1 47  ? 0.310   2.737   -5.066  1.00 28.47 ? 44  LEU A CD1 1 
ATOM   314  C CD2 . LEU A 1 47  ? 1.618   0.719   -4.723  1.00 24.19 ? 44  LEU A CD2 1 
ATOM   315  N N   . LEU A 1 48  ? -2.789  -0.706  -2.115  1.00 17.72 ? 45  LEU A N   1 
ATOM   316  C CA  . LEU A 1 48  ? -3.056  -1.327  -0.815  1.00 18.62 ? 45  LEU A CA  1 
ATOM   317  C C   . LEU A 1 48  ? -1.732  -1.987  -0.473  1.00 20.03 ? 45  LEU A C   1 
ATOM   318  O O   . LEU A 1 48  ? -1.283  -2.880  -1.168  1.00 20.22 ? 45  LEU A O   1 
ATOM   319  C CB  . LEU A 1 48  ? -4.197  -2.385  -0.965  1.00 18.48 ? 45  LEU A CB  1 
ATOM   320  C CG  . LEU A 1 48  ? -4.546  -3.246  0.254   1.00 22.05 ? 45  LEU A CG  1 
ATOM   321  C CD1 . LEU A 1 48  ? -5.248  -2.483  1.357   1.00 24.79 ? 45  LEU A CD1 1 
ATOM   322  C CD2 . LEU A 1 48  ? -5.454  -4.413  -0.206  1.00 23.25 ? 45  LEU A CD2 1 
ATOM   323  N N   . MET A 1 49  ? -1.092  -1.459  0.568   1.00 18.02 ? 46  MET A N   1 
ATOM   324  C CA  . MET A 1 49  ? 0.235   -1.952  0.957   1.00 18.87 ? 46  MET A CA  1 
ATOM   325  C C   . MET A 1 49  ? 0.167   -2.626  2.285   1.00 18.80 ? 46  MET A C   1 
ATOM   326  O O   . MET A 1 49  ? -0.698  -2.328  3.086   1.00 18.39 ? 46  MET A O   1 
ATOM   327  C CB  . MET A 1 49  ? 1.207   -0.767  1.168   1.00 20.11 ? 46  MET A CB  1 
ATOM   328  C CG  . MET A 1 49  ? 1.255   0.172   0.000   1.00 21.41 ? 46  MET A CG  1 
ATOM   329  S SD  . MET A 1 49  ? 2.062   -0.576  -1.399  1.00 26.63 ? 46  MET A SD  1 
ATOM   330  C CE  . MET A 1 49  ? 3.834   -0.617  -0.920  1.00 25.21 ? 46  MET A CE  1 
ATOM   331  N N   . SER A 1 50  ? 1.151   -3.486  2.550   1.00 17.67 ? 47  SER A N   1 
ATOM   332  C CA  . SER A 1 50  ? 1.252   -4.169  3.828   1.00 18.63 ? 47  SER A CA  1 
ATOM   333  C C   . SER A 1 50  ? 2.613   -3.945  4.509   1.00 17.85 ? 47  SER A C   1 
ATOM   334  O O   . SER A 1 50  ? 3.648   -3.913  3.842   1.00 18.03 ? 47  SER A O   1 
ATOM   335  C CB  . SER A 1 50  ? 1.150   -5.679  3.545   1.00 19.31 ? 47  SER A CB  1 
ATOM   336  O OG  . SER A 1 50  ? 1.482   -6.342  4.766   1.00 21.81 ? 47  SER A OG  1 
ATOM   337  N N   . ASP A 1 51  ? 2.627   -3.775  5.826   1.00 18.33 ? 48  ASP A N   1 
ATOM   338  C CA  . ASP A 1 51  ? 3.959   -3.784  6.486   1.00 19.56 ? 48  ASP A CA  1 
ATOM   339  C C   . ASP A 1 51  ? 4.115   -5.091  7.279   1.00 20.42 ? 48  ASP A C   1 
ATOM   340  O O   . ASP A 1 51  ? 4.922   -5.145  8.218   1.00 21.84 ? 48  ASP A O   1 
ATOM   341  C CB  . ASP A 1 51  ? 4.156   -2.572  7.432   1.00 19.00 ? 48  ASP A CB  1 
ATOM   342  C CG  . ASP A 1 51  ? 3.174   -2.576  8.631   1.00 20.28 ? 48  ASP A CG  1 
ATOM   343  O OD1 . ASP A 1 51  ? 2.382   -3.557  8.793   1.00 20.74 ? 48  ASP A OD1 1 
ATOM   344  O OD2 . ASP A 1 51  ? 3.141   -1.569  9.415   1.00 20.86 ? 48  ASP A OD2 1 
ATOM   345  N N   . GLY A 1 52  ? 3.281   -6.060  6.948   1.00 21.71 ? 49  GLY A N   1 
ATOM   346  C CA  . GLY A 1 52  ? 3.302   -7.374  7.625   1.00 22.93 ? 49  GLY A CA  1 
ATOM   347  C C   . GLY A 1 52  ? 2.343   -7.483  8.791   1.00 24.45 ? 49  GLY A C   1 
ATOM   348  O O   . GLY A 1 52  ? 1.799   -8.558  9.060   1.00 26.02 ? 49  GLY A O   1 
ATOM   349  N N   . LEU A 1 53  ? 2.154   -6.376  9.482   1.00 23.43 ? 50  LEU A N   1 
ATOM   350  C CA  . LEU A 1 53  ? 1.217   -6.275  10.579  1.00 24.65 ? 50  LEU A CA  1 
ATOM   351  C C   . LEU A 1 53  ? -0.142  -5.749  10.110  1.00 24.66 ? 50  LEU A C   1 
ATOM   352  O O   . LEU A 1 53  ? -1.210  -6.403  10.316  1.00 22.72 ? 50  LEU A O   1 
ATOM   353  C CB  . LEU A 1 53  ? 1.823   -5.364  11.646  1.00 25.23 ? 50  LEU A CB  1 
ATOM   354  C CG  . LEU A 1 53  ? 0.966   -5.106  12.864  1.00 26.92 ? 50  LEU A CG  1 
ATOM   355  C CD1 . LEU A 1 53  ? 0.805   -6.399  13.645  1.00 30.95 ? 50  LEU A CD1 1 
ATOM   356  C CD2 . LEU A 1 53  ? 1.604   -4.032  13.766  1.00 26.42 ? 50  LEU A CD2 1 
ATOM   357  N N   . ASN A 1 54  ? -0.102  -4.574  9.471   1.00 22.45 ? 51  ASN A N   1 
ATOM   358  C CA  . ASN A 1 54  ? -1.310  -3.952  8.922   1.00 21.69 ? 51  ASN A CA  1 
ATOM   359  C C   . ASN A 1 54  ? -1.264  -3.789  7.406   1.00 21.95 ? 51  ASN A C   1 
ATOM   360  O O   . ASN A 1 54  ? -0.196  -3.726  6.822   1.00 18.83 ? 51  ASN A O   1 
ATOM   361  C CB  . ASN A 1 54  ? -1.487  -2.571  9.494   1.00 22.23 ? 51  ASN A CB  1 
ATOM   362  C CG  . ASN A 1 54  ? -1.737  -2.581  10.995  1.00 22.11 ? 51  ASN A CG  1 
ATOM   363  O OD1 . ASN A 1 54  ? -1.010  -1.972  11.752  1.00 24.33 ? 51  ASN A OD1 1 
ATOM   364  N ND2 . ASN A 1 54  ? -2.763  -3.307  11.427  1.00 24.03 ? 51  ASN A ND2 1 
ATOM   365  N N   . THR A 1 55  ? -2.444  -3.718  6.792   1.00 20.86 ? 52  THR A N   1 
ATOM   366  C CA  . THR A 1 55  ? -2.575  -3.154  5.425   1.00 21.48 ? 52  THR A CA  1 
ATOM   367  C C   . THR A 1 55  ? -3.243  -1.771  5.488   1.00 20.71 ? 52  THR A C   1 
ATOM   368  O O   . THR A 1 55  ? -3.883  -1.406  6.468   1.00 21.04 ? 52  THR A O   1 
ATOM   369  C CB  . THR A 1 55  ? -3.453  -4.026  4.569   1.00 23.33 ? 52  THR A CB  1 
ATOM   370  O OG1 . THR A 1 55  ? -4.747  -4.104  5.174   1.00 23.28 ? 52  THR A OG1 1 
ATOM   371  C CG2 . THR A 1 55  ? -2.858  -5.429  4.448   1.00 23.92 ? 52  THR A CG2 1 
ATOM   372  N N   . LEU A 1 56  ? -3.023  -0.990  4.431   1.00 19.24 ? 53  LEU A N   1 
ATOM   373  C CA  . LEU A 1 56  ? -3.639  0.341   4.368   1.00 19.19 ? 53  LEU A CA  1 
ATOM   374  C C   . LEU A 1 56  ? -3.819  0.682   2.906   1.00 17.67 ? 53  LEU A C   1 
ATOM   375  O O   . LEU A 1 56  ? -2.898  0.413   2.128   1.00 17.77 ? 53  LEU A O   1 
ATOM   376  C CB  . LEU A 1 56  ? -2.698  1.401   4.994   1.00 20.93 ? 53  LEU A CB  1 
ATOM   377  C CG  . LEU A 1 56  ? -3.249  2.825   5.063   1.00 25.77 ? 53  LEU A CG  1 
ATOM   378  C CD1 . LEU A 1 56  ? -4.324  3.014   6.128   1.00 27.53 ? 53  LEU A CD1 1 
ATOM   379  C CD2 . LEU A 1 56  ? -2.077  3.779   5.337   1.00 26.95 ? 53  LEU A CD2 1 
ATOM   380  N N   . SER A 1 57  ? -4.979  1.241   2.562   1.00 18.57 ? 54  SER A N   1 
ATOM   381  C CA  . SER A 1 57  ? -5.306  1.445   1.159   1.00 18.56 ? 54  SER A CA  1 
ATOM   382  C C   . SER A 1 57  ? -5.167  2.912   0.713   1.00 17.95 ? 54  SER A C   1 
ATOM   383  O O   . SER A 1 57  ? -5.626  3.263   -0.392  1.00 19.64 ? 54  SER A O   1 
ATOM   384  C CB  . SER A 1 57  ? -6.739  0.916   0.810   1.00 19.84 ? 54  SER A CB  1 
ATOM   385  O OG  . SER A 1 57  ? -7.737  1.730   1.373   1.00 22.28 ? 54  SER A OG  1 
ATOM   386  N N   . SER A 1 58  ? -4.632  3.771   1.583   1.00 19.33 ? 55  SER A N   1 
ATOM   387  C CA  . SER A 1 58  ? -4.562  5.202   1.264   1.00 19.92 ? 55  SER A CA  1 
ATOM   388  C C   . SER A 1 58  ? -3.173  5.573   0.753   1.00 19.09 ? 55  SER A C   1 
ATOM   389  O O   . SER A 1 58  ? -2.772  6.741   0.886   1.00 19.17 ? 55  SER A O   1 
ATOM   390  C CB  . SER A 1 58  ? -4.873  6.068   2.489   1.00 20.03 ? 55  SER A CB  1 
ATOM   391  O OG  . SER A 1 58  ? -4.025  5.710   3.545   1.00 21.07 ? 55  SER A OG  1 
ATOM   392  N N   . PHE A 1 59  ? -2.432  4.603   0.209   1.00 19.19 ? 56  PHE A N   1 
ATOM   393  C CA  . PHE A 1 59  ? -1.136  4.945   -0.491  1.00 17.46 ? 56  PHE A CA  1 
ATOM   394  C C   . PHE A 1 59  ? -1.434  5.358   -1.945  1.00 18.06 ? 56  PHE A C   1 
ATOM   395  O O   . PHE A 1 59  ? -2.285  4.745   -2.633  1.00 19.99 ? 56  PHE A O   1 
ATOM   396  C CB  . PHE A 1 59  ? -0.191  3.745   -0.512  1.00 16.47 ? 56  PHE A CB  1 
ATOM   397  C CG  . PHE A 1 59  ? 0.421   3.452   0.809   1.00 17.23 ? 56  PHE A CG  1 
ATOM   398  C CD1 . PHE A 1 59  ? 1.634   3.978   1.153   1.00 20.81 ? 56  PHE A CD1 1 
ATOM   399  C CD2 . PHE A 1 59  ? -0.234  2.628   1.715   1.00 22.70 ? 56  PHE A CD2 1 
ATOM   400  C CE1 . PHE A 1 59  ? 2.230   3.679   2.398   1.00 21.48 ? 56  PHE A CE1 1 
ATOM   401  C CE2 . PHE A 1 59  ? 0.351   2.331   2.963   1.00 25.63 ? 56  PHE A CE2 1 
ATOM   402  C CZ  . PHE A 1 59  ? 1.558   2.830   3.294   1.00 19.58 ? 56  PHE A CZ  1 
ATOM   403  N N   . MET A 1 60  ? -0.707  6.381   -2.413  1.00 18.74 ? 57  MET A N   1 
ATOM   404  C CA  . MET A 1 60  ? -0.830  6.829   -3.801  1.00 19.37 ? 57  MET A CA  1 
ATOM   405  C C   . MET A 1 60  ? 0.596   6.930   -4.359  1.00 20.98 ? 57  MET A C   1 
ATOM   406  O O   . MET A 1 60  ? 1.549   7.194   -3.627  1.00 20.19 ? 57  MET A O   1 
ATOM   407  C CB  . MET A 1 60  ? -1.492  8.217   -3.907  1.00 20.55 ? 57  MET A CB  1 
ATOM   408  C CG  . MET A 1 60  ? -2.871  8.221   -3.366  1.00 21.92 ? 57  MET A CG  1 
ATOM   409  S SD  . MET A 1 60  ? -4.086  7.336   -4.395  1.00 25.94 ? 57  MET A SD  1 
ATOM   410  C CE  . MET A 1 60  ? -3.735  7.925   -6.021  1.00 28.23 ? 57  MET A CE  1 
ATOM   411  N N   . LEU A 1 61  ? 0.723   6.730   -5.669  1.00 21.13 ? 58  LEU A N   1 
ATOM   412  C CA  . LEU A 1 61  ? 2.048   6.807   -6.296  1.00 22.86 ? 58  LEU A CA  1 
ATOM   413  C C   . LEU A 1 61  ? 2.233   8.197   -6.946  1.00 23.76 ? 58  LEU A C   1 
ATOM   414  O O   . LEU A 1 61  ? 1.307   8.666   -7.610  1.00 23.19 ? 58  LEU A O   1 
ATOM   415  C CB  . LEU A 1 61  ? 2.145   5.743   -7.390  1.00 23.93 ? 58  LEU A CB  1 
ATOM   416  C CG  . LEU A 1 61  ? 3.491   5.135   -7.719  1.00 29.90 ? 58  LEU A CG  1 
ATOM   417  C CD1 . LEU A 1 61  ? 4.099   4.407   -6.469  1.00 28.70 ? 58  LEU A CD1 1 
ATOM   418  C CD2 . LEU A 1 61  ? 3.270   4.182   -8.880  1.00 28.79 ? 58  LEU A CD2 1 
ATOM   419  N N   . ALA A 1 62  ? 3.374   8.839   -6.705  1.00 24.46 ? 59  ALA A N   1 
ATOM   420  C CA  . ALA A 1 62  ? 3.706   10.079  -7.461  1.00 25.64 ? 59  ALA A CA  1 
ATOM   421  C C   . ALA A 1 62  ? 3.808   9.636   -8.927  1.00 26.83 ? 59  ALA A C   1 
ATOM   422  O O   . ALA A 1 62  ? 4.149   8.510   -9.184  1.00 25.69 ? 59  ALA A O   1 
ATOM   423  C CB  . ALA A 1 62  ? 5.005   10.687  -6.959  1.00 26.22 ? 59  ALA A CB  1 
ATOM   424  N N   . THR A 1 63  ? 3.474   10.496  -9.897  1.00 27.94 ? 60  THR A N   1 
ATOM   425  C CA  . THR A 1 63  ? 3.398   9.976   -11.268 1.00 29.98 ? 60  THR A CA  1 
ATOM   426  C C   . THR A 1 63  ? 4.758   9.626   -11.910 1.00 29.03 ? 60  THR A C   1 
ATOM   427  O O   . THR A 1 63  ? 4.791   8.824   -12.840 1.00 30.25 ? 60  THR A O   1 
ATOM   428  C CB  . THR A 1 63  ? 2.532   10.848  -12.205 1.00 30.90 ? 60  THR A CB  1 
ATOM   429  O OG1 . THR A 1 63  ? 2.996   12.184  -12.143 1.00 33.21 ? 60  THR A OG1 1 
ATOM   430  C CG2 . THR A 1 63  ? 1.067   10.829  -11.791 1.00 30.90 ? 60  THR A CG2 1 
ATOM   431  N N   . GLN A 1 64  ? 5.852   10.193  -11.399 1.00 30.72 ? 61  GLN A N   1 
ATOM   432  C CA  . GLN A 1 64  ? 7.191   9.781   -11.874 1.00 31.48 ? 61  GLN A CA  1 
ATOM   433  C C   . GLN A 1 64  ? 7.452   8.298   -11.632 1.00 32.68 ? 61  GLN A C   1 
ATOM   434  O O   . GLN A 1 64  ? 8.340   7.704   -12.277 1.00 33.30 ? 61  GLN A O   1 
ATOM   435  C CB  . GLN A 1 64  ? 8.332   10.601  -11.275 1.00 31.60 ? 61  GLN A CB  1 
ATOM   436  C CG  . GLN A 1 64  ? 8.502   10.562  -9.769  1.00 31.76 ? 61  GLN A CG  1 
ATOM   437  C CD  . GLN A 1 64  ? 7.718   11.645  -9.081  1.00 32.29 ? 61  GLN A CD  1 
ATOM   438  O OE1 . GLN A 1 64  ? 6.648   12.057  -9.573  1.00 33.58 ? 61  GLN A OE1 1 
ATOM   439  N NE2 . GLN A 1 64  ? 8.220   12.099  -7.922  1.00 30.86 ? 61  GLN A NE2 1 
ATOM   440  N N   . LEU A 1 65  ? 6.713   7.706   -10.689 1.00 30.99 ? 62  LEU A N   1 
ATOM   441  C CA  . LEU A 1 65  ? 6.894   6.272   -10.404 1.00 30.57 ? 62  LEU A CA  1 
ATOM   442  C C   . LEU A 1 65  ? 6.029   5.371   -11.277 1.00 30.44 ? 62  LEU A C   1 
ATOM   443  O O   . LEU A 1 65  ? 6.206   4.138   -11.281 1.00 29.12 ? 62  LEU A O   1 
ATOM   444  C CB  . LEU A 1 65  ? 6.709   5.980   -8.906  1.00 29.44 ? 62  LEU A CB  1 
ATOM   445  C CG  . LEU A 1 65  ? 7.644   6.732   -7.963  1.00 32.07 ? 62  LEU A CG  1 
ATOM   446  C CD1 . LEU A 1 65  ? 7.447   6.305   -6.519  1.00 29.02 ? 62  LEU A CD1 1 
ATOM   447  C CD2 . LEU A 1 65  ? 9.123   6.561   -8.380  1.00 35.50 ? 62  LEU A CD2 1 
ATOM   448  N N   . ASN A 1 66  ? 5.112   5.976   -12.041 1.00 31.65 ? 63  ASN A N   1 
ATOM   449  C CA  . ASN A 1 66  ? 4.277   5.207   -12.969 1.00 32.26 ? 63  ASN A CA  1 
ATOM   450  C C   . ASN A 1 66  ? 5.053   4.217   -13.868 1.00 33.09 ? 63  ASN A C   1 
ATOM   451  O O   . ASN A 1 66  ? 4.574   3.124   -14.072 1.00 33.23 ? 63  ASN A O   1 
ATOM   452  C CB  . ASN A 1 66  ? 3.385   6.101   -13.858 1.00 32.20 ? 63  ASN A CB  1 
ATOM   453  C CG  . ASN A 1 66  ? 2.282   6.822   -13.077 1.00 35.06 ? 63  ASN A CG  1 
ATOM   454  O OD1 . ASN A 1 66  ? 2.219   6.796   -11.834 1.00 30.73 ? 63  ASN A OD1 1 
ATOM   455  N ND2 . ASN A 1 66  ? 1.424   7.515   -13.813 1.00 36.12 ? 63  ASN A ND2 1 
ATOM   456  N N   . PRO A 1 67  ? 6.246   4.605   -14.391 1.00 34.15 ? 64  PRO A N   1 
ATOM   457  C CA  . PRO A 1 67  ? 7.002   3.614   -15.216 1.00 34.98 ? 64  PRO A CA  1 
ATOM   458  C C   . PRO A 1 67  ? 7.338   2.314   -14.457 1.00 35.07 ? 64  PRO A C   1 
ATOM   459  O O   . PRO A 1 67  ? 7.409   1.248   -15.063 1.00 35.08 ? 64  PRO A O   1 
ATOM   460  C CB  . PRO A 1 67  ? 8.285   4.363   -15.611 1.00 36.11 ? 64  PRO A CB  1 
ATOM   461  C CG  . PRO A 1 67  ? 7.958   5.821   -15.474 1.00 35.83 ? 64  PRO A CG  1 
ATOM   462  C CD  . PRO A 1 67  ? 6.955   5.901   -14.316 1.00 34.45 ? 64  PRO A CD  1 
ATOM   463  N N   . LEU A 1 68  ? 7.513   2.377   -13.135 1.00 34.38 ? 65  LEU A N   1 
ATOM   464  C CA  . LEU A 1 68  ? 7.733   1.131   -12.391 1.00 33.51 ? 65  LEU A CA  1 
ATOM   465  C C   . LEU A 1 68  ? 6.523   0.190   -12.472 1.00 33.56 ? 65  LEU A C   1 
ATOM   466  O O   . LEU A 1 68  ? 6.678   -1.049  -12.458 1.00 34.40 ? 65  LEU A O   1 
ATOM   467  C CB  . LEU A 1 68  ? 8.046   1.432   -10.936 1.00 33.33 ? 65  LEU A CB  1 
ATOM   468  C CG  . LEU A 1 68  ? 9.289   2.263   -10.592 1.00 33.37 ? 65  LEU A CG  1 
ATOM   469  C CD1 . LEU A 1 68  ? 9.394   2.364   -9.101  1.00 34.71 ? 65  LEU A CD1 1 
ATOM   470  C CD2 . LEU A 1 68  ? 10.590  1.709   -11.158 1.00 36.24 ? 65  LEU A CD2 1 
ATOM   471  N N   . VAL A 1 69  ? 5.321   0.765   -12.519 1.00 33.67 ? 66  VAL A N   1 
ATOM   472  C CA  . VAL A 1 69  ? 4.076   -0.029  -12.551 1.00 34.14 ? 66  VAL A CA  1 
ATOM   473  C C   . VAL A 1 69  ? 3.886   -0.526  -13.970 1.00 36.62 ? 66  VAL A C   1 
ATOM   474  O O   . VAL A 1 69  ? 3.535   -1.688  -14.194 1.00 35.15 ? 66  VAL A O   1 
ATOM   475  C CB  . VAL A 1 69  ? 2.828   0.812   -12.193 1.00 34.90 ? 66  VAL A CB  1 
ATOM   476  C CG1 . VAL A 1 69  ? 1.542   0.022   -12.431 1.00 32.28 ? 66  VAL A CG1 1 
ATOM   477  C CG2 . VAL A 1 69  ? 2.894   1.255   -10.741 1.00 31.81 ? 66  VAL A CG2 1 
ATOM   478  N N   . GLU A 1 70  ? 4.107   0.394   -14.908 1.00 38.30 ? 67  GLU A N   1 
ATOM   479  C CA  . GLU A 1 70  ? 3.855   0.123   -16.317 1.00 42.21 ? 67  GLU A CA  1 
ATOM   480  C C   . GLU A 1 70  ? 4.829   -0.922  -16.875 1.00 43.38 ? 67  GLU A C   1 
ATOM   481  O O   . GLU A 1 70  ? 4.430   -1.777  -17.680 1.00 45.03 ? 67  GLU A O   1 
ATOM   482  C CB  . GLU A 1 70  ? 3.814   1.437   -17.092 1.00 42.23 ? 67  GLU A CB  1 
ATOM   483  C CG  . GLU A 1 70  ? 2.420   2.108   -16.942 1.00 45.87 ? 67  GLU A CG  1 
ATOM   484  C CD  . GLU A 1 70  ? 2.430   3.633   -17.037 1.00 50.32 ? 67  GLU A CD  1 
ATOM   485  O OE1 . GLU A 1 70  ? 3.431   4.208   -17.556 1.00 50.60 ? 67  GLU A OE1 1 
ATOM   486  O OE2 . GLU A 1 70  ? 1.418   4.245   -16.583 1.00 50.34 ? 67  GLU A OE2 1 
ATOM   487  N N   . GLU A 1 71  ? 6.071   -0.911  -16.385 1.00 43.96 ? 68  GLU A N   1 
ATOM   488  C CA  . GLU A 1 71  ? 7.072   -1.930  -16.751 1.00 43.71 ? 68  GLU A CA  1 
ATOM   489  C C   . GLU A 1 71  ? 7.022   -3.198  -15.878 1.00 43.05 ? 68  GLU A C   1 
ATOM   490  O O   . GLU A 1 71  ? 7.882   -4.094  -16.011 1.00 43.65 ? 68  GLU A O   1 
ATOM   491  C CB  . GLU A 1 71  ? 8.465   -1.306  -16.756 1.00 44.87 ? 68  GLU A CB  1 
ATOM   492  C CG  . GLU A 1 71  ? 8.607   -0.185  -17.798 1.00 47.73 ? 68  GLU A CG  1 
ATOM   493  C CD  . GLU A 1 71  ? 9.713   0.813   -17.481 1.00 52.27 ? 68  GLU A CD  1 
ATOM   494  O OE1 . GLU A 1 71  ? 10.593  0.484   -16.643 1.00 54.25 ? 68  GLU A OE1 1 
ATOM   495  O OE2 . GLU A 1 71  ? 9.700   1.926   -18.073 1.00 52.58 ? 68  GLU A OE2 1 
ATOM   496  N N   . GLU A 1 72  ? 6.011   -3.277  -15.006 1.00 40.56 ? 69  GLU A N   1 
ATOM   497  C CA  . GLU A 1 72  ? 5.738   -4.450  -14.166 1.00 39.69 ? 69  GLU A CA  1 
ATOM   498  C C   . GLU A 1 72  ? 6.807   -4.735  -13.081 1.00 37.73 ? 69  GLU A C   1 
ATOM   499  O O   . GLU A 1 72  ? 6.877   -5.850  -12.548 1.00 37.56 ? 69  GLU A O   1 
ATOM   500  C CB  . GLU A 1 72  ? 5.428   -5.694  -15.014 1.00 40.12 ? 69  GLU A CB  1 
ATOM   501  C CG  . GLU A 1 72  ? 4.249   -5.523  -15.985 1.00 43.55 ? 69  GLU A CG  1 
ATOM   502  C CD  . GLU A 1 72  ? 2.859   -5.351  -15.295 1.00 46.39 ? 69  GLU A CD  1 
ATOM   503  O OE1 . GLU A 1 72  ? 2.619   -5.900  -14.172 1.00 44.74 ? 69  GLU A OE1 1 
ATOM   504  O OE2 . GLU A 1 72  ? 1.979   -4.682  -15.920 1.00 49.46 ? 69  GLU A OE2 1 
ATOM   505  N N   . GLN A 1 73  ? 7.618   -3.736  -12.749 1.00 35.00 ? 70  GLN A N   1 
ATOM   506  C CA  . GLN A 1 73  ? 8.564   -3.880  -11.629 1.00 34.51 ? 70  GLN A CA  1 
ATOM   507  C C   . GLN A 1 73  ? 7.839   -3.800  -10.291 1.00 32.91 ? 70  GLN A C   1 
ATOM   508  O O   . GLN A 1 73  ? 8.108   -4.581  -9.370  1.00 32.70 ? 70  GLN A O   1 
ATOM   509  C CB  . GLN A 1 73  ? 9.687   -2.846  -11.693 1.00 34.82 ? 70  GLN A CB  1 
ATOM   510  C CG  . GLN A 1 73  ? 10.634  -3.070  -12.886 1.00 40.69 ? 70  GLN A CG  1 
ATOM   511  C CD  . GLN A 1 73  ? 11.262  -1.778  -13.374 1.00 47.83 ? 70  GLN A CD  1 
ATOM   512  O OE1 . GLN A 1 73  ? 12.259  -1.291  -12.811 1.00 51.28 ? 70  GLN A OE1 1 
ATOM   513  N NE2 . GLN A 1 73  ? 10.672  -1.200  -14.429 1.00 49.42 ? 70  GLN A NE2 1 
ATOM   514  N N   . LEU A 1 74  ? 6.940   -2.822  -10.196 1.00 30.55 ? 71  LEU A N   1 
ATOM   515  C CA  . LEU A 1 74  ? 6.103   -2.652  -8.997  1.00 29.40 ? 71  LEU A CA  1 
ATOM   516  C C   . LEU A 1 74  ? 4.781   -3.319  -9.304  1.00 28.78 ? 71  LEU A C   1 
ATOM   517  O O   . LEU A 1 74  ? 4.030   -2.851  -10.164 1.00 28.45 ? 71  LEU A O   1 
ATOM   518  C CB  . LEU A 1 74  ? 5.956   -1.159  -8.655  1.00 28.63 ? 71  LEU A CB  1 
ATOM   519  C CG  . LEU A 1 74  ? 5.206   -0.761  -7.371  1.00 29.98 ? 71  LEU A CG  1 
ATOM   520  C CD1 . LEU A 1 74  ? 6.026   -1.057  -6.135  1.00 28.47 ? 71  LEU A CD1 1 
ATOM   521  C CD2 . LEU A 1 74  ? 4.819   0.694   -7.406  1.00 29.46 ? 71  LEU A CD2 1 
ATOM   522  N N   . SER A 1 75  ? 4.497   -4.442  -8.650  1.00 27.41 ? 72  SER A N   1 
ATOM   523  C CA  . SER A 1 75  ? 3.266   -5.180  -8.915  1.00 27.32 ? 72  SER A CA  1 
ATOM   524  C C   . SER A 1 75  ? 2.866   -5.942  -7.662  1.00 26.09 ? 72  SER A C   1 
ATOM   525  O O   . SER A 1 75  ? 3.675   -6.053  -6.725  1.00 24.44 ? 72  SER A O   1 
ATOM   526  C CB  . SER A 1 75  ? 3.427   -6.153  -10.099 1.00 28.36 ? 72  SER A CB  1 
ATOM   527  O OG  . SER A 1 75  ? 4.332   -7.178  -9.731  1.00 32.60 ? 72  SER A OG  1 
ATOM   528  N N   . SER A 1 76  ? 1.633   -6.445  -7.647  1.00 25.60 ? 73  SER A N   1 
ATOM   529  C CA  . SER A 1 76  ? 1.097   -7.130  -6.486  1.00 25.57 ? 73  SER A CA  1 
ATOM   530  C C   . SER A 1 76  ? 2.034   -8.240  -6.039  1.00 26.16 ? 73  SER A C   1 
ATOM   531  O O   . SER A 1 76  ? 2.519   -9.033  -6.857  1.00 26.77 ? 73  SER A O   1 
ATOM   532  C CB  . SER A 1 76  ? -0.292  -7.680  -6.735  1.00 26.21 ? 73  SER A CB  1 
ATOM   533  O OG  . SER A 1 76  ? -1.142  -6.592  -7.088  1.00 29.47 ? 73  SER A OG  1 
ATOM   534  N N   . ASN A 1 77  ? 2.280   -8.239  -4.739  1.00 24.12 ? 74  ASN A N   1 
ATOM   535  C CA  . ASN A 1 77  ? 3.166   -9.131  -3.998  1.00 25.86 ? 74  ASN A CA  1 
ATOM   536  C C   . ASN A 1 77  ? 4.655   -8.755  -3.941  1.00 24.14 ? 74  ASN A C   1 
ATOM   537  O O   . ASN A 1 77  ? 5.452   -9.375  -3.192  1.00 25.11 ? 74  ASN A O   1 
ATOM   538  C CB  . ASN A 1 77  ? 2.951   -10.591 -4.410  1.00 25.52 ? 74  ASN A CB  1 
ATOM   539  C CG  . ASN A 1 77  ? 1.576   -11.093 -4.004  1.00 29.52 ? 74  ASN A CG  1 
ATOM   540  O OD1 . ASN A 1 77  ? 0.965   -10.602 -3.072  1.00 27.66 ? 74  ASN A OD1 1 
ATOM   541  N ND2 . ASN A 1 77  ? 1.087   -12.114 -4.722  1.00 35.53 ? 74  ASN A ND2 1 
ATOM   542  N N   . CYS A 1 78  ? 5.056   -7.774  -4.731  1.00 24.01 ? 75  CYS A N   1 
ATOM   543  C CA  . CYS A 1 78  ? 6.455   -7.369  -4.675  1.00 24.21 ? 75  CYS A CA  1 
ATOM   544  C C   . CYS A 1 78  ? 6.730   -6.641  -3.342  1.00 24.20 ? 75  CYS A C   1 
ATOM   545  O O   . CYS A 1 78  ? 5.816   -6.202  -2.688  1.00 23.92 ? 75  CYS A O   1 
ATOM   546  C CB  . CYS A 1 78  ? 6.888   -6.530  -5.861  1.00 25.14 ? 75  CYS A CB  1 
ATOM   547  S SG  . CYS A 1 78  ? 6.514   -4.782  -5.625  1.00 25.28 ? 75  CYS A SG  1 
ATOM   548  N N   . VAL A 1 79  ? 8.011   -6.616  -2.953  1.00 24.69 ? 76  VAL A N   1 
ATOM   549  C CA  . VAL A 1 79  ? 8.468   -5.975  -1.725  1.00 22.77 ? 76  VAL A CA  1 
ATOM   550  C C   . VAL A 1 79  ? 9.333   -4.826  -2.180  1.00 23.77 ? 76  VAL A C   1 
ATOM   551  O O   . VAL A 1 79  ? 10.216  -4.982  -3.042  1.00 23.56 ? 76  VAL A O   1 
ATOM   552  C CB  . VAL A 1 79  ? 9.274   -6.991  -0.819  1.00 22.81 ? 76  VAL A CB  1 
ATOM   553  C CG1 . VAL A 1 79  ? 10.040  -6.276  0.283   1.00 22.30 ? 76  VAL A CG1 1 
ATOM   554  C CG2 . VAL A 1 79  ? 8.329   -8.064  -0.274  1.00 22.72 ? 76  VAL A CG2 1 
ATOM   555  N N   . CYS A 1 80  ? 9.085   -3.655  -1.598  1.00 22.75 ? 77  CYS A N   1 
ATOM   556  C CA  . CYS A 1 80  ? 9.776   -2.453  -2.014  1.00 22.94 ? 77  CYS A CA  1 
ATOM   557  C C   . CYS A 1 80  ? 10.137  -1.676  -0.766  1.00 22.74 ? 77  CYS A C   1 
ATOM   558  O O   . CYS A 1 80  ? 9.535   -1.885  0.283   1.00 22.34 ? 77  CYS A O   1 
ATOM   559  C CB  . CYS A 1 80  ? 8.943   -1.604  -2.973  1.00 24.17 ? 77  CYS A CB  1 
ATOM   560  S SG  . CYS A 1 80  ? 7.297   -1.127  -2.207  1.00 26.91 ? 77  CYS A SG  1 
ATOM   561  N N   . GLN A 1 81  ? 11.149  -0.825  -0.877  1.00 19.91 ? 78  GLN A N   1 
ATOM   562  C CA  . GLN A 1 81  ? 11.520  0.077   0.190   1.00 19.31 ? 78  GLN A CA  1 
ATOM   563  C C   . GLN A 1 81  ? 11.136  1.473   -0.218  1.00 20.77 ? 78  GLN A C   1 
ATOM   564  O O   . GLN A 1 81  ? 11.481  1.925   -1.315  1.00 19.55 ? 78  GLN A O   1 
ATOM   565  C CB  . GLN A 1 81  ? 13.045  0.066   0.445   1.00 20.21 ? 78  GLN A CB  1 
ATOM   566  C CG  . GLN A 1 81  ? 13.374  0.889   1.625   1.00 20.40 ? 78  GLN A CG  1 
ATOM   567  C CD  . GLN A 1 81  ? 14.787  0.689   2.100   1.00 29.66 ? 78  GLN A CD  1 
ATOM   568  O OE1 . GLN A 1 81  ? 15.637  0.156   1.360   1.00 31.09 ? 78  GLN A OE1 1 
ATOM   569  N NE2 . GLN A 1 81  ? 15.037  1.051   3.324   1.00 24.12 ? 78  GLN A NE2 1 
ATOM   570  N N   . ILE A 1 82  ? 10.477  2.171   0.698   1.00 18.51 ? 79  ILE A N   1 
ATOM   571  C CA  . ILE A 1 82  ? 10.085  3.555   0.402   1.00 20.10 ? 79  ILE A CA  1 
ATOM   572  C C   . ILE A 1 82  ? 11.210  4.481   0.786   1.00 19.94 ? 79  ILE A C   1 
ATOM   573  O O   . ILE A 1 82  ? 11.684  4.481   1.932   1.00 20.06 ? 79  ILE A O   1 
ATOM   574  C CB  . ILE A 1 82  ? 8.832   3.946   1.163   1.00 20.20 ? 79  ILE A CB  1 
ATOM   575  C CG1 . ILE A 1 82  ? 7.686   2.938   0.873   1.00 20.39 ? 79  ILE A CG1 1 
ATOM   576  C CG2 . ILE A 1 82  ? 8.367   5.338   0.734   1.00 21.58 ? 79  ILE A CG2 1 
ATOM   577  C CD1 . ILE A 1 82  ? 7.459   2.579   -0.549  1.00 19.64 ? 79  ILE A CD1 1 
ATOM   578  N N   . HIS A 1 83  ? 11.683  5.252   -0.194  1.00 21.57 ? 80  HIS A N   1 
ATOM   579  C CA  . HIS A 1 83  ? 12.775  6.194   0.075   1.00 21.27 ? 80  HIS A CA  1 
ATOM   580  C C   . HIS A 1 83  ? 12.364  7.659   0.338   1.00 22.62 ? 80  HIS A C   1 
ATOM   581  O O   . HIS A 1 83  ? 13.063  8.412   1.050   1.00 22.67 ? 80  HIS A O   1 
ATOM   582  C CB  . HIS A 1 83  ? 13.871  6.129   -0.992  1.00 23.05 ? 80  HIS A CB  1 
ATOM   583  C CG  . HIS A 1 83  ? 14.668  4.875   -0.895  1.00 26.36 ? 80  HIS A CG  1 
ATOM   584  N ND1 . HIS A 1 83  ? 15.732  4.746   -0.024  1.00 31.08 ? 80  HIS A ND1 1 
ATOM   585  C CD2 . HIS A 1 83  ? 14.530  3.685   -1.509  1.00 29.80 ? 80  HIS A CD2 1 
ATOM   586  C CE1 . HIS A 1 83  ? 16.225  3.525   -0.135  1.00 30.88 ? 80  HIS A CE1 1 
ATOM   587  N NE2 . HIS A 1 83  ? 15.518  2.868   -1.033  1.00 29.47 ? 80  HIS A NE2 1 
ATOM   588  N N   . ARG A 1 84  ? 11.209  8.041   -0.198  1.00 22.36 ? 81  ARG A N   1 
ATOM   589  C CA  . ARG A 1 84  ? 10.715  9.375   0.057   1.00 22.57 ? 81  ARG A CA  1 
ATOM   590  C C   . ARG A 1 84  ? 9.205   9.341   -0.091  1.00 21.40 ? 81  ARG A C   1 
ATOM   591  O O   . ARG A 1 84  ? 8.684   8.769   -1.066  1.00 21.33 ? 81  ARG A O   1 
ATOM   592  C CB  . ARG A 1 84  ? 11.286  10.379  -0.971  1.00 23.73 ? 81  ARG A CB  1 
ATOM   593  C CG  . ARG A 1 84  ? 10.984  11.841  -0.644  1.00 26.14 ? 81  ARG A CG  1 
ATOM   594  C CD  . ARG A 1 84  ? 11.781  12.745  -1.655  1.00 27.59 ? 81  ARG A CD  1 
ATOM   595  N NE  . ARG A 1 84  ? 11.950  14.090  -1.138  1.00 38.72 ? 81  ARG A NE  1 
ATOM   596  C CZ  . ARG A 1 84  ? 12.273  15.135  -1.894  1.00 40.93 ? 81  ARG A CZ  1 
ATOM   597  N NH1 . ARG A 1 84  ? 12.462  14.979  -3.198  1.00 41.94 ? 81  ARG A NH1 1 
ATOM   598  N NH2 . ARG A 1 84  ? 12.397  16.336  -1.341  1.00 45.15 ? 81  ARG A NH2 1 
ATOM   599  N N   . PHE A 1 85  ? 8.536   9.955   0.888   1.00 20.80 ? 82  PHE A N   1 
ATOM   600  C CA  . PHE A 1 85  ? 7.059   10.066  0.812   1.00 20.21 ? 82  PHE A CA  1 
ATOM   601  C C   . PHE A 1 85  ? 6.591   11.343  1.462   1.00 21.42 ? 82  PHE A C   1 
ATOM   602  O O   . PHE A 1 85  ? 7.304   11.911  2.268   1.00 20.48 ? 82  PHE A O   1 
ATOM   603  C CB  . PHE A 1 85  ? 6.363   8.823   1.415   1.00 20.92 ? 82  PHE A CB  1 
ATOM   604  C CG  . PHE A 1 85  ? 6.573   8.630   2.889   1.00 17.63 ? 82  PHE A CG  1 
ATOM   605  C CD1 . PHE A 1 85  ? 5.569   8.973   3.787   1.00 20.14 ? 82  PHE A CD1 1 
ATOM   606  C CD2 . PHE A 1 85  ? 7.717   7.988   3.389   1.00 20.44 ? 82  PHE A CD2 1 
ATOM   607  C CE1 . PHE A 1 85  ? 5.744   8.797   5.162   1.00 22.17 ? 82  PHE A CE1 1 
ATOM   608  C CE2 . PHE A 1 85  ? 7.868   7.724   4.731   1.00 19.13 ? 82  PHE A CE2 1 
ATOM   609  C CZ  . PHE A 1 85  ? 6.872   8.124   5.656   1.00 21.93 ? 82  PHE A CZ  1 
ATOM   610  N N   . ILE A 1 86  ? 5.363   11.733  1.148   1.00 21.48 ? 83  ILE A N   1 
ATOM   611  C CA  . ILE A 1 86  ? 4.713   12.785  1.919   1.00 22.29 ? 83  ILE A CA  1 
ATOM   612  C C   . ILE A 1 86  ? 3.362   12.304  2.435   1.00 22.64 ? 83  ILE A C   1 
ATOM   613  O O   . ILE A 1 86  ? 2.819   11.309  1.984   1.00 20.73 ? 83  ILE A O   1 
ATOM   614  C CB  . ILE A 1 86  ? 4.613   14.087  1.156   1.00 24.32 ? 83  ILE A CB  1 
ATOM   615  C CG1 . ILE A 1 86  ? 3.619   13.919  0.063   1.00 22.50 ? 83  ILE A CG1 1 
ATOM   616  C CG2 . ILE A 1 86  ? 5.970   14.444  0.534   1.00 23.27 ? 83  ILE A CG2 1 
ATOM   617  C CD1 . ILE A 1 86  ? 3.319   15.290  -0.708  1.00 26.74 ? 83  ILE A CD1 1 
ATOM   618  N N   . VAL A 1 87  ? 2.901   12.955  3.485   1.00 21.97 ? 84  VAL A N   1 
ATOM   619  C CA  . VAL A 1 87  ? 1.587   12.633  4.069   1.00 21.32 ? 84  VAL A CA  1 
ATOM   620  C C   . VAL A 1 87  ? 0.659   13.830  3.838   1.00 22.47 ? 84  VAL A C   1 
ATOM   621  O O   . VAL A 1 87  ? 1.114   14.998  4.006   1.00 22.79 ? 84  VAL A O   1 
ATOM   622  C CB  . VAL A 1 87  ? 1.746   12.334  5.561   1.00 22.43 ? 84  VAL A CB  1 
ATOM   623  C CG1 . VAL A 1 87  ? 0.447   12.209  6.257   1.00 25.42 ? 84  VAL A CG1 1 
ATOM   624  C CG2 . VAL A 1 87  ? 2.509   11.033  5.810   1.00 22.35 ? 84  VAL A CG2 1 
ATOM   625  N N   . ASN A 1 88  ? -0.608  13.564  3.475   1.00 19.15 ? 85  ASN A N   1 
ATOM   626  C CA  . ASN A 1 88  ? -1.622  14.613  3.433   1.00 20.86 ? 85  ASN A CA  1 
ATOM   627  C C   . ASN A 1 88  ? -2.804  14.090  4.211   1.00 20.95 ? 85  ASN A C   1 
ATOM   628  O O   . ASN A 1 88  ? -3.313  13.025  3.880   1.00 21.80 ? 85  ASN A O   1 
ATOM   629  C CB  . ASN A 1 88  ? -2.028  14.841  2.001   1.00 22.60 ? 85  ASN A CB  1 
ATOM   630  C CG  . ASN A 1 88  ? -2.966  15.987  1.843   1.00 28.76 ? 85  ASN A CG  1 
ATOM   631  O OD1 . ASN A 1 88  ? -4.189  15.834  1.966   1.00 35.33 ? 85  ASN A OD1 1 
ATOM   632  N ND2 . ASN A 1 88  ? -2.400  17.151  1.488   1.00 34.93 ? 85  ASN A ND2 1 
ATOM   633  N N   . THR A 1 89  ? -3.313  14.846  5.174   1.00 19.16 ? 86  THR A N   1 
ATOM   634  C CA  . THR A 1 89  ? -4.425  14.341  5.975   1.00 18.07 ? 86  THR A CA  1 
ATOM   635  C C   . THR A 1 89  ? -5.745  14.989  5.495   1.00 19.05 ? 86  THR A C   1 
ATOM   636  O O   . THR A 1 89  ? -5.832  16.206  5.422   1.00 18.68 ? 86  THR A O   1 
ATOM   637  C CB  . THR A 1 89  ? -4.183  14.685  7.456   1.00 20.63 ? 86  THR A CB  1 
ATOM   638  O OG1 . THR A 1 89  ? -2.902  14.150  7.898   1.00 22.55 ? 86  THR A OG1 1 
ATOM   639  C CG2 . THR A 1 89  ? -5.255  14.082  8.354   1.00 19.20 ? 86  THR A CG2 1 
ATOM   640  N N   . LEU A 1 90  ? -6.731  14.155  5.140   1.00 18.33 ? 87  LEU A N   1 
ATOM   641  C CA  . LEU A 1 90  ? -8.005  14.650  4.569   1.00 19.20 ? 87  LEU A CA  1 
ATOM   642  C C   . LEU A 1 90  ? -8.859  15.284  5.670   1.00 20.14 ? 87  LEU A C   1 
ATOM   643  O O   . LEU A 1 90  ? -8.574  15.117  6.852   1.00 18.87 ? 87  LEU A O   1 
ATOM   644  C CB  . LEU A 1 90  ? -8.776  13.504  3.909   1.00 20.21 ? 87  LEU A CB  1 
ATOM   645  C CG  . LEU A 1 90  ? -7.925  12.744  2.894   1.00 19.73 ? 87  LEU A CG  1 
ATOM   646  C CD1 . LEU A 1 90  ? -8.829  11.719  2.170   1.00 19.54 ? 87  LEU A CD1 1 
ATOM   647  C CD2 . LEU A 1 90  ? -7.376  13.724  1.922   1.00 19.86 ? 87  LEU A CD2 1 
ATOM   648  N N   . LYS A 1 91  ? -9.926  15.983  5.265   1.00 22.06 ? 88  LYS A N   1 
ATOM   649  C CA  . LYS A 1 91  ? -10.848 16.596  6.264   1.00 23.59 ? 88  LYS A CA  1 
ATOM   650  C C   . LYS A 1 91  ? -11.361 15.594  7.256   1.00 23.90 ? 88  LYS A C   1 
ATOM   651  O O   . LYS A 1 91  ? -11.659 15.937  8.397   1.00 25.21 ? 88  LYS A O   1 
ATOM   652  C CB  . LYS A 1 91  ? -12.092 17.177  5.591   1.00 25.56 ? 88  LYS A CB  1 
ATOM   653  C CG  . LYS A 1 91  ? -11.790 18.198  4.615   1.00 31.52 ? 88  LYS A CG  1 
ATOM   654  C CD  . LYS A 1 91  ? -13.122 18.681  4.024   1.00 35.94 ? 88  LYS A CD  1 
ATOM   655  C CE  . LYS A 1 91  ? -12.918 19.097  2.564   1.00 40.57 ? 88  LYS A CE  1 
ATOM   656  N NZ  . LYS A 1 91  ? -13.853 20.175  2.068   1.00 41.38 ? 88  LYS A NZ  1 
ATOM   657  N N   . ASP A 1 92  ? -11.536 14.351  6.802   1.00 21.99 ? 89  ASP A N   1 
ATOM   658  C CA  . ASP A 1 92  ? -12.237 13.345  7.574   1.00 23.41 ? 89  ASP A CA  1 
ATOM   659  C C   . ASP A 1 92  ? -11.308 12.564  8.473   1.00 23.59 ? 89  ASP A C   1 
ATOM   660  O O   . ASP A 1 92  ? -11.720 11.689  9.269   1.00 24.36 ? 89  ASP A O   1 
ATOM   661  C CB  . ASP A 1 92  ? -13.094 12.453  6.644   1.00 23.72 ? 89  ASP A CB  1 
ATOM   662  C CG  . ASP A 1 92  ? -12.261 11.541  5.753   1.00 25.98 ? 89  ASP A CG  1 
ATOM   663  O OD1 . ASP A 1 92  ? -11.037 11.423  5.978   1.00 24.87 ? 89  ASP A OD1 1 
ATOM   664  O OD2 . ASP A 1 92  ? -12.841 10.959  4.822   1.00 26.80 ? 89  ASP A OD2 1 
ATOM   665  N N   . GLY A 1 93  ? -9.992  12.891  8.400   1.00 21.78 ? 90  GLY A N   1 
ATOM   666  C CA  . GLY A 1 93  ? -9.086  12.174  9.256   1.00 21.52 ? 90  GLY A CA  1 
ATOM   667  C C   . GLY A 1 93  ? -8.221  11.129  8.590   1.00 21.97 ? 90  GLY A C   1 
ATOM   668  O O   . GLY A 1 93  ? -7.192  10.776  9.151   1.00 21.96 ? 90  GLY A O   1 
ATOM   669  N N   . ARG A 1 94  ? -8.630  10.622  7.419   1.00 20.96 ? 91  ARG A N   1 
ATOM   670  C CA  . ARG A 1 94  ? -7.740  9.684   6.766   1.00 19.76 ? 91  ARG A CA  1 
ATOM   671  C C   . ARG A 1 94  ? -6.434  10.380  6.320   1.00 17.76 ? 91  ARG A C   1 
ATOM   672  O O   . ARG A 1 94  ? -6.447  11.499  5.790   1.00 19.41 ? 91  ARG A O   1 
ATOM   673  C CB  . ARG A 1 94  ? -8.434  9.011   5.576   1.00 18.90 ? 91  ARG A CB  1 
ATOM   674  C CG  . ARG A 1 94  ? -7.471  8.505   4.525   1.00 21.26 ? 91  ARG A CG  1 
ATOM   675  C CD  . ARG A 1 94  ? -8.265  7.644   3.475   1.00 21.21 ? 91  ARG A CD  1 
ATOM   676  N NE  . ARG A 1 94  ? -8.520  6.289   4.011   1.00 22.39 ? 91  ARG A NE  1 
ATOM   677  C CZ  . ARG A 1 94  ? -9.212  5.335   3.378   1.00 25.23 ? 91  ARG A CZ  1 
ATOM   678  N NH1 . ARG A 1 94  ? -9.728  5.547   2.172   1.00 24.11 ? 91  ARG A NH1 1 
ATOM   679  N NH2 . ARG A 1 94  ? -9.375  4.129   3.963   1.00 26.68 ? 91  ARG A NH2 1 
ATOM   680  N N   . ARG A 1 95  ? -5.331  9.672   6.525   1.00 19.95 ? 92  ARG A N   1 
ATOM   681  C CA  . ARG A 1 95  ? -4.019  10.144  6.076   1.00 18.20 ? 92  ARG A CA  1 
ATOM   682  C C   . ARG A 1 95  ? -3.664  9.426   4.801   1.00 19.91 ? 92  ARG A C   1 
ATOM   683  O O   . ARG A 1 95  ? -3.628  8.185   4.793   1.00 20.73 ? 92  ARG A O   1 
ATOM   684  C CB  . ARG A 1 95  ? -2.915  9.881   7.124   1.00 19.60 ? 92  ARG A CB  1 
ATOM   685  C CG  . ARG A 1 95  ? -3.030  10.730  8.314   1.00 23.74 ? 92  ARG A CG  1 
ATOM   686  C CD  . ARG A 1 95  ? -1.709  10.887  9.011   1.00 26.70 ? 92  ARG A CD  1 
ATOM   687  N NE  . ARG A 1 95  ? -1.688  12.186  9.652   1.00 31.77 ? 92  ARG A NE  1 
ATOM   688  C CZ  . ARG A 1 95  ? -1.431  12.362  10.931  1.00 28.04 ? 92  ARG A CZ  1 
ATOM   689  N NH1 . ARG A 1 95  ? -1.043  11.341  11.679  1.00 33.61 ? 92  ARG A NH1 1 
ATOM   690  N NH2 . ARG A 1 95  ? -1.418  13.568  11.425  1.00 28.45 ? 92  ARG A NH2 1 
ATOM   691  N N   . VAL A 1 96  ? -3.367  10.212  3.775   1.00 18.28 ? 93  VAL A N   1 
ATOM   692  C CA  . VAL A 1 96  ? -2.969  9.691   2.490   1.00 18.95 ? 93  VAL A CA  1 
ATOM   693  C C   . VAL A 1 96  ? -1.458  9.752   2.424   1.00 18.88 ? 93  VAL A C   1 
ATOM   694  O O   . VAL A 1 96  ? -0.876  10.807  2.738   1.00 19.44 ? 93  VAL A O   1 
ATOM   695  C CB  . VAL A 1 96  ? -3.584  10.514  1.335   1.00 20.11 ? 93  VAL A CB  1 
ATOM   696  C CG1 . VAL A 1 96  ? -3.144  9.968   -0.044  1.00 18.28 ? 93  VAL A CG1 1 
ATOM   697  C CG2 . VAL A 1 96  ? -5.108  10.467  1.477   1.00 21.17 ? 93  VAL A CG2 1 
ATOM   698  N N   . VAL A 1 97  ? -0.832  8.664   1.957   1.00 17.76 ? 94  VAL A N   1 
ATOM   699  C CA  . VAL A 1 97  ? 0.635   8.576   1.889   1.00 18.27 ? 94  VAL A CA  1 
ATOM   700  C C   . VAL A 1 97  ? 0.996   8.539   0.408   1.00 18.42 ? 94  VAL A C   1 
ATOM   701  O O   . VAL A 1 97  ? 0.604   7.634   -0.319  1.00 19.06 ? 94  VAL A O   1 
ATOM   702  C CB  . VAL A 1 97  ? 1.178   7.271   2.622   1.00 18.26 ? 94  VAL A CB  1 
ATOM   703  C CG1 . VAL A 1 97  ? 2.669   7.243   2.634   1.00 22.23 ? 94  VAL A CG1 1 
ATOM   704  C CG2 . VAL A 1 97  ? 0.563   7.113   4.026   1.00 19.77 ? 94  VAL A CG2 1 
ATOM   705  N N   . ILE A 1 98  ? 1.720   9.569   -0.050  1.00 17.24 ? 95  ILE A N   1 
ATOM   706  C CA  . ILE A 1 98  ? 2.066   9.673   -1.458  1.00 17.91 ? 95  ILE A CA  1 
ATOM   707  C C   . ILE A 1 98  ? 3.535   9.270   -1.604  1.00 18.63 ? 95  ILE A C   1 
ATOM   708  O O   . ILE A 1 98  ? 4.415   9.877   -1.002  1.00 18.62 ? 95  ILE A O   1 
ATOM   709  C CB  . ILE A 1 98  ? 1.802   11.095  -2.046  1.00 18.31 ? 95  ILE A CB  1 
ATOM   710  C CG1 . ILE A 1 98  ? 0.303   11.437  -1.979  1.00 19.28 ? 95  ILE A CG1 1 
ATOM   711  C CG2 . ILE A 1 98  ? 2.187   11.114  -3.467  1.00 21.31 ? 95  ILE A CG2 1 
ATOM   712  C CD1 . ILE A 1 98  ? 0.011   12.934  -2.407  1.00 21.97 ? 95  ILE A CD1 1 
ATOM   713  N N   . LEU A 1 99  ? 3.776   8.245   -2.398  1.00 19.21 ? 96  LEU A N   1 
ATOM   714  C CA  . LEU A 1 99  ? 5.093   7.663   -2.487  1.00 20.26 ? 96  LEU A CA  1 
ATOM   715  C C   . LEU A 1 99  ? 5.841   8.392   -3.600  1.00 20.54 ? 96  LEU A C   1 
ATOM   716  O O   . LEU A 1 99  ? 5.373   8.388   -4.746  1.00 21.70 ? 96  LEU A O   1 
ATOM   717  C CB  . LEU A 1 99  ? 4.972   6.183   -2.826  1.00 19.78 ? 96  LEU A CB  1 
ATOM   718  C CG  . LEU A 1 99  ? 4.162   5.348   -1.781  1.00 20.24 ? 96  LEU A CG  1 
ATOM   719  C CD1 . LEU A 1 99  ? 4.035   3.897   -2.306  1.00 21.34 ? 96  LEU A CD1 1 
ATOM   720  C CD2 . LEU A 1 99  ? 4.758   5.500   -0.374  1.00 20.31 ? 96  LEU A CD2 1 
ATOM   721  N N   . MET A 1 100 ? 6.966   8.990   -3.235  1.00 22.65 ? 97  MET A N   1 
ATOM   722  C CA  . MET A 1 100 ? 7.754   9.795   -4.168  1.00 22.33 ? 97  MET A CA  1 
ATOM   723  C C   . MET A 1 100 ? 8.980   9.080   -4.768  1.00 23.38 ? 97  MET A C   1 
ATOM   724  O O   . MET A 1 100 ? 9.350   9.301   -5.960  1.00 24.04 ? 97  MET A O   1 
ATOM   725  C CB  . MET A 1 100 ? 8.179   11.123  -3.543  1.00 24.87 ? 97  MET A CB  1 
ATOM   726  C CG  . MET A 1 100 ? 7.130   11.758  -2.650  1.00 29.68 ? 97  MET A CG  1 
ATOM   727  S SD  . MET A 1 100 ? 5.707   12.052  -3.632  1.00 41.08 ? 97  MET A SD  1 
ATOM   728  C CE  . MET A 1 100 ? 5.747   13.848  -3.652  1.00 38.91 ? 97  MET A CE  1 
ATOM   729  N N   . GLU A 1 101 ? 9.635   8.260   -3.935  1.00 23.05 ? 98  GLU A N   1 
ATOM   730  C CA  . GLU A 1 101 ? 10.839  7.501   -4.347  1.00 23.73 ? 98  GLU A CA  1 
ATOM   731  C C   . GLU A 1 101 ? 10.676  6.134   -3.739  1.00 23.16 ? 98  GLU A C   1 
ATOM   732  O O   . GLU A 1 101 ? 10.322  6.033   -2.565  1.00 21.51 ? 98  GLU A O   1 
ATOM   733  C CB  . GLU A 1 101 ? 12.106  8.121   -3.745  1.00 24.09 ? 98  GLU A CB  1 
ATOM   734  C CG  . GLU A 1 101 ? 12.574  9.437   -4.457  1.00 26.40 ? 98  GLU A CG  1 
ATOM   735  C CD  . GLU A 1 101 ? 13.732  10.097  -3.757  1.00 27.43 ? 98  GLU A CD  1 
ATOM   736  O OE1 . GLU A 1 101 ? 14.543  9.393   -3.122  1.00 31.96 ? 98  GLU A OE1 1 
ATOM   737  O OE2 . GLU A 1 101 ? 13.815  11.352  -3.777  1.00 34.38 ? 98  GLU A OE2 1 
ATOM   738  N N   . LEU A 1 102 ? 10.969  5.106   -4.525  1.00 22.08 ? 99  LEU A N   1 
ATOM   739  C CA  . LEU A 1 102 ? 10.987  3.758   -3.947  1.00 23.81 ? 99  LEU A CA  1 
ATOM   740  C C   . LEU A 1 102 ? 11.840  2.844   -4.784  1.00 25.68 ? 99  LEU A C   1 
ATOM   741  O O   . LEU A 1 102 ? 12.039  3.091   -6.003  1.00 26.73 ? 99  LEU A O   1 
ATOM   742  C CB  . LEU A 1 102 ? 9.569   3.226   -3.839  1.00 23.37 ? 99  LEU A CB  1 
ATOM   743  C CG  . LEU A 1 102 ? 8.776   2.804   -5.072  1.00 23.36 ? 99  LEU A CG  1 
ATOM   744  C CD1 . LEU A 1 102 ? 9.134   1.361   -5.568  1.00 24.83 ? 99  LEU A CD1 1 
ATOM   745  C CD2 . LEU A 1 102 ? 7.250   2.830   -4.824  1.00 23.28 ? 99  LEU A CD2 1 
ATOM   746  N N   . GLU A 1 103 ? 12.291  1.772   -4.145  1.00 24.97 ? 100 GLU A N   1 
ATOM   747  C CA  . GLU A 1 103 ? 13.120  0.790   -4.792  1.00 26.19 ? 100 GLU A CA  1 
ATOM   748  C C   . GLU A 1 103 ? 12.407  -0.578  -4.684  1.00 26.51 ? 100 GLU A C   1 
ATOM   749  O O   . GLU A 1 103 ? 11.981  -0.969  -3.574  1.00 25.48 ? 100 GLU A O   1 
ATOM   750  C CB  . GLU A 1 103 ? 14.455  0.828   -4.073  1.00 27.33 ? 100 GLU A CB  1 
ATOM   751  C CG  . GLU A 1 103 ? 15.518  -0.079  -4.547  1.00 36.29 ? 100 GLU A CG  1 
ATOM   752  C CD  . GLU A 1 103 ? 16.655  -0.125  -3.542  1.00 42.48 ? 100 GLU A CD  1 
ATOM   753  O OE1 . GLU A 1 103 ? 16.476  0.353   -2.368  1.00 47.02 ? 100 GLU A OE1 1 
ATOM   754  O OE2 . GLU A 1 103 ? 17.728  -0.638  -3.921  1.00 47.53 ? 100 GLU A OE2 1 
ATOM   755  N N   . VAL A 1 104 ? 12.217  -1.298  -5.805  1.00 26.02 ? 101 VAL A N   1 
ATOM   756  C CA  . VAL A 1 104 ? 11.734  -2.684  -5.634  1.00 25.83 ? 101 VAL A CA  1 
ATOM   757  C C   . VAL A 1 104 ? 12.895  -3.601  -5.203  1.00 26.42 ? 101 VAL A C   1 
ATOM   758  O O   . VAL A 1 104 ? 13.931  -3.671  -5.894  1.00 27.44 ? 101 VAL A O   1 
ATOM   759  C CB  . VAL A 1 104 ? 11.021  -3.267  -6.867  1.00 26.58 ? 101 VAL A CB  1 
ATOM   760  C CG1 . VAL A 1 104 ? 10.511  -4.648  -6.572  1.00 28.46 ? 101 VAL A CG1 1 
ATOM   761  C CG2 . VAL A 1 104 ? 9.856   -2.334  -7.333  1.00 25.30 ? 101 VAL A CG2 1 
ATOM   762  N N   . LEU A 1 105 ? 12.720  -4.258  -4.068  1.00 26.56 ? 102 LEU A N   1 
ATOM   763  C CA  . LEU A 1 105 ? 13.752  -5.154  -3.500  1.00 26.19 ? 102 LEU A CA  1 
ATOM   764  C C   . LEU A 1 105 ? 13.650  -6.558  -4.036  1.00 28.12 ? 102 LEU A C   1 
ATOM   765  O O   . LEU A 1 105 ? 14.667  -7.214  -4.278  1.00 29.08 ? 102 LEU A O   1 
ATOM   766  C CB  . LEU A 1 105 ? 13.690  -5.198  -1.958  1.00 25.62 ? 102 LEU A CB  1 
ATOM   767  C CG  . LEU A 1 105 ? 13.905  -3.821  -1.263  1.00 24.02 ? 102 LEU A CG  1 
ATOM   768  C CD1 . LEU A 1 105 ? 13.901  -3.918  0.206   1.00 22.35 ? 102 LEU A CD1 1 
ATOM   769  C CD2 . LEU A 1 105 ? 15.183  -3.195  -1.700  1.00 25.27 ? 102 LEU A CD2 1 
ATOM   770  N N   . LYS A 1 106 ? 12.419  -7.030  -4.171  1.00 28.08 ? 103 LYS A N   1 
ATOM   771  C CA  . LYS A 1 106 ? 12.128  -8.413  -4.522  1.00 29.43 ? 103 LYS A CA  1 
ATOM   772  C C   . LYS A 1 106 ? 10.878  -8.421  -5.401  1.00 30.04 ? 103 LYS A C   1 
ATOM   773  O O   . LYS A 1 106 ? 9.878   -7.791  -5.057  1.00 28.30 ? 103 LYS A O   1 
ATOM   774  C CB  . LYS A 1 106 ? 11.916  -9.215  -3.244  1.00 30.49 ? 103 LYS A CB  1 
ATOM   775  C CG  . LYS A 1 106 ? 12.150  -10.695 -3.429  1.00 34.32 ? 103 LYS A CG  1 
ATOM   776  C CD  . LYS A 1 106 ? 12.676  -11.291 -2.143  1.00 37.24 ? 103 LYS A CD  1 
ATOM   777  C CE  . LYS A 1 106 ? 12.965  -12.788 -2.319  1.00 41.70 ? 103 LYS A CE  1 
ATOM   778  N NZ  . LYS A 1 106 ? 13.399  -13.327 -1.011  1.00 40.66 ? 103 LYS A NZ  1 
ATOM   779  N N   . SER A 1 107 ? 10.920  -9.124  -6.543  1.00 29.71 ? 104 SER A N   1 
ATOM   780  C CA  . SER A 1 107 ? 9.814   -9.066  -7.509  1.00 30.28 ? 104 SER A CA  1 
ATOM   781  C C   . SER A 1 107 ? 8.633   -9.869  -6.984  1.00 29.48 ? 104 SER A C   1 
ATOM   782  O O   . SER A 1 107 ? 8.784   -10.673 -6.058  1.00 29.81 ? 104 SER A O   1 
ATOM   783  C CB  . SER A 1 107 ? 10.272  -9.642  -8.866  1.00 31.11 ? 104 SER A CB  1 
ATOM   784  O OG  . SER A 1 107 ? 10.505  -11.019 -8.680  1.00 34.27 ? 104 SER A OG  1 
ATOM   785  N N   . ALA A 1 108 ? 7.455   -9.654  -7.581  1.00 29.38 ? 105 ALA A N   1 
ATOM   786  C CA  . ALA A 1 108 ? 6.256   -10.410 -7.254  1.00 30.72 ? 105 ALA A CA  1 
ATOM   787  C C   . ALA A 1 108 ? 6.470   -11.902 -7.447  1.00 31.76 ? 105 ALA A C   1 
ATOM   788  O O   . ALA A 1 108 ? 6.092   -12.703 -6.590  1.00 32.01 ? 105 ALA A O   1 
ATOM   789  C CB  . ALA A 1 108 ? 5.086   -9.948  -8.112  1.00 30.77 ? 105 ALA A CB  1 
ATOM   790  N N   . GLU A 1 109 ? 7.096   -12.278 -8.556  1.00 34.39 ? 106 GLU A N   1 
ATOM   791  C CA  . GLU A 1 109 ? 7.326   -13.727 -8.739  1.00 37.23 ? 106 GLU A CA  1 
ATOM   792  C C   . GLU A 1 109 ? 8.331   -14.302 -7.740  1.00 36.27 ? 106 GLU A C   1 
ATOM   793  O O   . GLU A 1 109 ? 8.158   -15.442 -7.307  1.00 37.09 ? 106 GLU A O   1 
ATOM   794  C CB  . GLU A 1 109 ? 7.566   -14.185 -10.192 1.00 37.53 ? 106 GLU A CB  1 
ATOM   795  C CG  . GLU A 1 109 ? 8.446   -13.361 -11.118 1.00 41.48 ? 106 GLU A CG  1 
ATOM   796  C CD  . GLU A 1 109 ? 8.575   -14.025 -12.528 1.00 42.76 ? 106 GLU A CD  1 
ATOM   797  O OE1 . GLU A 1 109 ? 9.637   -13.862 -13.186 1.00 49.63 ? 106 GLU A OE1 1 
ATOM   798  O OE2 . GLU A 1 109 ? 7.620   -14.726 -12.983 1.00 47.84 ? 106 GLU A OE2 1 
ATOM   799  N N   . ALA A 1 110 ? 9.339   -13.531 -7.341  1.00 35.43 ? 107 ALA A N   1 
ATOM   800  C CA  . ALA A 1 110 ? 10.305  -14.007 -6.327  1.00 35.86 ? 107 ALA A CA  1 
ATOM   801  C C   . ALA A 1 110 ? 9.639   -14.234 -4.966  1.00 36.00 ? 107 ALA A C   1 
ATOM   802  O O   . ALA A 1 110 ? 9.923   -15.217 -4.242  1.00 37.25 ? 107 ALA A O   1 
ATOM   803  C CB  . ALA A 1 110 ? 11.478  -13.044 -6.200  1.00 35.22 ? 107 ALA A CB  1 
ATOM   804  N N   . VAL A 1 111 ? 8.715   -13.341 -4.620  1.00 35.47 ? 108 VAL A N   1 
ATOM   805  C CA  . VAL A 1 111 ? 8.004   -13.433 -3.360  1.00 35.41 ? 108 VAL A CA  1 
ATOM   806  C C   . VAL A 1 111 ? 6.826   -14.409 -3.453  1.00 35.90 ? 108 VAL A C   1 
ATOM   807  O O   . VAL A 1 111 ? 6.648   -15.253 -2.569  1.00 37.15 ? 108 VAL A O   1 
ATOM   808  C CB  . VAL A 1 111 ? 7.520   -12.022 -2.877  1.00 34.84 ? 108 VAL A CB  1 
ATOM   809  C CG1 . VAL A 1 111 ? 6.828   -12.135 -1.519  1.00 34.86 ? 108 VAL A CG1 1 
ATOM   810  C CG2 . VAL A 1 111 ? 8.708   -11.034 -2.827  1.00 33.68 ? 108 VAL A CG2 1 
ATOM   811  N N   . GLY A 1 112 ? 6.001   -14.260 -4.491  1.00 36.71 ? 109 GLY A N   1 
ATOM   812  C CA  . GLY A 1 112 ? 5.051   -15.301 -4.885  1.00 37.59 ? 109 GLY A CA  1 
ATOM   813  C C   . GLY A 1 112 ? 3.772   -15.427 -4.088  1.00 37.74 ? 109 GLY A C   1 
ATOM   814  O O   . GLY A 1 112 ? 2.829   -16.130 -4.503  1.00 39.13 ? 109 GLY A O   1 
ATOM   815  N N   . VAL A 1 113 ? 3.706   -14.771 -2.930  1.00 37.11 ? 110 VAL A N   1 
ATOM   816  C CA  . VAL A 1 113 ? 2.494   -14.844 -2.117  1.00 36.20 ? 110 VAL A CA  1 
ATOM   817  C C   . VAL A 1 113 ? 2.388   -13.623 -1.165  1.00 34.69 ? 110 VAL A C   1 
ATOM   818  O O   . VAL A 1 113 ? 3.388   -12.931 -0.943  1.00 32.79 ? 110 VAL A O   1 
ATOM   819  C CB  . VAL A 1 113 ? 2.480   -16.170 -1.300  1.00 37.72 ? 110 VAL A CB  1 
ATOM   820  C CG1 . VAL A 1 113 ? 3.513   -16.117 -0.155  1.00 37.57 ? 110 VAL A CG1 1 
ATOM   821  C CG2 . VAL A 1 113 ? 1.060   -16.478 -0.779  1.00 38.83 ? 110 VAL A CG2 1 
ATOM   822  N N   . LYS A 1 114 ? 1.196   -13.379 -0.616  1.00 32.48 ? 111 LYS A N   1 
ATOM   823  C CA  . LYS A 1 114 ? 1.053   -12.396 0.491   1.00 31.39 ? 111 LYS A CA  1 
ATOM   824  C C   . LYS A 1 114 ? 1.895   -12.844 1.683   1.00 30.78 ? 111 LYS A C   1 
ATOM   825  O O   . LYS A 1 114 ? 1.848   -14.009 2.100   1.00 31.04 ? 111 LYS A O   1 
ATOM   826  C CB  . LYS A 1 114 ? -0.411  -12.146 0.904   1.00 31.11 ? 111 LYS A CB  1 
ATOM   827  C CG  . LYS A 1 114 ? -0.557  -11.132 2.064   1.00 32.64 ? 111 LYS A CG  1 
ATOM   828  C CD  . LYS A 1 114 ? -2.027  -10.765 2.398   1.00 31.57 ? 111 LYS A CD  1 
ATOM   829  C CE  . LYS A 1 114 ? -2.925  -11.989 2.602   1.00 34.58 ? 111 LYS A CE  1 
ATOM   830  N NZ  . LYS A 1 114 ? -4.218  -11.553 3.220   1.00 35.14 ? 111 LYS A NZ  1 
ATOM   831  N N   . ILE A 1 115 ? 2.714   -11.933 2.198   1.00 27.54 ? 112 ILE A N   1 
ATOM   832  C CA  . ILE A 1 115 ? 3.510   -12.261 3.382   1.00 26.82 ? 112 ILE A CA  1 
ATOM   833  C C   . ILE A 1 115 ? 2.673   -12.133 4.638   1.00 26.92 ? 112 ILE A C   1 
ATOM   834  O O   . ILE A 1 115 ? 2.131   -11.070 4.939   1.00 25.75 ? 112 ILE A O   1 
ATOM   835  C CB  . ILE A 1 115 ? 4.774   -11.342 3.486   1.00 26.01 ? 112 ILE A CB  1 
ATOM   836  C CG1 . ILE A 1 115 ? 5.707   -11.617 2.313   1.00 27.51 ? 112 ILE A CG1 1 
ATOM   837  C CG2 . ILE A 1 115 ? 5.378   -11.436 4.907   1.00 25.38 ? 112 ILE A CG2 1 
ATOM   838  C CD1 . ILE A 1 115 ? 6.834   -10.646 2.169   1.00 25.98 ? 112 ILE A CD1 1 
ATOM   839  N N   . GLY A 1 116 ? 2.580   -13.227 5.402   1.00 27.26 ? 113 GLY A N   1 
ATOM   840  C CA  . GLY A 1 116 ? 1.932   -13.172 6.698   1.00 27.52 ? 113 GLY A CA  1 
ATOM   841  C C   . GLY A 1 116 ? 0.446   -12.935 6.616   1.00 28.34 ? 113 GLY A C   1 
ATOM   842  O O   . GLY A 1 116 ? -0.147  -13.229 5.591   1.00 29.21 ? 113 GLY A O   1 
ATOM   843  N N   . ASN A 1 117 ? -0.154  -12.377 7.669   1.00 29.37 ? 114 ASN A N   1 
ATOM   844  C CA  . ASN A 1 117 ? -1.600  -12.230 7.710   1.00 30.66 ? 114 ASN A CA  1 
ATOM   845  C C   . ASN A 1 117 ? -2.021  -10.866 8.212   1.00 29.73 ? 114 ASN A C   1 
ATOM   846  O O   . ASN A 1 117 ? -2.677  -10.721 9.248   1.00 30.45 ? 114 ASN A O   1 
ATOM   847  C CB  . ASN A 1 117 ? -2.258  -13.387 8.496   1.00 32.40 ? 114 ASN A CB  1 
ATOM   848  C CG  . ASN A 1 117 ? -2.218  -14.688 7.709   1.00 37.85 ? 114 ASN A CG  1 
ATOM   849  O OD1 . ASN A 1 117 ? -3.028  -14.904 6.802   1.00 45.42 ? 114 ASN A OD1 1 
ATOM   850  N ND2 . ASN A 1 117 ? -1.269  -15.553 8.041   1.00 43.35 ? 114 ASN A ND2 1 
ATOM   851  N N   . PRO A 1 118 ? -1.573  -9.826  7.484   1.00 28.40 ? 115 PRO A N   1 
ATOM   852  C CA  . PRO A 1 118 ? -1.777  -8.461  7.947   1.00 28.19 ? 115 PRO A CA  1 
ATOM   853  C C   . PRO A 1 118 ? -3.249  -8.131  8.000   1.00 28.40 ? 115 PRO A C   1 
ATOM   854  O O   . PRO A 1 118 ? -4.017  -8.615  7.164   1.00 29.06 ? 115 PRO A O   1 
ATOM   855  C CB  . PRO A 1 118 ? -1.080  -7.623  6.859   1.00 27.78 ? 115 PRO A CB  1 
ATOM   856  C CG  . PRO A 1 118 ? -1.113  -8.433  5.648   1.00 26.23 ? 115 PRO A CG  1 
ATOM   857  C CD  . PRO A 1 118 ? -0.858  -9.858  6.205   1.00 27.74 ? 115 PRO A CD  1 
ATOM   858  N N   . VAL A 1 119 ? -3.624  -7.310  8.970   1.00 26.52 ? 116 VAL A N   1 
ATOM   859  C CA  . VAL A 1 119 ? -4.998  -6.865  9.107   1.00 28.47 ? 116 VAL A CA  1 
ATOM   860  C C   . VAL A 1 119 ? -5.164  -5.374  8.792   1.00 27.72 ? 116 VAL A C   1 
ATOM   861  O O   . VAL A 1 119 ? -4.232  -4.574  8.984   1.00 25.52 ? 116 VAL A O   1 
ATOM   862  C CB  . VAL A 1 119 ? -5.503  -7.187  10.542  1.00 28.85 ? 116 VAL A CB  1 
ATOM   863  C CG1 . VAL A 1 119 ? -5.199  -8.630  10.867  1.00 33.59 ? 116 VAL A CG1 1 
ATOM   864  C CG2 . VAL A 1 119 ? -4.849  -6.262  11.577  1.00 31.49 ? 116 VAL A CG2 1 
ATOM   865  N N   . PRO A 1 120 ? -6.359  -4.988  8.311   1.00 27.96 ? 117 PRO A N   1 
ATOM   866  C CA  . PRO A 1 120 ? -6.466  -3.569  7.977   1.00 28.72 ? 117 PRO A CA  1 
ATOM   867  C C   . PRO A 1 120 ? -6.172  -2.658  9.163   1.00 29.20 ? 117 PRO A C   1 
ATOM   868  O O   . PRO A 1 120 ? -6.577  -2.943  10.310  1.00 29.42 ? 117 PRO A O   1 
ATOM   869  C CB  . PRO A 1 120 ? -7.921  -3.435  7.487   1.00 28.95 ? 117 PRO A CB  1 
ATOM   870  C CG  . PRO A 1 120 ? -8.285  -4.776  7.036   1.00 28.30 ? 117 PRO A CG  1 
ATOM   871  C CD  . PRO A 1 120 ? -7.602  -5.714  7.992   1.00 28.63 ? 117 PRO A CD  1 
ATOM   872  N N   . TYR A 1 121 ? -5.450  -1.559  8.919   1.00 28.56 ? 118 TYR A N   1 
ATOM   873  C CA  . TYR A 1 121 ? -5.196  -0.595  9.965   1.00 29.65 ? 118 TYR A CA  1 
ATOM   874  C C   . TYR A 1 121 ? -6.546  -0.044  10.397  1.00 31.27 ? 118 TYR A C   1 
ATOM   875  O O   . TYR A 1 121 ? -7.374  0.231   9.542   1.00 32.05 ? 118 TYR A O   1 
ATOM   876  C CB  . TYR A 1 121 ? -4.327  0.561   9.460   1.00 28.05 ? 118 TYR A CB  1 
ATOM   877  C CG  . TYR A 1 121 ? -4.102  1.589   10.531  1.00 29.26 ? 118 TYR A CG  1 
ATOM   878  C CD1 . TYR A 1 121 ? -3.182  1.368   11.541  1.00 28.79 ? 118 TYR A CD1 1 
ATOM   879  C CD2 . TYR A 1 121 ? -4.817  2.784   10.544  1.00 28.58 ? 118 TYR A CD2 1 
ATOM   880  C CE1 . TYR A 1 121 ? -2.976  2.310   12.559  1.00 29.03 ? 118 TYR A CE1 1 
ATOM   881  C CE2 . TYR A 1 121 ? -4.636  3.739   11.549  1.00 30.97 ? 118 TYR A CE2 1 
ATOM   882  C CZ  . TYR A 1 121 ? -3.699  3.487   12.557  1.00 29.32 ? 118 TYR A CZ  1 
ATOM   883  O OH  . TYR A 1 121 ? -3.487  4.408   13.555  1.00 33.00 ? 118 TYR A OH  1 
ATOM   884  N N   . ASN A 1 122 ? -6.761  0.107   11.704  1.00 34.08 ? 119 ASN A N   1 
ATOM   885  C CA  . ASN A 1 122 ? -8.052  0.572   12.183  1.00 36.06 ? 119 ASN A CA  1 
ATOM   886  C C   . ASN A 1 122 ? -8.129  2.059   12.170  1.00 35.85 ? 119 ASN A C   1 
ATOM   887  O O   . ASN A 1 122 ? -7.565  2.756   13.017  1.00 35.85 ? 119 ASN A O   1 
ATOM   888  C CB  . ASN A 1 122 ? -8.411  0.035   13.581  1.00 37.79 ? 119 ASN A CB  1 
ATOM   889  C CG  . ASN A 1 122 ? -9.851  0.407   13.986  1.00 40.99 ? 119 ASN A CG  1 
ATOM   890  O OD1 . ASN A 1 122 ? -10.606 1.034   13.205  1.00 43.83 ? 119 ASN A OD1 1 
ATOM   891  N ND2 . ASN A 1 122 ? -10.230 0.030   15.199  1.00 45.80 ? 119 ASN A ND2 1 
ATOM   892  N N   . GLU A 1 123 ? -8.853  2.540   11.181  1.00 37.00 ? 120 GLU A N   1 
ATOM   893  C CA  . GLU A 1 123 ? -8.990  3.946   10.991  1.00 37.59 ? 120 GLU A CA  1 
ATOM   894  C C   . GLU A 1 123 ? -10.135 4.481   11.833  1.00 38.19 ? 120 GLU A C   1 
ATOM   895  O O   . GLU A 1 123 ? -10.274 5.692   11.979  1.00 39.22 ? 120 GLU A O   1 
ATOM   896  C CB  . GLU A 1 123 ? -9.214  4.246   9.520   1.00 37.54 ? 120 GLU A CB  1 
ATOM   897  C CG  . GLU A 1 123 ? -7.937  4.273   8.702   1.00 36.43 ? 120 GLU A CG  1 
ATOM   898  C CD  . GLU A 1 123 ? -8.240  4.670   7.287   1.00 34.85 ? 120 GLU A CD  1 
ATOM   899  O OE1 . GLU A 1 123 ? -7.659  5.651   6.795   1.00 33.29 ? 120 GLU A OE1 1 
ATOM   900  O OE2 . GLU A 1 123 ? -9.104  4.002   6.673   1.00 37.02 ? 120 GLU A OE2 1 
ATOM   901  N N   . SER B 2 1   ? -13.986 4.396   11.232  1.00 41.90 ? 33  SER B N   1 
ATOM   902  C CA  . SER B 2 1   ? -15.065 4.286   10.205  1.00 41.93 ? 33  SER B CA  1 
ATOM   903  C C   . SER B 2 1   ? -16.471 4.597   10.757  1.00 40.97 ? 33  SER B C   1 
ATOM   904  O O   . SER B 2 1   ? -16.700 4.480   11.977  1.00 41.25 ? 33  SER B O   1 
ATOM   905  C CB  . SER B 2 1   ? -15.053 2.898   9.535   1.00 42.09 ? 33  SER B CB  1 
ATOM   906  O OG  . SER B 2 1   ? -15.742 1.933   10.307  1.00 45.41 ? 33  SER B OG  1 
ATOM   907  N N   . PRO B 2 2   ? -17.413 4.963   9.854   1.00 39.41 ? 34  PRO B N   1 
ATOM   908  C CA  . PRO B 2 2   ? -17.116 5.118   8.444   1.00 38.08 ? 34  PRO B CA  1 
ATOM   909  C C   . PRO B 2 2   ? -16.799 6.554   8.065   1.00 36.00 ? 34  PRO B C   1 
ATOM   910  O O   . PRO B 2 2   ? -17.499 7.486   8.493   1.00 36.89 ? 34  PRO B O   1 
ATOM   911  C CB  . PRO B 2 2   ? -18.413 4.659   7.777   1.00 38.64 ? 34  PRO B CB  1 
ATOM   912  C CG  . PRO B 2 2   ? -19.507 5.060   8.760   1.00 39.40 ? 34  PRO B CG  1 
ATOM   913  C CD  . PRO B 2 2   ? -18.844 5.221   10.125  1.00 39.88 ? 34  PRO B CD  1 
ATOM   914  N N   . LEU B 2 3   ? -15.754 6.735   7.257   1.00 31.83 ? 35  LEU B N   1 
ATOM   915  C CA  . LEU B 2 3   ? -15.370 8.069   6.809   1.00 28.48 ? 35  LEU B CA  1 
ATOM   916  C C   . LEU B 2 3   ? -15.732 8.237   5.349   1.00 26.86 ? 35  LEU B C   1 
ATOM   917  O O   . LEU B 2 3   ? -15.651 7.276   4.567   1.00 26.50 ? 35  LEU B O   1 
ATOM   918  C CB  . LEU B 2 3   ? -13.855 8.279   6.944   1.00 27.58 ? 35  LEU B CB  1 
ATOM   919  C CG  . LEU B 2 3   ? -13.240 8.029   8.345   1.00 26.49 ? 35  LEU B CG  1 
ATOM   920  C CD1 . LEU B 2 3   ? -11.720 8.255   8.233   1.00 29.68 ? 35  LEU B CD1 1 
ATOM   921  C CD2 . LEU B 2 3   ? -13.857 8.920   9.449   1.00 29.34 ? 35  LEU B CD2 1 
ATOM   922  N N   . PRO B 2 4   ? -16.101 9.459   4.967   1.00 25.17 ? 36  PRO B N   1 
ATOM   923  C CA  . PRO B 2 4   ? -16.433 9.658   3.569   1.00 24.66 ? 36  PRO B CA  1 
ATOM   924  C C   . PRO B 2 4   ? -15.339 9.161   2.582   1.00 23.74 ? 36  PRO B C   1 
ATOM   925  O O   . PRO B 2 4   ? -15.662 8.600   1.545   1.00 24.37 ? 36  PRO B O   1 
ATOM   926  C CB  . PRO B 2 4   ? -16.651 11.183  3.484   1.00 26.37 ? 36  PRO B CB  1 
ATOM   927  C CG  . PRO B 2 4   ? -17.130 11.541  4.837   1.00 25.94 ? 36  PRO B CG  1 
ATOM   928  C CD  . PRO B 2 4   ? -16.329 10.686  5.774   1.00 26.64 ? 36  PRO B CD  1 
ATOM   929  N N   . SER B 2 5   ? -14.054 9.343   2.891   1.00 22.96 ? 37  SER B N   1 
ATOM   930  C CA  . SER B 2 5   ? -13.003 8.953   1.940   1.00 21.43 ? 37  SER B CA  1 
ATOM   931  C C   . SER B 2 5   ? -12.789 7.430   1.870   1.00 22.65 ? 37  SER B C   1 
ATOM   932  O O   . SER B 2 5   ? -12.001 6.958   1.057   1.00 23.79 ? 37  SER B O   1 
ATOM   933  C CB  . SER B 2 5   ? -11.671 9.636   2.294   1.00 22.58 ? 37  SER B CB  1 
ATOM   934  O OG  . SER B 2 5   ? -11.280 9.193   3.596   1.00 23.45 ? 37  SER B OG  1 
ATOM   935  N N   . GLN B 2 6   ? -13.477 6.700   2.746   1.00 22.93 ? 38  GLN B N   1 
ATOM   936  C CA  . GLN B 2 6   ? -13.420 5.225   2.710   1.00 24.56 ? 38  GLN B CA  1 
ATOM   937  C C   . GLN B 2 6   ? -14.489 4.627   1.792   1.00 26.61 ? 38  GLN B C   1 
ATOM   938  O O   . GLN B 2 6   ? -14.527 3.372   1.609   1.00 26.59 ? 38  GLN B O   1 
ATOM   939  C CB  . GLN B 2 6   ? -13.615 4.679   4.087   1.00 25.45 ? 38  GLN B CB  1 
ATOM   940  C CG  . GLN B 2 6   ? -12.458 4.899   5.015   1.00 24.72 ? 38  GLN B CG  1 
ATOM   941  C CD  . GLN B 2 6   ? -12.861 4.595   6.454   1.00 28.28 ? 38  GLN B CD  1 
ATOM   942  O OE1 . GLN B 2 6   ? -14.041 4.433   6.760   1.00 33.02 ? 38  GLN B OE1 1 
ATOM   943  N NE2 . GLN B 2 6   ? -11.883 4.557   7.332   1.00 33.26 ? 38  GLN B NE2 1 
ATOM   944  N N   . ALA B 2 7   ? -15.286 5.513   1.181   1.00 26.96 ? 39  ALA B N   1 
ATOM   945  C CA  . ALA B 2 7   ? -16.473 5.102   0.391   1.00 29.11 ? 39  ALA B CA  1 
ATOM   946  C C   . ALA B 2 7   ? -16.099 4.049   -0.603  1.00 29.19 ? 39  ALA B C   1 
ATOM   947  O O   . ALA B 2 7   ? -16.793 3.025   -0.740  1.00 30.94 ? 39  ALA B O   1 
ATOM   948  C CB  . ALA B 2 7   ? -17.090 6.317   -0.352  1.00 28.35 ? 39  ALA B CB  1 
ATOM   949  N N   . MET B 2 8   ? -15.038 4.315   -1.348  1.00 28.95 ? 40  MET B N   1 
ATOM   950  C CA  . MET B 2 8   ? -14.694 3.419   -2.410  1.00 29.79 ? 40  MET B CA  1 
ATOM   951  C C   . MET B 2 8   ? -13.561 2.452   -2.070  1.00 27.09 ? 40  MET B C   1 
ATOM   952  O O   . MET B 2 8   ? -12.965 1.860   -2.970  1.00 26.72 ? 40  MET B O   1 
ATOM   953  C CB  . MET B 2 8   ? -14.416 4.212   -3.695  1.00 31.44 ? 40  MET B CB  1 
ATOM   954  C CG  . MET B 2 8   ? -15.690 4.938   -4.264  1.00 37.23 ? 40  MET B CG  1 
ATOM   955  S SD  . MET B 2 8   ? -17.059 3.783   -4.600  1.00 44.49 ? 40  MET B SD  1 
ATOM   956  C CE  . MET B 2 8   ? -18.214 4.062   -3.267  1.00 42.29 ? 40  MET B CE  1 
ATOM   957  N N   . ASP B 2 9   ? -13.315 2.216   -0.789  1.00 24.91 ? 41  ASP B N   1 
ATOM   958  C CA  . ASP B 2 9   ? -12.190 1.322   -0.437  1.00 23.45 ? 41  ASP B CA  1 
ATOM   959  C C   . ASP B 2 9   ? -12.308 -0.098  -1.007  1.00 24.21 ? 41  ASP B C   1 
ATOM   960  O O   . ASP B 2 9   ? -11.305 -0.788  -1.247  1.00 24.02 ? 41  ASP B O   1 
ATOM   961  C CB  . ASP B 2 9   ? -12.033 1.194   1.085   1.00 24.77 ? 41  ASP B CB  1 
ATOM   962  C CG  . ASP B 2 9   ? -11.458 2.472   1.753   1.00 25.74 ? 41  ASP B CG  1 
ATOM   963  O OD1 . ASP B 2 9   ? -11.175 3.457   1.029   1.00 23.07 ? 41  ASP B OD1 1 
ATOM   964  O OD2 . ASP B 2 9   ? -11.346 2.460   3.004   1.00 25.69 ? 41  ASP B OD2 1 
ATOM   965  N N   . ASP B 2 10  ? -13.547 -0.574  -1.161  1.00 23.62 ? 42  ASP B N   1 
ATOM   966  C CA  . ASP B 2 10  ? -13.695 -1.936  -1.733  1.00 23.35 ? 42  ASP B CA  1 
ATOM   967  C C   . ASP B 2 10  ? -13.141 -2.083  -3.171  1.00 23.59 ? 42  ASP B C   1 
ATOM   968  O O   . ASP B 2 10  ? -12.893 -3.240  -3.633  1.00 24.87 ? 42  ASP B O   1 
ATOM   969  C CB  . ASP B 2 10  ? -15.160 -2.364  -1.673  1.00 23.45 ? 42  ASP B CB  1 
ATOM   970  C CG  . ASP B 2 10  ? -15.598 -2.687  -0.278  1.00 24.31 ? 42  ASP B CG  1 
ATOM   971  O OD1 . ASP B 2 10  ? -14.745 -2.989  0.608   1.00 24.72 ? 42  ASP B OD1 1 
ATOM   972  O OD2 . ASP B 2 10  ? -16.827 -2.706  -0.050  1.00 25.29 ? 42  ASP B OD2 1 
ATOM   973  N N   . LEU B 2 11  ? -12.894 -0.952  -3.860  1.00 22.86 ? 43  LEU B N   1 
ATOM   974  C CA  . LEU B 2 11  ? -12.185 -0.978  -5.153  1.00 24.79 ? 43  LEU B CA  1 
ATOM   975  C C   . LEU B 2 11  ? -10.818 -1.667  -4.998  1.00 24.20 ? 43  LEU B C   1 
ATOM   976  O O   . LEU B 2 11  ? -10.293 -2.239  -5.954  1.00 24.18 ? 43  LEU B O   1 
ATOM   977  C CB  . LEU B 2 11  ? -11.966 0.418   -5.735  1.00 25.71 ? 43  LEU B CB  1 
ATOM   978  C CG  . LEU B 2 11  ? -13.195 1.219   -6.169  1.00 32.13 ? 43  LEU B CG  1 
ATOM   979  C CD1 . LEU B 2 11  ? -12.791 2.704   -6.457  1.00 30.90 ? 43  LEU B CD1 1 
ATOM   980  C CD2 . LEU B 2 11  ? -13.883 0.545   -7.371  1.00 29.82 ? 43  LEU B CD2 1 
ATOM   981  N N   . MET B 2 12  ? -10.253 -1.576  -3.791  1.00 23.66 ? 44  MET B N   1 
ATOM   982  C CA  . MET B 2 12  ? -8.874  -2.026  -3.544  1.00 23.79 ? 44  MET B CA  1 
ATOM   983  C C   . MET B 2 12  ? -8.797  -3.451  -3.014  1.00 26.05 ? 44  MET B C   1 
ATOM   984  O O   . MET B 2 12  ? -7.705  -3.973  -2.808  1.00 25.81 ? 44  MET B O   1 
ATOM   985  C CB  . MET B 2 12  ? -8.147  -1.053  -2.593  1.00 23.41 ? 44  MET B CB  1 
ATOM   986  C CG  . MET B 2 12  ? -8.036  0.310   -3.219  1.00 22.48 ? 44  MET B CG  1 
ATOM   987  S SD  . MET B 2 12  ? -7.256  0.345   -4.779  1.00 24.57 ? 44  MET B SD  1 
ATOM   988  C CE  . MET B 2 12  ? -5.673  -0.379  -4.456  1.00 21.85 ? 44  MET B CE  1 
ATOM   989  N N   . LEU B 2 13  ? -9.966  -4.096  -2.852  1.00 27.08 ? 45  LEU B N   1 
ATOM   990  C CA  . LEU B 2 13  ? -10.000 -5.464  -2.310  1.00 31.18 ? 45  LEU B CA  1 
ATOM   991  C C   . LEU B 2 13  ? -9.186  -6.439  -3.104  1.00 33.57 ? 45  LEU B C   1 
ATOM   992  O O   . LEU B 2 13  ? -9.278  -6.487  -4.315  1.00 33.52 ? 45  LEU B O   1 
ATOM   993  C CB  . LEU B 2 13  ? -11.425 -5.977  -2.179  1.00 31.27 ? 45  LEU B CB  1 
ATOM   994  C CG  . LEU B 2 13  ? -12.154 -5.401  -0.968  1.00 33.21 ? 45  LEU B CG  1 
ATOM   995  C CD1 . LEU B 2 13  ? -13.609 -5.804  -1.006  1.00 35.57 ? 45  LEU B CD1 1 
ATOM   996  C CD2 . LEU B 2 13  ? -11.506 -5.854  0.326   1.00 34.94 ? 45  LEU B CD2 1 
ATOM   997  N N   . SER B 2 14  ? -8.363  -7.201  -2.384  1.00 36.70 ? 46  SER B N   1 
ATOM   998  C CA  . SER B 2 14  ? -7.648  -8.278  -3.011  1.00 38.98 ? 46  SER B CA  1 
ATOM   999  C C   . SER B 2 14  ? -8.672  -9.257  -3.571  1.00 40.01 ? 46  SER B C   1 
ATOM   1000 O O   . SER B 2 14  ? -9.644  -9.624  -2.899  1.00 40.12 ? 46  SER B O   1 
ATOM   1001 C CB  . SER B 2 14  ? -6.694  -8.962  -2.041  1.00 39.04 ? 46  SER B CB  1 
ATOM   1002 O OG  . SER B 2 14  ? -5.821  -9.816  -2.766  1.00 40.02 ? 46  SER B OG  1 
ATOM   1003 N N   . PRO B 2 15  ? -8.509  -9.619  -4.835  1.00 40.76 ? 47  PRO B N   1 
ATOM   1004 C CA  . PRO B 2 15  ? -9.418  -10.573 -5.482  1.00 40.44 ? 47  PRO B CA  1 
ATOM   1005 C C   . PRO B 2 15  ? -9.603  -11.860 -4.659  1.00 39.17 ? 47  PRO B C   1 
ATOM   1006 O O   . PRO B 2 15  ? -10.685 -12.430 -4.666  1.00 39.38 ? 47  PRO B O   1 
ATOM   1007 C CB  . PRO B 2 15  ? -8.704  -10.900 -6.801  1.00 40.64 ? 47  PRO B CB  1 
ATOM   1008 C CG  . PRO B 2 15  ? -7.284  -10.369 -6.621  1.00 42.43 ? 47  PRO B CG  1 
ATOM   1009 C CD  . PRO B 2 15  ? -7.461  -9.151  -5.751  1.00 41.07 ? 47  PRO B CD  1 
ATOM   1010 N N   . ASP B 2 16  ? -8.558  -12.286 -3.947  1.00 38.16 ? 48  ASP B N   1 
ATOM   1011 C CA  . ASP B 2 16  ? -8.672  -13.452 -3.069  1.00 36.98 ? 48  ASP B CA  1 
ATOM   1012 C C   . ASP B 2 16  ? -9.606  -13.177 -1.909  1.00 34.69 ? 48  ASP B C   1 
ATOM   1013 O O   . ASP B 2 16  ? -10.291 -14.097 -1.442  1.00 34.41 ? 48  ASP B O   1 
ATOM   1014 C CB  . ASP B 2 16  ? -7.316  -13.883 -2.499  1.00 37.39 ? 48  ASP B CB  1 
ATOM   1015 C CG  . ASP B 2 16  ? -6.411  -14.490 -3.543  1.00 41.35 ? 48  ASP B CG  1 
ATOM   1016 O OD1 . ASP B 2 16  ? -6.918  -15.070 -4.552  1.00 42.80 ? 48  ASP B OD1 1 
ATOM   1017 O OD2 . ASP B 2 16  ? -5.174  -14.398 -3.340  1.00 43.04 ? 48  ASP B OD2 1 
ATOM   1018 N N   . ASP B 2 17  ? -9.653  -11.914 -1.463  1.00 32.08 ? 49  ASP B N   1 
ATOM   1019 C CA  . ASP B 2 17  ? -10.407 -11.577 -0.264  1.00 30.61 ? 49  ASP B CA  1 
ATOM   1020 C C   . ASP B 2 17  ? -11.889 -11.742 -0.526  1.00 28.53 ? 49  ASP B C   1 
ATOM   1021 O O   . ASP B 2 17  ? -12.616 -12.244 0.310   1.00 28.11 ? 49  ASP B O   1 
ATOM   1022 C CB  . ASP B 2 17  ? -10.113 -10.157 0.190   1.00 31.99 ? 49  ASP B CB  1 
ATOM   1023 C CG  . ASP B 2 17  ? -8.765  -10.057 0.950   1.00 36.45 ? 49  ASP B CG  1 
ATOM   1024 O OD1 . ASP B 2 17  ? -7.785  -10.641 0.455   1.00 40.94 ? 49  ASP B OD1 1 
ATOM   1025 O OD2 . ASP B 2 17  ? -8.702  -9.376  2.009   1.00 37.34 ? 49  ASP B OD2 1 
ATOM   1026 N N   . ILE B 2 18  ? -12.300 -11.313 -1.709  1.00 26.96 ? 50  ILE B N   1 
ATOM   1027 C CA  . ILE B 2 18  ? -13.686 -11.397 -2.077  1.00 26.83 ? 50  ILE B CA  1 
ATOM   1028 C C   . ILE B 2 18  ? -14.121 -12.862 -2.234  1.00 26.88 ? 50  ILE B C   1 
ATOM   1029 O O   . ILE B 2 18  ? -15.203 -13.241 -1.727  1.00 26.32 ? 50  ILE B O   1 
ATOM   1030 C CB  . ILE B 2 18  ? -13.998 -10.614 -3.374  1.00 27.13 ? 50  ILE B CB  1 
ATOM   1031 C CG1 . ILE B 2 18  ? -13.755 -9.132  -3.139  1.00 26.27 ? 50  ILE B CG1 1 
ATOM   1032 C CG2 . ILE B 2 18  ? -15.461 -10.837 -3.686  1.00 26.88 ? 50  ILE B CG2 1 
ATOM   1033 C CD1 . ILE B 2 18  ? -13.788 -8.228  -4.425  1.00 28.67 ? 50  ILE B CD1 1 
ATOM   1034 N N   . GLU B 2 19  ? -13.286 -13.649 -2.934  1.00 27.96 ? 51  GLU B N   1 
ATOM   1035 C CA  . GLU B 2 19  ? -13.521 -15.125 -3.113  1.00 29.38 ? 51  GLU B CA  1 
ATOM   1036 C C   . GLU B 2 19  ? -13.798 -15.717 -1.747  1.00 29.23 ? 51  GLU B C   1 
ATOM   1037 O O   . GLU B 2 19  ? -14.715 -16.531 -1.574  1.00 29.09 ? 51  GLU B O   1 
ATOM   1038 C CB  . GLU B 2 19  ? -12.317 -15.855 -3.751  1.00 29.27 ? 51  GLU B CB  1 
ATOM   1039 C CG  . GLU B 2 19  ? -11.704 -15.227 -5.070  1.00 32.89 ? 51  GLU B CG  1 
ATOM   1040 C CD  . GLU B 2 19  ? -12.112 -15.923 -6.380  1.00 37.04 ? 51  GLU B CD  1 
ATOM   1041 O OE1 . GLU B 2 19  ? -12.798 -16.999 -6.305  1.00 40.16 ? 51  GLU B OE1 1 
ATOM   1042 O OE2 . GLU B 2 19  ? -11.743 -15.376 -7.463  1.00 30.09 ? 51  GLU B OE2 1 
ATOM   1043 N N   . GLN B 2 20  ? -13.026 -15.297 -0.752  1.00 29.08 ? 52  GLN B N   1 
ATOM   1044 C CA  . GLN B 2 20  ? -13.146 -15.934 0.546   1.00 31.08 ? 52  GLN B CA  1 
ATOM   1045 C C   . GLN B 2 20  ? -14.457 -15.639 1.310   1.00 29.15 ? 52  GLN B C   1 
ATOM   1046 O O   . GLN B 2 20  ? -14.885 -16.444 2.134   1.00 29.88 ? 52  GLN B O   1 
ATOM   1047 C CB  . GLN B 2 20  ? -11.879 -15.685 1.380   1.00 31.56 ? 52  GLN B CB  1 
ATOM   1048 C CG  . GLN B 2 20  ? -10.635 -16.288 0.698   1.00 37.85 ? 52  GLN B CG  1 
ATOM   1049 C CD  . GLN B 2 20  ? -9.459  -16.466 1.647   1.00 46.67 ? 52  GLN B CD  1 
ATOM   1050 O OE1 . GLN B 2 20  ? -9.336  -15.757 2.665   1.00 50.17 ? 52  GLN B OE1 1 
ATOM   1051 N NE2 . GLN B 2 20  ? -8.584  -17.424 1.324   1.00 47.69 ? 52  GLN B NE2 1 
ATOM   1052 N N   . TRP B 2 21  ? -15.139 -14.536 0.979   1.00 27.79 ? 53  TRP B N   1 
ATOM   1053 C CA  . TRP B 2 21  ? -16.460 -14.259 1.504   1.00 26.02 ? 53  TRP B CA  1 
ATOM   1054 C C   . TRP B 2 21  ? -17.436 -15.382 1.102   1.00 26.52 ? 53  TRP B C   1 
ATOM   1055 O O   . TRP B 2 21  ? -18.439 -15.599 1.771   1.00 28.93 ? 53  TRP B O   1 
ATOM   1056 C CB  . TRP B 2 21  ? -17.049 -12.964 0.931   1.00 27.47 ? 53  TRP B CB  1 
ATOM   1057 C CG  . TRP B 2 21  ? -16.346 -11.709 1.388   1.00 27.84 ? 53  TRP B CG  1 
ATOM   1058 C CD1 . TRP B 2 21  ? -15.537 -11.572 2.485   1.00 29.77 ? 53  TRP B CD1 1 
ATOM   1059 C CD2 . TRP B 2 21  ? -16.419 -10.412 0.777   1.00 27.85 ? 53  TRP B CD2 1 
ATOM   1060 N NE1 . TRP B 2 21  ? -15.088 -10.269 2.583   1.00 31.18 ? 53  TRP B NE1 1 
ATOM   1061 C CE2 . TRP B 2 21  ? -15.600 -9.542  1.540   1.00 30.29 ? 53  TRP B CE2 1 
ATOM   1062 C CE3 . TRP B 2 21  ? -17.060 -9.907  -0.368  1.00 27.00 ? 53  TRP B CE3 1 
ATOM   1063 C CZ2 . TRP B 2 21  ? -15.438 -8.186  1.217   1.00 27.95 ? 53  TRP B CZ2 1 
ATOM   1064 C CZ3 . TRP B 2 21  ? -16.897 -8.519  -0.688  1.00 26.55 ? 53  TRP B CZ3 1 
ATOM   1065 C CH2 . TRP B 2 21  ? -16.090 -7.701  0.107   1.00 27.92 ? 53  TRP B CH2 1 
ATOM   1066 N N   . PHE B 2 22  ? -17.160 -16.012 -0.033  1.00 24.83 ? 54  PHE B N   1 
ATOM   1067 C CA  . PHE B 2 22  ? -18.068 -16.988 -0.623  1.00 25.69 ? 54  PHE B CA  1 
ATOM   1068 C C   . PHE B 2 22  ? -17.757 -18.452 -0.276  1.00 28.38 ? 54  PHE B C   1 
ATOM   1069 O O   . PHE B 2 22  ? -18.581 -19.345 -0.451  1.00 28.33 ? 54  PHE B O   1 
ATOM   1070 C CB  . PHE B 2 22  ? -18.127 -16.777 -2.129  1.00 25.31 ? 54  PHE B CB  1 
ATOM   1071 C CG  . PHE B 2 22  ? -18.916 -15.566 -2.485  1.00 22.31 ? 54  PHE B CG  1 
ATOM   1072 C CD1 . PHE B 2 22  ? -18.297 -14.296 -2.580  1.00 24.24 ? 54  PHE B CD1 1 
ATOM   1073 C CD2 . PHE B 2 22  ? -20.306 -15.667 -2.654  1.00 21.02 ? 54  PHE B CD2 1 
ATOM   1074 C CE1 . PHE B 2 22  ? -19.080 -13.177 -2.828  1.00 20.88 ? 54  PHE B CE1 1 
ATOM   1075 C CE2 . PHE B 2 22  ? -21.044 -14.559 -2.920  1.00 22.97 ? 54  PHE B CE2 1 
ATOM   1076 C CZ  . PHE B 2 22  ? -20.412 -13.301 -3.022  1.00 23.85 ? 54  PHE B CZ  1 
ATOM   1077 N N   . THR B 2 23  ? -16.546 -18.696 0.208   1.00 30.24 ? 55  THR B N   1 
ATOM   1078 C CA  . THR B 2 23  ? -16.102 -20.090 0.410   1.00 33.91 ? 55  THR B CA  1 
ATOM   1079 C C   . THR B 2 23  ? -15.861 -20.406 1.875   1.00 36.49 ? 55  THR B C   1 
ATOM   1080 O O   . THR B 2 23  ? -15.830 -21.592 2.252   1.00 38.60 ? 55  THR B O   1 
ATOM   1081 C CB  . THR B 2 23  ? -14.784 -20.400 -0.321  1.00 32.72 ? 55  THR B CB  1 
ATOM   1082 O OG1 . THR B 2 23  ? -13.773 -19.519 0.157   1.00 33.80 ? 55  THR B OG1 1 
ATOM   1083 C CG2 . THR B 2 23  ? -14.905 -20.275 -1.857  1.00 33.33 ? 55  THR B CG2 1 
ATOM   1084 N N   . GLU B 2 24  ? -15.643 -19.378 2.699   1.00 39.29 ? 56  GLU B N   1 
ATOM   1085 C CA  . GLU B 2 24  ? -15.209 -19.613 4.097   1.00 41.89 ? 56  GLU B CA  1 
ATOM   1086 C C   . GLU B 2 24  ? -16.363 -19.581 5.096   1.00 42.93 ? 56  GLU B C   1 
ATOM   1087 O O   . GLU B 2 24  ? -16.452 -20.471 5.959   1.00 44.16 ? 56  GLU B O   1 
ATOM   1088 C CB  . GLU B 2 24  ? -14.082 -18.651 4.526   1.00 42.83 ? 56  GLU B CB  1 
ATOM   1089 C CG  . GLU B 2 24  ? -12.808 -18.729 3.678   1.00 45.63 ? 56  GLU B CG  1 
ATOM   1090 C CD  . GLU B 2 24  ? -12.363 -20.167 3.394   1.00 51.27 ? 56  GLU B CD  1 
ATOM   1091 O OE1 . GLU B 2 24  ? -11.908 -20.866 4.343   1.00 54.59 ? 56  GLU B OE1 1 
ATOM   1092 O OE2 . GLU B 2 24  ? -12.468 -20.596 2.219   1.00 52.04 ? 56  GLU B OE2 1 
HETATM 1093 O O   . HOH C 3 .   ? 1.462   -0.866  11.364  1.00 20.81 ? 121 HOH A O   1 
HETATM 1094 O O   . HOH C 3 .   ? 1.897   -8.680  3.628   1.00 23.69 ? 122 HOH A O   1 
HETATM 1095 O O   . HOH C 3 .   ? 0.447   7.505   -9.957  1.00 24.21 ? 123 HOH A O   1 
HETATM 1096 O O   . HOH C 3 .   ? 10.120  -7.268  10.683  1.00 24.75 ? 124 HOH A O   1 
HETATM 1097 O O   . HOH C 3 .   ? 4.617   15.160  4.321   1.00 26.68 ? 125 HOH A O   1 
HETATM 1098 O O   . HOH C 3 .   ? -10.002 5.415   -5.234  1.00 27.92 ? 126 HOH A O   1 
HETATM 1099 O O   . HOH C 3 .   ? 3.021   13.317  -8.883  1.00 28.12 ? 127 HOH A O   1 
HETATM 1100 O O   . HOH C 3 .   ? 12.444  6.153   -6.924  1.00 28.12 ? 128 HOH A O   1 
HETATM 1101 O O   . HOH C 3 .   ? 10.251  10.565  3.232   1.00 28.97 ? 129 HOH A O   1 
HETATM 1102 O O   . HOH C 3 .   ? -6.031  8.452   9.764   1.00 29.42 ? 130 HOH A O   1 
HETATM 1103 O O   . HOH C 3 .   ? -6.864  2.124   4.581   1.00 29.92 ? 131 HOH A O   1 
HETATM 1104 O O   . HOH C 3 .   ? -4.584  8.386   12.065  1.00 29.88 ? 132 HOH A O   1 
HETATM 1105 O O   . HOH C 3 .   ? 4.208   1.481   15.104  1.00 30.21 ? 133 HOH A O   1 
HETATM 1106 O O   . HOH C 3 .   ? -12.524 13.641  3.929   1.00 30.65 ? 134 HOH A O   1 
HETATM 1107 O O   . HOH C 3 .   ? 0.145   17.368  -0.714  1.00 30.76 ? 135 HOH A O   1 
HETATM 1108 O O   . HOH C 3 .   ? -7.348  0.645   6.665   1.00 31.23 ? 136 HOH A O   1 
HETATM 1109 O O   . HOH C 3 .   ? 0.031   -5.705  -9.973  1.00 32.44 ? 137 HOH A O   1 
HETATM 1110 O O   . HOH C 3 .   ? 17.842  0.586   3.591   1.00 32.96 ? 138 HOH A O   1 
HETATM 1111 O O   . HOH C 3 .   ? 0.895   16.933  -8.896  1.00 33.20 ? 139 HOH A O   1 
HETATM 1112 O O   . HOH C 3 .   ? 4.928   14.713  -6.811  1.00 34.23 ? 140 HOH A O   1 
HETATM 1113 O O   . HOH C 3 .   ? -1.659  -9.672  -3.299  1.00 34.62 ? 141 HOH A O   1 
HETATM 1114 O O   . HOH C 3 .   ? -6.521  -1.976  4.517   1.00 35.63 ? 142 HOH A O   1 
HETATM 1115 O O   . HOH C 3 .   ? 12.314  12.974  -5.159  1.00 35.34 ? 143 HOH A O   1 
HETATM 1116 O O   . HOH C 3 .   ? -8.846  23.674  -5.545  1.00 35.61 ? 144 HOH A O   1 
HETATM 1117 O O   . HOH C 3 .   ? -3.180  -4.461  14.139  1.00 35.72 ? 145 HOH A O   1 
HETATM 1118 O O   . HOH C 3 .   ? -1.641  -8.427  11.972  1.00 35.88 ? 146 HOH A O   1 
HETATM 1119 O O   . HOH C 3 .   ? -7.982  22.101  -7.512  1.00 36.29 ? 147 HOH A O   1 
HETATM 1120 O O   . HOH C 3 .   ? 0.567   19.582  -8.566  1.00 36.42 ? 148 HOH A O   1 
HETATM 1121 O O   . HOH C 3 .   ? 13.656  15.213  -5.991  1.00 36.17 ? 149 HOH A O   1 
HETATM 1122 O O   . HOH C 3 .   ? 1.944   -9.567  -9.277  1.00 36.51 ? 150 HOH A O   1 
HETATM 1123 O O   . HOH C 3 .   ? -7.134  18.274  4.146   1.00 36.42 ? 151 HOH A O   1 
HETATM 1124 O O   . HOH C 3 .   ? -5.519  6.843   7.638   1.00 36.70 ? 152 HOH A O   1 
HETATM 1125 O O   . HOH C 3 .   ? 5.035   12.346  -14.320 1.00 37.52 ? 153 HOH A O   1 
HETATM 1126 O O   . HOH C 3 .   ? 7.296   -7.276  -9.306  1.00 37.09 ? 154 HOH A O   1 
HETATM 1127 O O   . HOH C 3 .   ? -4.076  -10.746 5.700   1.00 37.13 ? 155 HOH A O   1 
HETATM 1128 O O   . HOH C 3 .   ? -4.802  -0.847  13.716  1.00 37.27 ? 156 HOH A O   1 
HETATM 1129 O O   . HOH C 3 .   ? 13.579  -10.208 -7.306  1.00 38.15 ? 157 HOH A O   1 
HETATM 1130 O O   . HOH C 3 .   ? 12.232  8.782   4.255   1.00 38.09 ? 158 HOH A O   1 
HETATM 1131 O O   . HOH C 3 .   ? 3.001   -3.442  -12.385 1.00 38.52 ? 159 HOH A O   1 
HETATM 1132 O O   . HOH C 3 .   ? 5.244   -6.361  15.158  1.00 38.23 ? 160 HOH A O   1 
HETATM 1133 O O   . HOH C 3 .   ? 15.924  7.120   -3.507  1.00 38.19 ? 161 HOH A O   1 
HETATM 1134 O O   . HOH C 3 .   ? 8.914   13.992  2.982   1.00 39.20 ? 162 HOH A O   1 
HETATM 1135 O O   . HOH C 3 .   ? 5.780   8.491   10.857  1.00 39.38 ? 163 HOH A O   1 
HETATM 1136 O O   . HOH C 3 .   ? 13.276  2.352   -8.499  1.00 39.00 ? 164 HOH A O   1 
HETATM 1137 O O   . HOH C 3 .   ? 9.328   13.782  -11.568 1.00 38.91 ? 165 HOH A O   1 
HETATM 1138 O O   . HOH C 3 .   ? 2.251   15.516  -10.764 1.00 39.14 ? 166 HOH A O   1 
HETATM 1139 O O   . HOH C 3 .   ? 14.727  5.326   -5.012  1.00 39.06 ? 167 HOH A O   1 
HETATM 1140 O O   . HOH C 3 .   ? -4.592  -7.998  -4.930  1.00 39.31 ? 168 HOH A O   1 
HETATM 1141 O O   . HOH C 3 .   ? -1.631  -1.415  14.168  1.00 39.47 ? 169 HOH A O   1 
HETATM 1142 O O   . HOH C 3 .   ? 1.357   17.405  2.020   1.00 39.97 ? 170 HOH A O   1 
HETATM 1143 O O   . HOH C 3 .   ? -7.711  5.570   14.061  1.00 40.02 ? 171 HOH A O   1 
HETATM 1144 O O   . HOH C 3 .   ? 5.294   14.459  -10.022 1.00 40.09 ? 172 HOH A O   1 
HETATM 1145 O O   . HOH C 3 .   ? 13.097  -0.305  -8.290  1.00 40.47 ? 173 HOH A O   1 
HETATM 1146 O O   . HOH C 3 .   ? -6.514  -4.081  -8.836  1.00 40.39 ? 174 HOH A O   1 
HETATM 1147 O O   . HOH C 3 .   ? -9.093  0.077   2.975   1.00 41.63 ? 175 HOH A O   1 
HETATM 1148 O O   . HOH C 3 .   ? 0.216   19.588  2.766   1.00 41.90 ? 176 HOH A O   1 
HETATM 1149 O O   . HOH C 3 .   ? -10.907 1.404   9.549   1.00 42.23 ? 177 HOH A O   1 
HETATM 1150 O O   . HOH C 3 .   ? 1.190   -10.919 9.956   1.00 41.79 ? 178 HOH A O   1 
HETATM 1151 O O   . HOH C 3 .   ? -0.285  -8.283  -10.541 1.00 42.71 ? 179 HOH A O   1 
HETATM 1152 O O   . HOH C 3 .   ? 0.290   13.516  13.819  1.00 42.57 ? 180 HOH A O   1 
HETATM 1153 O O   . HOH C 3 .   ? 2.565   16.236  6.221   1.00 42.44 ? 181 HOH A O   1 
HETATM 1154 O O   . HOH C 3 .   ? 6.717   13.896  -13.053 1.00 42.90 ? 182 HOH A O   1 
HETATM 1155 O O   . HOH C 3 .   ? -12.001 5.508   10.213  1.00 43.78 ? 183 HOH A O   1 
HETATM 1156 O O   . HOH C 3 .   ? -3.541  12.724  -10.524 1.00 43.41 ? 184 HOH A O   1 
HETATM 1157 O O   . HOH C 3 .   ? -2.577  -7.323  14.064  1.00 43.80 ? 185 HOH A O   1 
HETATM 1158 O O   . HOH C 3 .   ? 1.234   14.346  -12.972 1.00 43.57 ? 186 HOH A O   1 
HETATM 1159 O O   . HOH C 3 .   ? -9.041  -4.676  -7.066  1.00 44.21 ? 187 HOH A O   1 
HETATM 1160 O O   . HOH C 3 .   ? -10.575 5.992   -12.096 1.00 43.85 ? 188 HOH A O   1 
HETATM 1161 O O   . HOH C 3 .   ? -4.278  19.986  -7.653  1.00 44.63 ? 189 HOH A O   1 
HETATM 1162 O O   . HOH C 3 .   ? -6.137  22.567  -9.178  1.00 44.00 ? 190 HOH A O   1 
HETATM 1163 O O   . HOH C 3 .   ? 10.550  5.404   -11.988 1.00 44.25 ? 191 HOH A O   1 
HETATM 1164 O O   . HOH C 3 .   ? 2.289   7.568   -16.653 1.00 44.96 ? 192 HOH A O   1 
HETATM 1165 O O   . HOH C 3 .   ? 5.259   -11.369 13.265  1.00 45.36 ? 193 HOH A O   1 
HETATM 1166 O O   . HOH C 3 .   ? 3.428   -13.586 -6.581  1.00 45.12 ? 194 HOH A O   1 
HETATM 1167 O O   . HOH C 3 .   ? -15.128 14.659  4.098   1.00 45.73 ? 195 HOH A O   1 
HETATM 1168 O O   . HOH C 3 .   ? 16.824  7.606   1.000   1.00 46.50 ? 196 HOH A O   1 
HETATM 1169 O O   . HOH C 3 .   ? -8.421  20.196  -10.057 1.00 46.75 ? 197 HOH A O   1 
HETATM 1170 O O   . HOH C 3 .   ? 14.114  11.281  0.731   1.00 46.81 ? 198 HOH A O   1 
HETATM 1171 O O   . HOH C 3 .   ? 5.784   -9.597  15.435  1.00 46.09 ? 199 HOH A O   1 
HETATM 1172 O O   . HOH C 3 .   ? 2.173   -0.950  15.774  1.00 46.01 ? 200 HOH A O   1 
HETATM 1173 O O   . HOH C 3 .   ? 7.632   -10.559 -10.956 1.00 46.15 ? 201 HOH A O   1 
HETATM 1174 O O   . HOH C 3 .   ? -11.876 4.578   -9.582  1.00 46.61 ? 202 HOH A O   1 
HETATM 1175 O O   . HOH C 3 .   ? -2.376  0.328   15.621  1.00 46.75 ? 203 HOH A O   1 
HETATM 1176 O O   . HOH C 3 .   ? -7.266  11.780  -14.035 1.00 46.53 ? 204 HOH A O   1 
HETATM 1177 O O   . HOH C 3 .   ? 9.016   -8.261  12.661  1.00 48.06 ? 205 HOH A O   1 
HETATM 1178 O O   . HOH C 3 .   ? -6.204  -6.359  4.240   1.00 49.03 ? 206 HOH A O   1 
HETATM 1179 O O   . HOH C 3 .   ? -2.927  -1.905  -12.059 1.00 48.64 ? 207 HOH A O   1 
HETATM 1180 O O   . HOH C 3 .   ? -4.026  19.268  0.916   1.00 49.19 ? 208 HOH A O   1 
HETATM 1181 O O   . HOH C 3 .   ? -3.994  -7.646  -7.096  1.00 50.13 ? 209 HOH A O   1 
HETATM 1182 O O   . HOH C 3 .   ? 11.305  13.598  6.155   1.00 51.24 ? 210 HOH A O   1 
HETATM 1183 O O   . HOH C 3 .   ? 10.526  -6.430  -9.775  1.00 49.85 ? 211 HOH A O   1 
HETATM 1184 O O   . HOH C 3 .   ? -1.405  -14.312 -1.334  1.00 51.07 ? 212 HOH A O   1 
HETATM 1185 O O   . HOH C 3 .   ? 14.787  9.919   6.364   1.00 51.32 ? 213 HOH A O   1 
HETATM 1186 O O   . HOH C 3 .   ? -6.854  -8.465  5.822   1.00 51.42 ? 214 HOH A O   1 
HETATM 1187 O O   . HOH C 3 .   ? 2.316   15.169  -15.795 1.00 52.08 ? 215 HOH A O   1 
HETATM 1188 O O   . HOH C 3 .   ? 8.873   -17.694 -5.393  1.00 51.71 ? 216 HOH A O   1 
HETATM 1189 O O   . HOH C 3 .   ? 7.434   -2.366  15.539  1.00 53.55 ? 217 HOH A O   1 
HETATM 1190 O O   . HOH C 3 .   ? 11.726  -12.206 -10.497 1.00 54.74 ? 218 HOH A O   1 
HETATM 1191 O O   . HOH C 3 .   ? -6.452  17.146  1.274   1.00 53.62 ? 219 HOH A O   1 
HETATM 1192 O O   . HOH C 3 .   ? 17.760  5.228   -3.361  1.00 55.01 ? 220 HOH A O   1 
HETATM 1193 O O   . HOH C 3 .   ? 4.839   -15.506 5.927   1.00 55.64 ? 221 HOH A O   1 
HETATM 1194 O O   . HOH C 3 .   ? 4.839   8.504   -15.990 1.00 56.83 ? 222 HOH A O   1 
HETATM 1195 O O   . HOH C 3 .   ? 7.252   15.928  4.553   1.00 54.62 ? 223 HOH A O   1 
HETATM 1196 O O   . HOH C 3 .   ? 5.449   -3.742  15.624  1.00 52.53 ? 224 HOH A O   1 
HETATM 1197 O O   . HOH C 3 .   ? 0.595   7.661   18.503  1.00 54.41 ? 225 HOH A O   1 
HETATM 1198 O O   . HOH C 3 .   ? -2.637  -11.538 11.805  1.00 54.77 ? 226 HOH A O   1 
HETATM 1199 O O   . HOH C 3 .   ? 2.786   -10.643 11.947  1.00 55.39 ? 227 HOH A O   1 
HETATM 1200 O O   . HOH C 3 .   ? 3.124   -16.289 4.079   1.00 55.79 ? 228 HOH A O   1 
HETATM 1201 O O   . HOH C 3 .   ? -4.932  9.219   -17.480 1.00 58.80 ? 229 HOH A O   1 
HETATM 1202 O O   . HOH C 3 .   ? -2.523  19.958  -9.923  1.00 59.67 ? 230 HOH A O   1 
HETATM 1203 O O   . HOH C 3 .   ? 10.250  -12.739 0.911   1.00 54.50 ? 231 HOH A O   1 
HETATM 1204 O O   . HOH C 3 .   ? 9.191   -16.979 -11.569 1.00 62.99 ? 232 HOH A O   1 
HETATM 1205 O O   . HOH C 3 .   ? 14.744  12.703  8.324   1.00 52.94 ? 233 HOH A O   1 
HETATM 1206 O O   . HOH C 3 .   ? -10.014 -1.583  10.463  1.00 61.90 ? 234 HOH A O   1 
HETATM 1207 O O   . HOH C 3 .   ? -12.902 22.212  0.610   1.00 63.85 ? 235 HOH A O   1 
HETATM 1208 O O   . HOH D 3 .   ? -12.173 5.164   -1.264  1.00 24.28 ? 61  HOH B O   1 
HETATM 1209 O O   . HOH D 3 .   ? -17.755 9.627   0.241   1.00 31.39 ? 62  HOH B O   1 
HETATM 1210 O O   . HOH D 3 .   ? -14.688 -18.252 -4.200  1.00 37.57 ? 63  HOH B O   1 
HETATM 1211 O O   . HOH D 3 .   ? -17.491 5.840   14.115  1.00 37.79 ? 64  HOH B O   1 
HETATM 1212 O O   . HOH D 3 .   ? -17.411 12.734  0.075   1.00 44.58 ? 65  HOH B O   1 
HETATM 1213 O O   . HOH D 3 .   ? -12.369 4.584   12.643  1.00 47.37 ? 66  HOH B O   1 
HETATM 1214 O O   . HOH D 3 .   ? -11.557 -11.854 2.630   1.00 48.05 ? 67  HOH B O   1 
HETATM 1215 O O   . HOH D 3 .   ? -18.906 8.883   7.033   1.00 48.50 ? 68  HOH B O   1 
HETATM 1216 O O   . HOH D 3 .   ? -7.580  -13.274 0.627   1.00 49.09 ? 69  HOH B O   1 
HETATM 1217 O O   . HOH D 3 .   ? -17.052 -21.364 8.227   1.00 49.61 ? 70  HOH B O   1 
HETATM 1218 O O   . HOH D 3 .   ? -5.482  -12.116 -4.803  1.00 49.62 ? 71  HOH B O   1 
HETATM 1219 O O   . HOH D 3 .   ? -18.041 14.119  -2.548  1.00 53.03 ? 72  HOH B O   1 
HETATM 1220 O O   . HOH D 3 .   ? -17.159 -16.271 4.588   1.00 51.47 ? 73  HOH B O   1 
HETATM 1221 O O   . HOH D 3 .   ? -11.040 -18.497 -4.419  1.00 62.98 ? 74  HOH B O   1 
# 
loop_
_pdbx_poly_seq_scheme.asym_id 
_pdbx_poly_seq_scheme.entity_id 
_pdbx_poly_seq_scheme.seq_id 
_pdbx_poly_seq_scheme.mon_id 
_pdbx_poly_seq_scheme.ndb_seq_num 
_pdbx_poly_seq_scheme.pdb_seq_num 
_pdbx_poly_seq_scheme.auth_seq_num 
_pdbx_poly_seq_scheme.pdb_mon_id 
_pdbx_poly_seq_scheme.auth_mon_id 
_pdbx_poly_seq_scheme.pdb_strand_id 
_pdbx_poly_seq_scheme.pdb_ins_code 
_pdbx_poly_seq_scheme.hetero 
A 1 1   GLY 1   -2  ?   ?   ?   A . n 
A 1 2   SER 2   -1  ?   ?   ?   A . n 
A 1 3   HIS 3   0   ?   ?   ?   A . n 
A 1 4   MET 4   1   1   MET MET A . n 
A 1 5   VAL 5   2   2   VAL VAL A . n 
A 1 6   GLY 6   3   3   GLY GLY A . n 
A 1 7   GLN 7   4   4   GLN GLN A . n 
A 1 8   LEU 8   5   5   LEU LEU A . n 
A 1 9   SER 9   6   6   SER SER A . n 
A 1 10  GLU 10  7   7   GLU GLU A . n 
A 1 11  GLY 11  8   8   GLY GLY A . n 
A 1 12  ALA 12  9   9   ALA ALA A . n 
A 1 13  ILE 13  10  10  ILE ILE A . n 
A 1 14  ALA 14  11  11  ALA ALA A . n 
A 1 15  ALA 15  12  12  ALA ALA A . n 
A 1 16  ILE 16  13  13  ILE ILE A . n 
A 1 17  MET 17  14  14  MET MET A . n 
A 1 18  GLN 18  15  15  GLN GLN A . n 
A 1 19  LYS 19  16  16  LYS LYS A . n 
A 1 20  GLY 20  17  17  GLY GLY A . n 
A 1 21  ASP 21  18  18  ASP ASP A . n 
A 1 22  THR 22  19  19  THR THR A . n 
A 1 23  ASN 23  20  20  ASN ASN A . n 
A 1 24  ILE 24  21  21  ILE ILE A . n 
A 1 25  LYS 25  22  22  LYS LYS A . n 
A 1 26  PRO 26  23  23  PRO PRO A . n 
A 1 27  ILE 27  24  24  ILE ILE A . n 
A 1 28  LEU 28  25  25  LEU LEU A . n 
A 1 29  GLN 29  26  26  GLN GLN A . n 
A 1 30  VAL 30  27  27  VAL VAL A . n 
A 1 31  ILE 31  28  28  ILE ILE A . n 
A 1 32  ASN 32  29  29  ASN ASN A . n 
A 1 33  ILE 33  30  30  ILE ILE A . n 
A 1 34  ARG 34  31  31  ARG ARG A . n 
A 1 35  PRO 35  32  32  PRO PRO A . n 
A 1 36  ILE 36  33  33  ILE ILE A . n 
A 1 37  THR 37  34  34  THR THR A . n 
A 1 38  THR 38  35  ?   ?   ?   A . n 
A 1 39  GLY 39  36  ?   ?   ?   A . n 
A 1 40  ASN 40  37  ?   ?   ?   A . n 
A 1 41  SER 41  38  38  SER SER A . n 
A 1 42  PRO 42  39  39  PRO PRO A . n 
A 1 43  PRO 43  40  40  PRO PRO A . n 
A 1 44  ARG 44  41  41  ARG ARG A . n 
A 1 45  TYR 45  42  42  TYR TYR A . n 
A 1 46  ARG 46  43  43  ARG ARG A . n 
A 1 47  LEU 47  44  44  LEU LEU A . n 
A 1 48  LEU 48  45  45  LEU LEU A . n 
A 1 49  MET 49  46  46  MET MET A . n 
A 1 50  SER 50  47  47  SER SER A . n 
A 1 51  ASP 51  48  48  ASP ASP A . n 
A 1 52  GLY 52  49  49  GLY GLY A . n 
A 1 53  LEU 53  50  50  LEU LEU A . n 
A 1 54  ASN 54  51  51  ASN ASN A . n 
A 1 55  THR 55  52  52  THR THR A . n 
A 1 56  LEU 56  53  53  LEU LEU A . n 
A 1 57  SER 57  54  54  SER SER A . n 
A 1 58  SER 58  55  55  SER SER A . n 
A 1 59  PHE 59  56  56  PHE PHE A . n 
A 1 60  MET 60  57  57  MET MET A . n 
A 1 61  LEU 61  58  58  LEU LEU A . n 
A 1 62  ALA 62  59  59  ALA ALA A . n 
A 1 63  THR 63  60  60  THR THR A . n 
A 1 64  GLN 64  61  61  GLN GLN A . n 
A 1 65  LEU 65  62  62  LEU LEU A . n 
A 1 66  ASN 66  63  63  ASN ASN A . n 
A 1 67  PRO 67  64  64  PRO PRO A . n 
A 1 68  LEU 68  65  65  LEU LEU A . n 
A 1 69  VAL 69  66  66  VAL VAL A . n 
A 1 70  GLU 70  67  67  GLU GLU A . n 
A 1 71  GLU 71  68  68  GLU GLU A . n 
A 1 72  GLU 72  69  69  GLU GLU A . n 
A 1 73  GLN 73  70  70  GLN GLN A . n 
A 1 74  LEU 74  71  71  LEU LEU A . n 
A 1 75  SER 75  72  72  SER SER A . n 
A 1 76  SER 76  73  73  SER SER A . n 
A 1 77  ASN 77  74  74  ASN ASN A . n 
A 1 78  CYS 78  75  75  CYS CYS A . n 
A 1 79  VAL 79  76  76  VAL VAL A . n 
A 1 80  CYS 80  77  77  CYS CYS A . n 
A 1 81  GLN 81  78  78  GLN GLN A . n 
A 1 82  ILE 82  79  79  ILE ILE A . n 
A 1 83  HIS 83  80  80  HIS HIS A . n 
A 1 84  ARG 84  81  81  ARG ARG A . n 
A 1 85  PHE 85  82  82  PHE PHE A . n 
A 1 86  ILE 86  83  83  ILE ILE A . n 
A 1 87  VAL 87  84  84  VAL VAL A . n 
A 1 88  ASN 88  85  85  ASN ASN A . n 
A 1 89  THR 89  86  86  THR THR A . n 
A 1 90  LEU 90  87  87  LEU LEU A . n 
A 1 91  LYS 91  88  88  LYS LYS A . n 
A 1 92  ASP 92  89  89  ASP ASP A . n 
A 1 93  GLY 93  90  90  GLY GLY A . n 
A 1 94  ARG 94  91  91  ARG ARG A . n 
A 1 95  ARG 95  92  92  ARG ARG A . n 
A 1 96  VAL 96  93  93  VAL VAL A . n 
A 1 97  VAL 97  94  94  VAL VAL A . n 
A 1 98  ILE 98  95  95  ILE ILE A . n 
A 1 99  LEU 99  96  96  LEU LEU A . n 
A 1 100 MET 100 97  97  MET MET A . n 
A 1 101 GLU 101 98  98  GLU GLU A . n 
A 1 102 LEU 102 99  99  LEU LEU A . n 
A 1 103 GLU 103 100 100 GLU GLU A . n 
A 1 104 VAL 104 101 101 VAL VAL A . n 
A 1 105 LEU 105 102 102 LEU LEU A . n 
A 1 106 LYS 106 103 103 LYS LYS A . n 
A 1 107 SER 107 104 104 SER SER A . n 
A 1 108 ALA 108 105 105 ALA ALA A . n 
A 1 109 GLU 109 106 106 GLU GLU A . n 
A 1 110 ALA 110 107 107 ALA ALA A . n 
A 1 111 VAL 111 108 108 VAL VAL A . n 
A 1 112 GLY 112 109 109 GLY GLY A . n 
A 1 113 VAL 113 110 110 VAL VAL A . n 
A 1 114 LYS 114 111 111 LYS LYS A . n 
A 1 115 ILE 115 112 112 ILE ILE A . n 
A 1 116 GLY 116 113 113 GLY GLY A . n 
A 1 117 ASN 117 114 114 ASN ASN A . n 
A 1 118 PRO 118 115 115 PRO PRO A . n 
A 1 119 VAL 119 116 116 VAL VAL A . n 
A 1 120 PRO 120 117 117 PRO PRO A . n 
A 1 121 TYR 121 118 118 TYR TYR A . n 
A 1 122 ASN 122 119 119 ASN ASN A . n 
A 1 123 GLU 123 120 120 GLU GLU A . n 
B 2 1   SER 1   33  33  SER SER B . n 
B 2 2   PRO 2   34  34  PRO PRO B . n 
B 2 3   LEU 3   35  35  LEU LEU B . n 
B 2 4   PRO 4   36  36  PRO PRO B . n 
B 2 5   SER 5   37  37  SER SER B . n 
B 2 6   GLN 6   38  38  GLN GLN B . n 
B 2 7   ALA 7   39  39  ALA ALA B . n 
B 2 8   MET 8   40  40  MET MET B . n 
B 2 9   ASP 9   41  41  ASP ASP B . n 
B 2 10  ASP 10  42  42  ASP ASP B . n 
B 2 11  LEU 11  43  43  LEU LEU B . n 
B 2 12  MET 12  44  44  MET MET B . n 
B 2 13  LEU 13  45  45  LEU LEU B . n 
B 2 14  SER 14  46  46  SER SER B . n 
B 2 15  PRO 15  47  47  PRO PRO B . n 
B 2 16  ASP 16  48  48  ASP ASP B . n 
B 2 17  ASP 17  49  49  ASP ASP B . n 
B 2 18  ILE 18  50  50  ILE ILE B . n 
B 2 19  GLU 19  51  51  GLU GLU B . n 
B 2 20  GLN 20  52  52  GLN GLN B . n 
B 2 21  TRP 21  53  53  TRP TRP B . n 
B 2 22  PHE 22  54  54  PHE PHE B . n 
B 2 23  THR 23  55  55  THR THR B . n 
B 2 24  GLU 24  56  56  GLU GLU B . n 
B 2 25  ASP 25  57  ?   ?   ?   B . n 
B 2 26  PRO 26  58  ?   ?   ?   B . n 
B 2 27  GLY 27  59  ?   ?   ?   B . n 
B 2 28  PRO 28  60  ?   ?   ?   B . n 
# 
loop_
_pdbx_nonpoly_scheme.asym_id 
_pdbx_nonpoly_scheme.entity_id 
_pdbx_nonpoly_scheme.mon_id 
_pdbx_nonpoly_scheme.ndb_seq_num 
_pdbx_nonpoly_scheme.pdb_seq_num 
_pdbx_nonpoly_scheme.auth_seq_num 
_pdbx_nonpoly_scheme.pdb_mon_id 
_pdbx_nonpoly_scheme.auth_mon_id 
_pdbx_nonpoly_scheme.pdb_strand_id 
_pdbx_nonpoly_scheme.pdb_ins_code 
C 3 HOH 1   121 1   HOH HOH A . 
C 3 HOH 2   122 2   HOH HOH A . 
C 3 HOH 3   123 4   HOH HOH A . 
C 3 HOH 4   124 5   HOH HOH A . 
C 3 HOH 5   125 6   HOH HOH A . 
C 3 HOH 6   126 7   HOH HOH A . 
C 3 HOH 7   127 8   HOH HOH A . 
C 3 HOH 8   128 9   HOH HOH A . 
C 3 HOH 9   129 10  HOH HOH A . 
C 3 HOH 10  130 11  HOH HOH A . 
C 3 HOH 11  131 12  HOH HOH A . 
C 3 HOH 12  132 13  HOH HOH A . 
C 3 HOH 13  133 14  HOH HOH A . 
C 3 HOH 14  134 15  HOH HOH A . 
C 3 HOH 15  135 16  HOH HOH A . 
C 3 HOH 16  136 17  HOH HOH A . 
C 3 HOH 17  137 19  HOH HOH A . 
C 3 HOH 18  138 20  HOH HOH A . 
C 3 HOH 19  139 21  HOH HOH A . 
C 3 HOH 20  140 22  HOH HOH A . 
C 3 HOH 21  141 23  HOH HOH A . 
C 3 HOH 22  142 24  HOH HOH A . 
C 3 HOH 23  143 25  HOH HOH A . 
C 3 HOH 24  144 26  HOH HOH A . 
C 3 HOH 25  145 27  HOH HOH A . 
C 3 HOH 26  146 28  HOH HOH A . 
C 3 HOH 27  147 29  HOH HOH A . 
C 3 HOH 28  148 30  HOH HOH A . 
C 3 HOH 29  149 31  HOH HOH A . 
C 3 HOH 30  150 32  HOH HOH A . 
C 3 HOH 31  151 33  HOH HOH A . 
C 3 HOH 32  152 34  HOH HOH A . 
C 3 HOH 33  153 35  HOH HOH A . 
C 3 HOH 34  154 36  HOH HOH A . 
C 3 HOH 35  155 37  HOH HOH A . 
C 3 HOH 36  156 39  HOH HOH A . 
C 3 HOH 37  157 40  HOH HOH A . 
C 3 HOH 38  158 42  HOH HOH A . 
C 3 HOH 39  159 43  HOH HOH A . 
C 3 HOH 40  160 44  HOH HOH A . 
C 3 HOH 41  161 45  HOH HOH A . 
C 3 HOH 42  162 46  HOH HOH A . 
C 3 HOH 43  163 47  HOH HOH A . 
C 3 HOH 44  164 48  HOH HOH A . 
C 3 HOH 45  165 49  HOH HOH A . 
C 3 HOH 46  166 50  HOH HOH A . 
C 3 HOH 47  167 51  HOH HOH A . 
C 3 HOH 48  168 52  HOH HOH A . 
C 3 HOH 49  169 53  HOH HOH A . 
C 3 HOH 50  170 54  HOH HOH A . 
C 3 HOH 51  171 55  HOH HOH A . 
C 3 HOH 52  172 56  HOH HOH A . 
C 3 HOH 53  173 57  HOH HOH A . 
C 3 HOH 54  174 58  HOH HOH A . 
C 3 HOH 55  175 59  HOH HOH A . 
C 3 HOH 56  176 60  HOH HOH A . 
C 3 HOH 57  177 61  HOH HOH A . 
C 3 HOH 58  178 62  HOH HOH A . 
C 3 HOH 59  179 63  HOH HOH A . 
C 3 HOH 60  180 64  HOH HOH A . 
C 3 HOH 61  181 65  HOH HOH A . 
C 3 HOH 62  182 66  HOH HOH A . 
C 3 HOH 63  183 67  HOH HOH A . 
C 3 HOH 64  184 68  HOH HOH A . 
C 3 HOH 65  185 69  HOH HOH A . 
C 3 HOH 66  186 70  HOH HOH A . 
C 3 HOH 67  187 71  HOH HOH A . 
C 3 HOH 68  188 72  HOH HOH A . 
C 3 HOH 69  189 73  HOH HOH A . 
C 3 HOH 70  190 74  HOH HOH A . 
C 3 HOH 71  191 75  HOH HOH A . 
C 3 HOH 72  192 76  HOH HOH A . 
C 3 HOH 73  193 77  HOH HOH A . 
C 3 HOH 74  194 79  HOH HOH A . 
C 3 HOH 75  195 80  HOH HOH A . 
C 3 HOH 76  196 81  HOH HOH A . 
C 3 HOH 77  197 82  HOH HOH A . 
C 3 HOH 78  198 83  HOH HOH A . 
C 3 HOH 79  199 84  HOH HOH A . 
C 3 HOH 80  200 85  HOH HOH A . 
C 3 HOH 81  201 86  HOH HOH A . 
C 3 HOH 82  202 87  HOH HOH A . 
C 3 HOH 83  203 88  HOH HOH A . 
C 3 HOH 84  204 89  HOH HOH A . 
C 3 HOH 85  205 91  HOH HOH A . 
C 3 HOH 86  206 93  HOH HOH A . 
C 3 HOH 87  207 95  HOH HOH A . 
C 3 HOH 88  208 96  HOH HOH A . 
C 3 HOH 89  209 100 HOH HOH A . 
C 3 HOH 90  210 101 HOH HOH A . 
C 3 HOH 91  211 102 HOH HOH A . 
C 3 HOH 92  212 103 HOH HOH A . 
C 3 HOH 93  213 104 HOH HOH A . 
C 3 HOH 94  214 105 HOH HOH A . 
C 3 HOH 95  215 106 HOH HOH A . 
C 3 HOH 96  216 107 HOH HOH A . 
C 3 HOH 97  217 108 HOH HOH A . 
C 3 HOH 98  218 110 HOH HOH A . 
C 3 HOH 99  219 111 HOH HOH A . 
C 3 HOH 100 220 112 HOH HOH A . 
C 3 HOH 101 221 113 HOH HOH A . 
C 3 HOH 102 222 114 HOH HOH A . 
C 3 HOH 103 223 115 HOH HOH A . 
C 3 HOH 104 224 116 HOH HOH A . 
C 3 HOH 105 225 117 HOH HOH A . 
C 3 HOH 106 226 118 HOH HOH A . 
C 3 HOH 107 227 119 HOH HOH A . 
C 3 HOH 108 228 121 HOH HOH A . 
C 3 HOH 109 229 122 HOH HOH A . 
C 3 HOH 110 230 123 HOH HOH A . 
C 3 HOH 111 231 124 HOH HOH A . 
C 3 HOH 112 232 125 HOH HOH A . 
C 3 HOH 113 233 126 HOH HOH A . 
C 3 HOH 114 234 127 HOH HOH A . 
C 3 HOH 115 235 129 HOH HOH A . 
D 3 HOH 1   61  3   HOH HOH B . 
D 3 HOH 2   62  18  HOH HOH B . 
D 3 HOH 3   63  38  HOH HOH B . 
D 3 HOH 4   64  41  HOH HOH B . 
D 3 HOH 5   65  78  HOH HOH B . 
D 3 HOH 6   66  90  HOH HOH B . 
D 3 HOH 7   67  92  HOH HOH B . 
D 3 HOH 8   68  94  HOH HOH B . 
D 3 HOH 9   69  97  HOH HOH B . 
D 3 HOH 10  70  98  HOH HOH B . 
D 3 HOH 11  71  99  HOH HOH B . 
D 3 HOH 12  72  109 HOH HOH B . 
D 3 HOH 13  73  120 HOH HOH B . 
D 3 HOH 14  74  128 HOH HOH B . 
# 
_pdbx_struct_assembly.id                   1 
_pdbx_struct_assembly.details              author_defined_assembly 
_pdbx_struct_assembly.method_details       ? 
_pdbx_struct_assembly.oligomeric_details   hexameric 
_pdbx_struct_assembly.oligomeric_count     6 
# 
_pdbx_struct_assembly_gen.assembly_id       1 
_pdbx_struct_assembly_gen.oper_expression   1,2,3 
_pdbx_struct_assembly_gen.asym_id_list      A,B,C,D 
# 
loop_
_pdbx_struct_oper_list.id 
_pdbx_struct_oper_list.type 
_pdbx_struct_oper_list.name 
_pdbx_struct_oper_list.symmetry_operation 
_pdbx_struct_oper_list.matrix[1][1] 
_pdbx_struct_oper_list.matrix[1][2] 
_pdbx_struct_oper_list.matrix[1][3] 
_pdbx_struct_oper_list.vector[1] 
_pdbx_struct_oper_list.matrix[2][1] 
_pdbx_struct_oper_list.matrix[2][2] 
_pdbx_struct_oper_list.matrix[2][3] 
_pdbx_struct_oper_list.vector[2] 
_pdbx_struct_oper_list.matrix[3][1] 
_pdbx_struct_oper_list.matrix[3][2] 
_pdbx_struct_oper_list.matrix[3][3] 
_pdbx_struct_oper_list.vector[3] 
1 'identity operation'         1_555 x,y,z             1.0000000000  0.0000000000 0.0000000000  0.0000000000   0.0000000000 1.0000000000  0.0000000000  0.0000000000   0.0000000000  0.0000000000  1.0000000000  0.0000000000   
2 'crystal symmetry operation' 2_564 -x+1/2,-y+1,z-1/2 -0.9233276429 0.0016545505 0.3840095393  -7.2471427935  0.0016545505 -0.9999642956 0.0082867306  -16.5302832878 0.3840095393  0.0082867306  0.9232919386  -25.1583724923 
3 'crystal symmetry operation' 4_555 x+1/2,-y+1/2,-z   -0.2787319364 0.9488810767 -0.1480986494 -29.6879968076 0.9488810767 0.2483227015  -0.1948346434 -9.2481678199  -0.1480986494 -0.1948346434 -0.9695907651 -3.2835831238   
# 
loop_
_pdbx_audit_revision_history.ordinal 
_pdbx_audit_revision_history.data_content_type 
_pdbx_audit_revision_history.major_revision 
_pdbx_audit_revision_history.minor_revision 
_pdbx_audit_revision_history.revision_date 
1 'Structure model' 1 0 2005-10-11 
2 'Structure model' 1 1 2008-05-01 
3 'Structure model' 1 2 2011-07-13 
4 'Structure model' 1 3 2023-08-23 
# 
_pdbx_audit_revision_details.ordinal             1 
_pdbx_audit_revision_details.revision_ordinal    1 
_pdbx_audit_revision_details.data_content_type   'Structure model' 
_pdbx_audit_revision_details.provider            repository 
_pdbx_audit_revision_details.type                'Initial release' 
_pdbx_audit_revision_details.description         ? 
_pdbx_audit_revision_details.details             ? 
# 
loop_
_pdbx_audit_revision_group.ordinal 
_pdbx_audit_revision_group.revision_ordinal 
_pdbx_audit_revision_group.data_content_type 
_pdbx_audit_revision_group.group 
1 2 'Structure model' 'Version format compliance' 
2 3 'Structure model' 'Version format compliance' 
3 4 'Structure model' 'Data collection'           
4 4 'Structure model' 'Database references'       
5 4 'Structure model' 'Refinement description'    
# 
loop_
_pdbx_audit_revision_category.ordinal 
_pdbx_audit_revision_category.revision_ordinal 
_pdbx_audit_revision_category.data_content_type 
_pdbx_audit_revision_category.category 
1 4 'Structure model' chem_comp_atom                
2 4 'Structure model' chem_comp_bond                
3 4 'Structure model' database_2                    
4 4 'Structure model' pdbx_initial_refinement_model 
5 4 'Structure model' struct_ref_seq_dif            
# 
loop_
_pdbx_audit_revision_item.ordinal 
_pdbx_audit_revision_item.revision_ordinal 
_pdbx_audit_revision_item.data_content_type 
_pdbx_audit_revision_item.item 
1 4 'Structure model' '_database_2.pdbx_DOI'                
2 4 'Structure model' '_database_2.pdbx_database_accession' 
3 4 'Structure model' '_struct_ref_seq_dif.details'         
# 
loop_
_software.name 
_software.classification 
_software.version 
_software.citation_id 
_software.pdbx_ordinal 
REFMAC    refinement       5.1.24 ? 1 
DENZO     'data reduction' .      ? 2 
SCALEPACK 'data scaling'   .      ? 3 
MOLREP    phasing          .      ? 4 
# 
_pdbx_validate_close_contact.id               1 
_pdbx_validate_close_contact.PDB_model_num    1 
_pdbx_validate_close_contact.auth_atom_id_1   N 
_pdbx_validate_close_contact.auth_asym_id_1   B 
_pdbx_validate_close_contact.auth_comp_id_1   SER 
_pdbx_validate_close_contact.auth_seq_id_1    33 
_pdbx_validate_close_contact.PDB_ins_code_1   ? 
_pdbx_validate_close_contact.label_alt_id_1   ? 
_pdbx_validate_close_contact.auth_atom_id_2   O 
_pdbx_validate_close_contact.auth_asym_id_2   B 
_pdbx_validate_close_contact.auth_comp_id_2   HOH 
_pdbx_validate_close_contact.auth_seq_id_2    66 
_pdbx_validate_close_contact.PDB_ins_code_2   ? 
_pdbx_validate_close_contact.label_alt_id_2   ? 
_pdbx_validate_close_contact.dist             2.15 
# 
_pdbx_validate_rmsd_angle.id                         1 
_pdbx_validate_rmsd_angle.PDB_model_num              1 
_pdbx_validate_rmsd_angle.auth_atom_id_1             NE 
_pdbx_validate_rmsd_angle.auth_asym_id_1             A 
_pdbx_validate_rmsd_angle.auth_comp_id_1             ARG 
_pdbx_validate_rmsd_angle.auth_seq_id_1              41 
_pdbx_validate_rmsd_angle.PDB_ins_code_1             ? 
_pdbx_validate_rmsd_angle.label_alt_id_1             ? 
_pdbx_validate_rmsd_angle.auth_atom_id_2             CZ 
_pdbx_validate_rmsd_angle.auth_asym_id_2             A 
_pdbx_validate_rmsd_angle.auth_comp_id_2             ARG 
_pdbx_validate_rmsd_angle.auth_seq_id_2              41 
_pdbx_validate_rmsd_angle.PDB_ins_code_2             ? 
_pdbx_validate_rmsd_angle.label_alt_id_2             ? 
_pdbx_validate_rmsd_angle.auth_atom_id_3             NH2 
_pdbx_validate_rmsd_angle.auth_asym_id_3             A 
_pdbx_validate_rmsd_angle.auth_comp_id_3             ARG 
_pdbx_validate_rmsd_angle.auth_seq_id_3              41 
_pdbx_validate_rmsd_angle.PDB_ins_code_3             ? 
_pdbx_validate_rmsd_angle.label_alt_id_3             ? 
_pdbx_validate_rmsd_angle.angle_value                115.99 
_pdbx_validate_rmsd_angle.angle_target_value         120.30 
_pdbx_validate_rmsd_angle.angle_deviation            -4.31 
_pdbx_validate_rmsd_angle.angle_standard_deviation   0.50 
_pdbx_validate_rmsd_angle.linker_flag                N 
# 
loop_
_pdbx_validate_torsion.id 
_pdbx_validate_torsion.PDB_model_num 
_pdbx_validate_torsion.auth_comp_id 
_pdbx_validate_torsion.auth_asym_id 
_pdbx_validate_torsion.auth_seq_id 
_pdbx_validate_torsion.PDB_ins_code 
_pdbx_validate_torsion.label_alt_id 
_pdbx_validate_torsion.phi 
_pdbx_validate_torsion.psi 
1 1 ASN A 20 ? ? -93.06 30.33  
2 1 ASN A 74 ? ? 84.85  -10.07 
# 
loop_
_pdbx_unobs_or_zero_occ_residues.id 
_pdbx_unobs_or_zero_occ_residues.PDB_model_num 
_pdbx_unobs_or_zero_occ_residues.polymer_flag 
_pdbx_unobs_or_zero_occ_residues.occupancy_flag 
_pdbx_unobs_or_zero_occ_residues.auth_asym_id 
_pdbx_unobs_or_zero_occ_residues.auth_comp_id 
_pdbx_unobs_or_zero_occ_residues.auth_seq_id 
_pdbx_unobs_or_zero_occ_residues.PDB_ins_code 
_pdbx_unobs_or_zero_occ_residues.label_asym_id 
_pdbx_unobs_or_zero_occ_residues.label_comp_id 
_pdbx_unobs_or_zero_occ_residues.label_seq_id 
1  1 Y 1 A GLY -2 ? A GLY 1  
2  1 Y 1 A SER -1 ? A SER 2  
3  1 Y 1 A HIS 0  ? A HIS 3  
4  1 Y 1 A THR 35 ? A THR 38 
5  1 Y 1 A GLY 36 ? A GLY 39 
6  1 Y 1 A ASN 37 ? A ASN 40 
7  1 Y 1 B ASP 57 ? B ASP 25 
8  1 Y 1 B PRO 58 ? B PRO 26 
9  1 Y 1 B GLY 59 ? B GLY 27 
10 1 Y 1 B PRO 60 ? B PRO 28 
# 
loop_
_chem_comp_atom.comp_id 
_chem_comp_atom.atom_id 
_chem_comp_atom.type_symbol 
_chem_comp_atom.pdbx_aromatic_flag 
_chem_comp_atom.pdbx_stereo_config 
_chem_comp_atom.pdbx_ordinal 
ALA N    N N N 1   
ALA CA   C N S 2   
ALA C    C N N 3   
ALA O    O N N 4   
ALA CB   C N N 5   
ALA OXT  O N N 6   
ALA H    H N N 7   
ALA H2   H N N 8   
ALA HA   H N N 9   
ALA HB1  H N N 10  
ALA HB2  H N N 11  
ALA HB3  H N N 12  
ALA HXT  H N N 13  
ARG N    N N N 14  
ARG CA   C N S 15  
ARG C    C N N 16  
ARG O    O N N 17  
ARG CB   C N N 18  
ARG CG   C N N 19  
ARG CD   C N N 20  
ARG NE   N N N 21  
ARG CZ   C N N 22  
ARG NH1  N N N 23  
ARG NH2  N N N 24  
ARG OXT  O N N 25  
ARG H    H N N 26  
ARG H2   H N N 27  
ARG HA   H N N 28  
ARG HB2  H N N 29  
ARG HB3  H N N 30  
ARG HG2  H N N 31  
ARG HG3  H N N 32  
ARG HD2  H N N 33  
ARG HD3  H N N 34  
ARG HE   H N N 35  
ARG HH11 H N N 36  
ARG HH12 H N N 37  
ARG HH21 H N N 38  
ARG HH22 H N N 39  
ARG HXT  H N N 40  
ASN N    N N N 41  
ASN CA   C N S 42  
ASN C    C N N 43  
ASN O    O N N 44  
ASN CB   C N N 45  
ASN CG   C N N 46  
ASN OD1  O N N 47  
ASN ND2  N N N 48  
ASN OXT  O N N 49  
ASN H    H N N 50  
ASN H2   H N N 51  
ASN HA   H N N 52  
ASN HB2  H N N 53  
ASN HB3  H N N 54  
ASN HD21 H N N 55  
ASN HD22 H N N 56  
ASN HXT  H N N 57  
ASP N    N N N 58  
ASP CA   C N S 59  
ASP C    C N N 60  
ASP O    O N N 61  
ASP CB   C N N 62  
ASP CG   C N N 63  
ASP OD1  O N N 64  
ASP OD2  O N N 65  
ASP OXT  O N N 66  
ASP H    H N N 67  
ASP H2   H N N 68  
ASP HA   H N N 69  
ASP HB2  H N N 70  
ASP HB3  H N N 71  
ASP HD2  H N N 72  
ASP HXT  H N N 73  
CYS N    N N N 74  
CYS CA   C N R 75  
CYS C    C N N 76  
CYS O    O N N 77  
CYS CB   C N N 78  
CYS SG   S N N 79  
CYS OXT  O N N 80  
CYS H    H N N 81  
CYS H2   H N N 82  
CYS HA   H N N 83  
CYS HB2  H N N 84  
CYS HB3  H N N 85  
CYS HG   H N N 86  
CYS HXT  H N N 87  
GLN N    N N N 88  
GLN CA   C N S 89  
GLN C    C N N 90  
GLN O    O N N 91  
GLN CB   C N N 92  
GLN CG   C N N 93  
GLN CD   C N N 94  
GLN OE1  O N N 95  
GLN NE2  N N N 96  
GLN OXT  O N N 97  
GLN H    H N N 98  
GLN H2   H N N 99  
GLN HA   H N N 100 
GLN HB2  H N N 101 
GLN HB3  H N N 102 
GLN HG2  H N N 103 
GLN HG3  H N N 104 
GLN HE21 H N N 105 
GLN HE22 H N N 106 
GLN HXT  H N N 107 
GLU N    N N N 108 
GLU CA   C N S 109 
GLU C    C N N 110 
GLU O    O N N 111 
GLU CB   C N N 112 
GLU CG   C N N 113 
GLU CD   C N N 114 
GLU OE1  O N N 115 
GLU OE2  O N N 116 
GLU OXT  O N N 117 
GLU H    H N N 118 
GLU H2   H N N 119 
GLU HA   H N N 120 
GLU HB2  H N N 121 
GLU HB3  H N N 122 
GLU HG2  H N N 123 
GLU HG3  H N N 124 
GLU HE2  H N N 125 
GLU HXT  H N N 126 
GLY N    N N N 127 
GLY CA   C N N 128 
GLY C    C N N 129 
GLY O    O N N 130 
GLY OXT  O N N 131 
GLY H    H N N 132 
GLY H2   H N N 133 
GLY HA2  H N N 134 
GLY HA3  H N N 135 
GLY HXT  H N N 136 
HIS N    N N N 137 
HIS CA   C N S 138 
HIS C    C N N 139 
HIS O    O N N 140 
HIS CB   C N N 141 
HIS CG   C Y N 142 
HIS ND1  N Y N 143 
HIS CD2  C Y N 144 
HIS CE1  C Y N 145 
HIS NE2  N Y N 146 
HIS OXT  O N N 147 
HIS H    H N N 148 
HIS H2   H N N 149 
HIS HA   H N N 150 
HIS HB2  H N N 151 
HIS HB3  H N N 152 
HIS HD1  H N N 153 
HIS HD2  H N N 154 
HIS HE1  H N N 155 
HIS HE2  H N N 156 
HIS HXT  H N N 157 
HOH O    O N N 158 
HOH H1   H N N 159 
HOH H2   H N N 160 
ILE N    N N N 161 
ILE CA   C N S 162 
ILE C    C N N 163 
ILE O    O N N 164 
ILE CB   C N S 165 
ILE CG1  C N N 166 
ILE CG2  C N N 167 
ILE CD1  C N N 168 
ILE OXT  O N N 169 
ILE H    H N N 170 
ILE H2   H N N 171 
ILE HA   H N N 172 
ILE HB   H N N 173 
ILE HG12 H N N 174 
ILE HG13 H N N 175 
ILE HG21 H N N 176 
ILE HG22 H N N 177 
ILE HG23 H N N 178 
ILE HD11 H N N 179 
ILE HD12 H N N 180 
ILE HD13 H N N 181 
ILE HXT  H N N 182 
LEU N    N N N 183 
LEU CA   C N S 184 
LEU C    C N N 185 
LEU O    O N N 186 
LEU CB   C N N 187 
LEU CG   C N N 188 
LEU CD1  C N N 189 
LEU CD2  C N N 190 
LEU OXT  O N N 191 
LEU H    H N N 192 
LEU H2   H N N 193 
LEU HA   H N N 194 
LEU HB2  H N N 195 
LEU HB3  H N N 196 
LEU HG   H N N 197 
LEU HD11 H N N 198 
LEU HD12 H N N 199 
LEU HD13 H N N 200 
LEU HD21 H N N 201 
LEU HD22 H N N 202 
LEU HD23 H N N 203 
LEU HXT  H N N 204 
LYS N    N N N 205 
LYS CA   C N S 206 
LYS C    C N N 207 
LYS O    O N N 208 
LYS CB   C N N 209 
LYS CG   C N N 210 
LYS CD   C N N 211 
LYS CE   C N N 212 
LYS NZ   N N N 213 
LYS OXT  O N N 214 
LYS H    H N N 215 
LYS H2   H N N 216 
LYS HA   H N N 217 
LYS HB2  H N N 218 
LYS HB3  H N N 219 
LYS HG2  H N N 220 
LYS HG3  H N N 221 
LYS HD2  H N N 222 
LYS HD3  H N N 223 
LYS HE2  H N N 224 
LYS HE3  H N N 225 
LYS HZ1  H N N 226 
LYS HZ2  H N N 227 
LYS HZ3  H N N 228 
LYS HXT  H N N 229 
MET N    N N N 230 
MET CA   C N S 231 
MET C    C N N 232 
MET O    O N N 233 
MET CB   C N N 234 
MET CG   C N N 235 
MET SD   S N N 236 
MET CE   C N N 237 
MET OXT  O N N 238 
MET H    H N N 239 
MET H2   H N N 240 
MET HA   H N N 241 
MET HB2  H N N 242 
MET HB3  H N N 243 
MET HG2  H N N 244 
MET HG3  H N N 245 
MET HE1  H N N 246 
MET HE2  H N N 247 
MET HE3  H N N 248 
MET HXT  H N N 249 
PHE N    N N N 250 
PHE CA   C N S 251 
PHE C    C N N 252 
PHE O    O N N 253 
PHE CB   C N N 254 
PHE CG   C Y N 255 
PHE CD1  C Y N 256 
PHE CD2  C Y N 257 
PHE CE1  C Y N 258 
PHE CE2  C Y N 259 
PHE CZ   C Y N 260 
PHE OXT  O N N 261 
PHE H    H N N 262 
PHE H2   H N N 263 
PHE HA   H N N 264 
PHE HB2  H N N 265 
PHE HB3  H N N 266 
PHE HD1  H N N 267 
PHE HD2  H N N 268 
PHE HE1  H N N 269 
PHE HE2  H N N 270 
PHE HZ   H N N 271 
PHE HXT  H N N 272 
PRO N    N N N 273 
PRO CA   C N S 274 
PRO C    C N N 275 
PRO O    O N N 276 
PRO CB   C N N 277 
PRO CG   C N N 278 
PRO CD   C N N 279 
PRO OXT  O N N 280 
PRO H    H N N 281 
PRO HA   H N N 282 
PRO HB2  H N N 283 
PRO HB3  H N N 284 
PRO HG2  H N N 285 
PRO HG3  H N N 286 
PRO HD2  H N N 287 
PRO HD3  H N N 288 
PRO HXT  H N N 289 
SER N    N N N 290 
SER CA   C N S 291 
SER C    C N N 292 
SER O    O N N 293 
SER CB   C N N 294 
SER OG   O N N 295 
SER OXT  O N N 296 
SER H    H N N 297 
SER H2   H N N 298 
SER HA   H N N 299 
SER HB2  H N N 300 
SER HB3  H N N 301 
SER HG   H N N 302 
SER HXT  H N N 303 
THR N    N N N 304 
THR CA   C N S 305 
THR C    C N N 306 
THR O    O N N 307 
THR CB   C N R 308 
THR OG1  O N N 309 
THR CG2  C N N 310 
THR OXT  O N N 311 
THR H    H N N 312 
THR H2   H N N 313 
THR HA   H N N 314 
THR HB   H N N 315 
THR HG1  H N N 316 
THR HG21 H N N 317 
THR HG22 H N N 318 
THR HG23 H N N 319 
THR HXT  H N N 320 
TRP N    N N N 321 
TRP CA   C N S 322 
TRP C    C N N 323 
TRP O    O N N 324 
TRP CB   C N N 325 
TRP CG   C Y N 326 
TRP CD1  C Y N 327 
TRP CD2  C Y N 328 
TRP NE1  N Y N 329 
TRP CE2  C Y N 330 
TRP CE3  C Y N 331 
TRP CZ2  C Y N 332 
TRP CZ3  C Y N 333 
TRP CH2  C Y N 334 
TRP OXT  O N N 335 
TRP H    H N N 336 
TRP H2   H N N 337 
TRP HA   H N N 338 
TRP HB2  H N N 339 
TRP HB3  H N N 340 
TRP HD1  H N N 341 
TRP HE1  H N N 342 
TRP HE3  H N N 343 
TRP HZ2  H N N 344 
TRP HZ3  H N N 345 
TRP HH2  H N N 346 
TRP HXT  H N N 347 
TYR N    N N N 348 
TYR CA   C N S 349 
TYR C    C N N 350 
TYR O    O N N 351 
TYR CB   C N N 352 
TYR CG   C Y N 353 
TYR CD1  C Y N 354 
TYR CD2  C Y N 355 
TYR CE1  C Y N 356 
TYR CE2  C Y N 357 
TYR CZ   C Y N 358 
TYR OH   O N N 359 
TYR OXT  O N N 360 
TYR H    H N N 361 
TYR H2   H N N 362 
TYR HA   H N N 363 
TYR HB2  H N N 364 
TYR HB3  H N N 365 
TYR HD1  H N N 366 
TYR HD2  H N N 367 
TYR HE1  H N N 368 
TYR HE2  H N N 369 
TYR HH   H N N 370 
TYR HXT  H N N 371 
VAL N    N N N 372 
VAL CA   C N S 373 
VAL C    C N N 374 
VAL O    O N N 375 
VAL CB   C N N 376 
VAL CG1  C N N 377 
VAL CG2  C N N 378 
VAL OXT  O N N 379 
VAL H    H N N 380 
VAL H2   H N N 381 
VAL HA   H N N 382 
VAL HB   H N N 383 
VAL HG11 H N N 384 
VAL HG12 H N N 385 
VAL HG13 H N N 386 
VAL HG21 H N N 387 
VAL HG22 H N N 388 
VAL HG23 H N N 389 
VAL HXT  H N N 390 
# 
loop_
_chem_comp_bond.comp_id 
_chem_comp_bond.atom_id_1 
_chem_comp_bond.atom_id_2 
_chem_comp_bond.value_order 
_chem_comp_bond.pdbx_aromatic_flag 
_chem_comp_bond.pdbx_stereo_config 
_chem_comp_bond.pdbx_ordinal 
ALA N   CA   sing N N 1   
ALA N   H    sing N N 2   
ALA N   H2   sing N N 3   
ALA CA  C    sing N N 4   
ALA CA  CB   sing N N 5   
ALA CA  HA   sing N N 6   
ALA C   O    doub N N 7   
ALA C   OXT  sing N N 8   
ALA CB  HB1  sing N N 9   
ALA CB  HB2  sing N N 10  
ALA CB  HB3  sing N N 11  
ALA OXT HXT  sing N N 12  
ARG N   CA   sing N N 13  
ARG N   H    sing N N 14  
ARG N   H2   sing N N 15  
ARG CA  C    sing N N 16  
ARG CA  CB   sing N N 17  
ARG CA  HA   sing N N 18  
ARG C   O    doub N N 19  
ARG C   OXT  sing N N 20  
ARG CB  CG   sing N N 21  
ARG CB  HB2  sing N N 22  
ARG CB  HB3  sing N N 23  
ARG CG  CD   sing N N 24  
ARG CG  HG2  sing N N 25  
ARG CG  HG3  sing N N 26  
ARG CD  NE   sing N N 27  
ARG CD  HD2  sing N N 28  
ARG CD  HD3  sing N N 29  
ARG NE  CZ   sing N N 30  
ARG NE  HE   sing N N 31  
ARG CZ  NH1  sing N N 32  
ARG CZ  NH2  doub N N 33  
ARG NH1 HH11 sing N N 34  
ARG NH1 HH12 sing N N 35  
ARG NH2 HH21 sing N N 36  
ARG NH2 HH22 sing N N 37  
ARG OXT HXT  sing N N 38  
ASN N   CA   sing N N 39  
ASN N   H    sing N N 40  
ASN N   H2   sing N N 41  
ASN CA  C    sing N N 42  
ASN CA  CB   sing N N 43  
ASN CA  HA   sing N N 44  
ASN C   O    doub N N 45  
ASN C   OXT  sing N N 46  
ASN CB  CG   sing N N 47  
ASN CB  HB2  sing N N 48  
ASN CB  HB3  sing N N 49  
ASN CG  OD1  doub N N 50  
ASN CG  ND2  sing N N 51  
ASN ND2 HD21 sing N N 52  
ASN ND2 HD22 sing N N 53  
ASN OXT HXT  sing N N 54  
ASP N   CA   sing N N 55  
ASP N   H    sing N N 56  
ASP N   H2   sing N N 57  
ASP CA  C    sing N N 58  
ASP CA  CB   sing N N 59  
ASP CA  HA   sing N N 60  
ASP C   O    doub N N 61  
ASP C   OXT  sing N N 62  
ASP CB  CG   sing N N 63  
ASP CB  HB2  sing N N 64  
ASP CB  HB3  sing N N 65  
ASP CG  OD1  doub N N 66  
ASP CG  OD2  sing N N 67  
ASP OD2 HD2  sing N N 68  
ASP OXT HXT  sing N N 69  
CYS N   CA   sing N N 70  
CYS N   H    sing N N 71  
CYS N   H2   sing N N 72  
CYS CA  C    sing N N 73  
CYS CA  CB   sing N N 74  
CYS CA  HA   sing N N 75  
CYS C   O    doub N N 76  
CYS C   OXT  sing N N 77  
CYS CB  SG   sing N N 78  
CYS CB  HB2  sing N N 79  
CYS CB  HB3  sing N N 80  
CYS SG  HG   sing N N 81  
CYS OXT HXT  sing N N 82  
GLN N   CA   sing N N 83  
GLN N   H    sing N N 84  
GLN N   H2   sing N N 85  
GLN CA  C    sing N N 86  
GLN CA  CB   sing N N 87  
GLN CA  HA   sing N N 88  
GLN C   O    doub N N 89  
GLN C   OXT  sing N N 90  
GLN CB  CG   sing N N 91  
GLN CB  HB2  sing N N 92  
GLN CB  HB3  sing N N 93  
GLN CG  CD   sing N N 94  
GLN CG  HG2  sing N N 95  
GLN CG  HG3  sing N N 96  
GLN CD  OE1  doub N N 97  
GLN CD  NE2  sing N N 98  
GLN NE2 HE21 sing N N 99  
GLN NE2 HE22 sing N N 100 
GLN OXT HXT  sing N N 101 
GLU N   CA   sing N N 102 
GLU N   H    sing N N 103 
GLU N   H2   sing N N 104 
GLU CA  C    sing N N 105 
GLU CA  CB   sing N N 106 
GLU CA  HA   sing N N 107 
GLU C   O    doub N N 108 
GLU C   OXT  sing N N 109 
GLU CB  CG   sing N N 110 
GLU CB  HB2  sing N N 111 
GLU CB  HB3  sing N N 112 
GLU CG  CD   sing N N 113 
GLU CG  HG2  sing N N 114 
GLU CG  HG3  sing N N 115 
GLU CD  OE1  doub N N 116 
GLU CD  OE2  sing N N 117 
GLU OE2 HE2  sing N N 118 
GLU OXT HXT  sing N N 119 
GLY N   CA   sing N N 120 
GLY N   H    sing N N 121 
GLY N   H2   sing N N 122 
GLY CA  C    sing N N 123 
GLY CA  HA2  sing N N 124 
GLY CA  HA3  sing N N 125 
GLY C   O    doub N N 126 
GLY C   OXT  sing N N 127 
GLY OXT HXT  sing N N 128 
HIS N   CA   sing N N 129 
HIS N   H    sing N N 130 
HIS N   H2   sing N N 131 
HIS CA  C    sing N N 132 
HIS CA  CB   sing N N 133 
HIS CA  HA   sing N N 134 
HIS C   O    doub N N 135 
HIS C   OXT  sing N N 136 
HIS CB  CG   sing N N 137 
HIS CB  HB2  sing N N 138 
HIS CB  HB3  sing N N 139 
HIS CG  ND1  sing Y N 140 
HIS CG  CD2  doub Y N 141 
HIS ND1 CE1  doub Y N 142 
HIS ND1 HD1  sing N N 143 
HIS CD2 NE2  sing Y N 144 
HIS CD2 HD2  sing N N 145 
HIS CE1 NE2  sing Y N 146 
HIS CE1 HE1  sing N N 147 
HIS NE2 HE2  sing N N 148 
HIS OXT HXT  sing N N 149 
HOH O   H1   sing N N 150 
HOH O   H2   sing N N 151 
ILE N   CA   sing N N 152 
ILE N   H    sing N N 153 
ILE N   H2   sing N N 154 
ILE CA  C    sing N N 155 
ILE CA  CB   sing N N 156 
ILE CA  HA   sing N N 157 
ILE C   O    doub N N 158 
ILE C   OXT  sing N N 159 
ILE CB  CG1  sing N N 160 
ILE CB  CG2  sing N N 161 
ILE CB  HB   sing N N 162 
ILE CG1 CD1  sing N N 163 
ILE CG1 HG12 sing N N 164 
ILE CG1 HG13 sing N N 165 
ILE CG2 HG21 sing N N 166 
ILE CG2 HG22 sing N N 167 
ILE CG2 HG23 sing N N 168 
ILE CD1 HD11 sing N N 169 
ILE CD1 HD12 sing N N 170 
ILE CD1 HD13 sing N N 171 
ILE OXT HXT  sing N N 172 
LEU N   CA   sing N N 173 
LEU N   H    sing N N 174 
LEU N   H2   sing N N 175 
LEU CA  C    sing N N 176 
LEU CA  CB   sing N N 177 
LEU CA  HA   sing N N 178 
LEU C   O    doub N N 179 
LEU C   OXT  sing N N 180 
LEU CB  CG   sing N N 181 
LEU CB  HB2  sing N N 182 
LEU CB  HB3  sing N N 183 
LEU CG  CD1  sing N N 184 
LEU CG  CD2  sing N N 185 
LEU CG  HG   sing N N 186 
LEU CD1 HD11 sing N N 187 
LEU CD1 HD12 sing N N 188 
LEU CD1 HD13 sing N N 189 
LEU CD2 HD21 sing N N 190 
LEU CD2 HD22 sing N N 191 
LEU CD2 HD23 sing N N 192 
LEU OXT HXT  sing N N 193 
LYS N   CA   sing N N 194 
LYS N   H    sing N N 195 
LYS N   H2   sing N N 196 
LYS CA  C    sing N N 197 
LYS CA  CB   sing N N 198 
LYS CA  HA   sing N N 199 
LYS C   O    doub N N 200 
LYS C   OXT  sing N N 201 
LYS CB  CG   sing N N 202 
LYS CB  HB2  sing N N 203 
LYS CB  HB3  sing N N 204 
LYS CG  CD   sing N N 205 
LYS CG  HG2  sing N N 206 
LYS CG  HG3  sing N N 207 
LYS CD  CE   sing N N 208 
LYS CD  HD2  sing N N 209 
LYS CD  HD3  sing N N 210 
LYS CE  NZ   sing N N 211 
LYS CE  HE2  sing N N 212 
LYS CE  HE3  sing N N 213 
LYS NZ  HZ1  sing N N 214 
LYS NZ  HZ2  sing N N 215 
LYS NZ  HZ3  sing N N 216 
LYS OXT HXT  sing N N 217 
MET N   CA   sing N N 218 
MET N   H    sing N N 219 
MET N   H2   sing N N 220 
MET CA  C    sing N N 221 
MET CA  CB   sing N N 222 
MET CA  HA   sing N N 223 
MET C   O    doub N N 224 
MET C   OXT  sing N N 225 
MET CB  CG   sing N N 226 
MET CB  HB2  sing N N 227 
MET CB  HB3  sing N N 228 
MET CG  SD   sing N N 229 
MET CG  HG2  sing N N 230 
MET CG  HG3  sing N N 231 
MET SD  CE   sing N N 232 
MET CE  HE1  sing N N 233 
MET CE  HE2  sing N N 234 
MET CE  HE3  sing N N 235 
MET OXT HXT  sing N N 236 
PHE N   CA   sing N N 237 
PHE N   H    sing N N 238 
PHE N   H2   sing N N 239 
PHE CA  C    sing N N 240 
PHE CA  CB   sing N N 241 
PHE CA  HA   sing N N 242 
PHE C   O    doub N N 243 
PHE C   OXT  sing N N 244 
PHE CB  CG   sing N N 245 
PHE CB  HB2  sing N N 246 
PHE CB  HB3  sing N N 247 
PHE CG  CD1  doub Y N 248 
PHE CG  CD2  sing Y N 249 
PHE CD1 CE1  sing Y N 250 
PHE CD1 HD1  sing N N 251 
PHE CD2 CE2  doub Y N 252 
PHE CD2 HD2  sing N N 253 
PHE CE1 CZ   doub Y N 254 
PHE CE1 HE1  sing N N 255 
PHE CE2 CZ   sing Y N 256 
PHE CE2 HE2  sing N N 257 
PHE CZ  HZ   sing N N 258 
PHE OXT HXT  sing N N 259 
PRO N   CA   sing N N 260 
PRO N   CD   sing N N 261 
PRO N   H    sing N N 262 
PRO CA  C    sing N N 263 
PRO CA  CB   sing N N 264 
PRO CA  HA   sing N N 265 
PRO C   O    doub N N 266 
PRO C   OXT  sing N N 267 
PRO CB  CG   sing N N 268 
PRO CB  HB2  sing N N 269 
PRO CB  HB3  sing N N 270 
PRO CG  CD   sing N N 271 
PRO CG  HG2  sing N N 272 
PRO CG  HG3  sing N N 273 
PRO CD  HD2  sing N N 274 
PRO CD  HD3  sing N N 275 
PRO OXT HXT  sing N N 276 
SER N   CA   sing N N 277 
SER N   H    sing N N 278 
SER N   H2   sing N N 279 
SER CA  C    sing N N 280 
SER CA  CB   sing N N 281 
SER CA  HA   sing N N 282 
SER C   O    doub N N 283 
SER C   OXT  sing N N 284 
SER CB  OG   sing N N 285 
SER CB  HB2  sing N N 286 
SER CB  HB3  sing N N 287 
SER OG  HG   sing N N 288 
SER OXT HXT  sing N N 289 
THR N   CA   sing N N 290 
THR N   H    sing N N 291 
THR N   H2   sing N N 292 
THR CA  C    sing N N 293 
THR CA  CB   sing N N 294 
THR CA  HA   sing N N 295 
THR C   O    doub N N 296 
THR C   OXT  sing N N 297 
THR CB  OG1  sing N N 298 
THR CB  CG2  sing N N 299 
THR CB  HB   sing N N 300 
THR OG1 HG1  sing N N 301 
THR CG2 HG21 sing N N 302 
THR CG2 HG22 sing N N 303 
THR CG2 HG23 sing N N 304 
THR OXT HXT  sing N N 305 
TRP N   CA   sing N N 306 
TRP N   H    sing N N 307 
TRP N   H2   sing N N 308 
TRP CA  C    sing N N 309 
TRP CA  CB   sing N N 310 
TRP CA  HA   sing N N 311 
TRP C   O    doub N N 312 
TRP C   OXT  sing N N 313 
TRP CB  CG   sing N N 314 
TRP CB  HB2  sing N N 315 
TRP CB  HB3  sing N N 316 
TRP CG  CD1  doub Y N 317 
TRP CG  CD2  sing Y N 318 
TRP CD1 NE1  sing Y N 319 
TRP CD1 HD1  sing N N 320 
TRP CD2 CE2  doub Y N 321 
TRP CD2 CE3  sing Y N 322 
TRP NE1 CE2  sing Y N 323 
TRP NE1 HE1  sing N N 324 
TRP CE2 CZ2  sing Y N 325 
TRP CE3 CZ3  doub Y N 326 
TRP CE3 HE3  sing N N 327 
TRP CZ2 CH2  doub Y N 328 
TRP CZ2 HZ2  sing N N 329 
TRP CZ3 CH2  sing Y N 330 
TRP CZ3 HZ3  sing N N 331 
TRP CH2 HH2  sing N N 332 
TRP OXT HXT  sing N N 333 
TYR N   CA   sing N N 334 
TYR N   H    sing N N 335 
TYR N   H2   sing N N 336 
TYR CA  C    sing N N 337 
TYR CA  CB   sing N N 338 
TYR CA  HA   sing N N 339 
TYR C   O    doub N N 340 
TYR C   OXT  sing N N 341 
TYR CB  CG   sing N N 342 
TYR CB  HB2  sing N N 343 
TYR CB  HB3  sing N N 344 
TYR CG  CD1  doub Y N 345 
TYR CG  CD2  sing Y N 346 
TYR CD1 CE1  sing Y N 347 
TYR CD1 HD1  sing N N 348 
TYR CD2 CE2  doub Y N 349 
TYR CD2 HD2  sing N N 350 
TYR CE1 CZ   doub Y N 351 
TYR CE1 HE1  sing N N 352 
TYR CE2 CZ   sing Y N 353 
TYR CE2 HE2  sing N N 354 
TYR CZ  OH   sing N N 355 
TYR OH  HH   sing N N 356 
TYR OXT HXT  sing N N 357 
VAL N   CA   sing N N 358 
VAL N   H    sing N N 359 
VAL N   H2   sing N N 360 
VAL CA  C    sing N N 361 
VAL CA  CB   sing N N 362 
VAL CA  HA   sing N N 363 
VAL C   O    doub N N 364 
VAL C   OXT  sing N N 365 
VAL CB  CG1  sing N N 366 
VAL CB  CG2  sing N N 367 
VAL CB  HB   sing N N 368 
VAL CG1 HG11 sing N N 369 
VAL CG1 HG12 sing N N 370 
VAL CG1 HG13 sing N N 371 
VAL CG2 HG21 sing N N 372 
VAL CG2 HG22 sing N N 373 
VAL CG2 HG23 sing N N 374 
VAL OXT HXT  sing N N 375 
# 
_pdbx_entity_nonpoly.entity_id   3 
_pdbx_entity_nonpoly.name        water 
_pdbx_entity_nonpoly.comp_id     HOH 
# 
_pdbx_initial_refinement_model.id               1 
_pdbx_initial_refinement_model.entity_id_list   ? 
_pdbx_initial_refinement_model.type             'experimental model' 
_pdbx_initial_refinement_model.source_name      PDB 
_pdbx_initial_refinement_model.accession_code   2B29 
_pdbx_initial_refinement_model.details          ? 
# 
